data_2PUT
#
_entry.id   2PUT
#
_cell.length_a   66.028
_cell.length_b   118.188
_cell.length_c   100.032
_cell.angle_alpha   90.00
_cell.angle_beta   91.78
_cell.angle_gamma   90.00
#
_symmetry.space_group_name_H-M   'P 1 21 1'
#
loop_
_entity.id
_entity.type
_entity.pdbx_description
1 polymer 'isomerase domain of glutamine-fructose-6-phosphate transaminase (isomerizing)'
2 non-polymer 'ACETATE ION'
3 non-polymer 'SODIUM ION'
4 non-polymer URIDINE-DIPHOSPHATE-N-ACETYLGLUCOSAMINE
5 non-polymer 'FRUCTOSE -6-PHOSPHATE'
6 water water
#
_entity_poly.entity_id   1
_entity_poly.type   'polypeptide(L)'
_entity_poly.pdbx_seq_one_letter_code
;MKGPYKHFMQKEIFEQPDSAFNTMRGRIDFENCVVTLGGLKSWLSTIRRCRRIIMIACGTSYHSCLATRSIFEELTEIPV
SVELASDFLDRRSPVFRDDTCVFVSQSGETADSILALQYCLERGALTVGIVNSVGSSMSRQTHCGVHINAGPEIGVASTK
AYTSQYIALVMFALSLSNDSISRKGRHEEIIKGLQKIPEQIKQVLKLENKIKDLCNSSLNDQKSLLLLGRGYQFATALEG
ALKIKEISYMHSEGVLAGELKHGILALVDEDLPIIAFATRDSLFPKVMSAIEQVTARDGRPIVICNEGDAIISNDKVHTT
LEVPETVDCLQGLLNVIPLQLISYWLAVNRGIDVDFPRNLAKSVTVE
;
_entity_poly.pdbx_strand_id   A,B,C,D
#
# COMPACT_ATOMS: atom_id res chain seq x y z
N PRO A 4 38.65 21.27 -33.64
CA PRO A 4 39.27 22.35 -32.88
C PRO A 4 39.63 21.95 -31.43
N TYR A 5 38.84 21.05 -30.85
CA TYR A 5 39.03 20.67 -29.45
C TYR A 5 40.29 19.83 -29.21
N LYS A 6 40.95 20.08 -28.07
CA LYS A 6 42.17 19.34 -27.68
C LYS A 6 41.92 17.86 -27.35
N HIS A 7 40.74 17.55 -26.80
CA HIS A 7 40.37 16.21 -26.39
C HIS A 7 38.88 15.97 -26.60
N PHE A 8 38.51 14.69 -26.72
CA PHE A 8 37.11 14.30 -26.78
C PHE A 8 36.36 14.78 -25.55
N MET A 9 36.97 14.65 -24.37
CA MET A 9 36.25 15.04 -23.15
C MET A 9 35.87 16.52 -23.25
N GLN A 10 36.79 17.32 -23.77
CA GLN A 10 36.56 18.75 -23.95
C GLN A 10 35.47 19.02 -24.96
N LYS A 11 35.50 18.29 -26.06
CA LYS A 11 34.43 18.37 -27.06
C LYS A 11 33.04 18.02 -26.46
N GLU A 12 32.99 16.96 -25.66
CA GLU A 12 31.74 16.49 -25.13
C GLU A 12 31.19 17.41 -24.05
N ILE A 13 32.05 18.06 -23.27
CA ILE A 13 31.61 19.15 -22.37
C ILE A 13 30.97 20.27 -23.17
N PHE A 14 31.67 20.68 -24.22
CA PHE A 14 31.22 21.80 -25.03
C PHE A 14 30.00 21.47 -25.91
N GLU A 15 29.77 20.18 -26.13
CA GLU A 15 28.58 19.66 -26.83
C GLU A 15 27.28 19.76 -26.02
N GLN A 16 27.36 20.04 -24.71
CA GLN A 16 26.15 19.94 -23.87
C GLN A 16 24.97 20.84 -24.22
N PRO A 17 25.20 22.06 -24.80
CA PRO A 17 23.99 22.77 -25.24
C PRO A 17 23.21 21.92 -26.22
N ASP A 18 23.92 21.20 -27.08
CA ASP A 18 23.29 20.43 -28.13
C ASP A 18 22.72 19.12 -27.58
N SER A 19 23.44 18.46 -26.68
CA SER A 19 22.91 17.20 -26.13
C SER A 19 21.73 17.45 -25.21
N ALA A 20 21.75 18.56 -24.46
CA ALA A 20 20.61 18.96 -23.63
C ALA A 20 19.35 19.20 -24.52
N PHE A 21 19.56 19.91 -25.64
CA PHE A 21 18.46 20.13 -26.59
C PHE A 21 17.98 18.79 -27.17
N ASN A 22 18.90 17.94 -27.61
CA ASN A 22 18.58 16.65 -28.23
C ASN A 22 17.81 15.70 -27.31
N THR A 23 18.19 15.71 -26.04
CA THR A 23 17.45 14.94 -25.04
C THR A 23 15.96 15.36 -24.95
N MET A 24 15.68 16.67 -25.05
CA MET A 24 14.31 17.21 -25.00
C MET A 24 13.52 17.18 -26.29
N ARG A 25 14.25 16.97 -27.37
CA ARG A 25 13.71 17.17 -28.73
C ARG A 25 12.56 16.20 -29.03
N GLY A 26 11.43 16.74 -29.43
CA GLY A 26 10.25 15.95 -29.75
C GLY A 26 9.47 15.52 -28.50
N ARG A 27 9.88 15.96 -27.30
CA ARG A 27 9.35 15.44 -26.04
C ARG A 27 8.72 16.51 -25.19
N ILE A 28 9.06 17.77 -25.45
CA ILE A 28 8.49 18.82 -24.67
C ILE A 28 7.87 19.86 -25.59
N ASP A 29 6.61 20.14 -25.36
CA ASP A 29 5.92 21.23 -26.02
C ASP A 29 6.07 22.42 -25.09
N PHE A 30 6.89 23.40 -25.44
CA PHE A 30 7.18 24.47 -24.49
C PHE A 30 6.10 25.57 -24.36
N GLU A 31 5.36 25.81 -25.43
CA GLU A 31 4.20 26.75 -25.33
C GLU A 31 3.04 26.15 -24.55
N ASN A 32 2.72 24.89 -24.79
CA ASN A 32 1.62 24.28 -24.08
C ASN A 32 2.05 23.62 -22.77
N CYS A 33 3.37 23.57 -22.52
CA CYS A 33 3.96 22.95 -21.32
C CYS A 33 3.51 21.51 -21.19
N VAL A 34 3.78 20.72 -22.23
CA VAL A 34 3.41 19.30 -22.20
C VAL A 34 4.65 18.44 -22.43
N VAL A 35 4.85 17.46 -21.56
CA VAL A 35 5.93 16.49 -21.77
C VAL A 35 5.37 15.18 -22.28
N THR A 36 5.94 14.66 -23.35
CA THR A 36 5.52 13.37 -23.87
C THR A 36 6.68 12.46 -24.12
N LEU A 37 6.76 11.41 -23.32
CA LEU A 37 7.83 10.46 -23.44
C LEU A 37 7.26 9.17 -24.05
N GLY A 38 7.56 8.93 -25.33
CA GLY A 38 6.85 7.90 -26.09
C GLY A 38 7.07 6.50 -25.52
N GLY A 39 8.30 6.24 -25.05
CA GLY A 39 8.64 5.00 -24.35
C GLY A 39 7.81 4.64 -23.13
N LEU A 40 7.28 5.66 -22.45
CA LEU A 40 6.62 5.44 -21.16
C LEU A 40 5.13 5.59 -21.26
N LYS A 41 4.70 6.16 -22.39
CA LYS A 41 3.32 6.58 -22.63
C LYS A 41 2.32 5.67 -21.90
N SER A 42 2.33 4.40 -22.27
CA SER A 42 1.31 3.49 -21.83
C SER A 42 1.56 2.85 -20.47
N TRP A 43 2.64 3.26 -19.81
CA TRP A 43 3.07 2.60 -18.61
C TRP A 43 2.94 3.49 -17.39
N LEU A 44 2.67 4.78 -17.63
CA LEU A 44 2.71 5.80 -16.57
C LEU A 44 1.71 5.52 -15.50
N SER A 45 0.49 5.14 -15.91
CA SER A 45 -0.57 4.92 -14.96
C SER A 45 -0.19 3.79 -14.02
N THR A 46 0.50 2.78 -14.53
CA THR A 46 0.99 1.69 -13.70
C THR A 46 2.13 2.16 -12.74
N ILE A 47 3.13 2.84 -13.30
CA ILE A 47 4.20 3.42 -12.44
C ILE A 47 3.68 4.27 -11.29
N ARG A 48 2.66 5.08 -11.52
CA ARG A 48 2.10 5.88 -10.43
C ARG A 48 1.53 5.06 -9.27
N ARG A 49 1.14 3.82 -9.58
CA ARG A 49 0.39 2.97 -8.64
C ARG A 49 1.23 2.37 -7.53
N CYS A 50 2.55 2.32 -7.71
CA CYS A 50 3.46 1.45 -6.96
C CYS A 50 3.65 1.86 -5.50
N ARG A 51 4.20 0.96 -4.71
CA ARG A 51 4.50 1.23 -3.30
C ARG A 51 5.62 2.29 -3.22
N ARG A 52 6.65 2.14 -4.03
CA ARG A 52 7.79 3.07 -4.01
C ARG A 52 8.60 2.91 -5.27
N ILE A 53 9.46 3.89 -5.53
CA ILE A 53 10.39 3.90 -6.66
C ILE A 53 11.79 3.72 -6.07
N ILE A 54 12.57 2.84 -6.70
CA ILE A 54 13.94 2.67 -6.32
C ILE A 54 14.77 3.01 -7.55
N MET A 55 15.65 4.01 -7.43
CA MET A 55 16.51 4.36 -8.56
C MET A 55 17.82 3.65 -8.31
N ILE A 56 18.37 2.94 -9.30
CA ILE A 56 19.52 2.11 -9.12
C ILE A 56 20.56 2.40 -10.23
N ALA A 57 21.82 2.62 -9.86
CA ALA A 57 22.78 3.10 -10.83
C ALA A 57 24.17 3.02 -10.20
N CYS A 58 25.18 3.24 -11.04
CA CYS A 58 26.57 3.27 -10.65
C CYS A 58 27.16 4.62 -11.03
N GLY A 59 28.19 5.04 -10.27
CA GLY A 59 29.06 6.15 -10.63
C GLY A 59 28.27 7.41 -10.91
N THR A 60 28.62 8.06 -12.02
CA THR A 60 28.01 9.34 -12.36
C THR A 60 26.50 9.13 -12.54
N SER A 61 26.06 7.94 -12.98
CA SER A 61 24.63 7.73 -13.20
C SER A 61 23.90 7.71 -11.86
N TYR A 62 24.55 7.14 -10.83
CA TYR A 62 24.06 7.22 -9.43
C TYR A 62 23.94 8.69 -9.00
N HIS A 63 24.90 9.53 -9.40
CA HIS A 63 24.78 10.95 -9.06
C HIS A 63 23.57 11.62 -9.69
N SER A 64 23.28 11.26 -10.93
CA SER A 64 22.13 11.91 -11.58
C SER A 64 20.83 11.53 -10.88
N CYS A 65 20.79 10.37 -10.22
CA CYS A 65 19.62 9.96 -9.40
C CYS A 65 19.55 10.78 -8.13
N LEU A 66 20.70 10.96 -7.47
CA LEU A 66 20.67 11.82 -6.27
C LEU A 66 20.24 13.24 -6.62
N ALA A 67 20.71 13.72 -7.77
CA ALA A 67 20.43 15.10 -8.30
C ALA A 67 18.97 15.37 -8.58
N THR A 68 18.20 14.30 -8.80
CA THR A 68 16.80 14.46 -9.16
C THR A 68 15.85 13.73 -8.18
N ARG A 69 16.38 13.10 -7.15
CA ARG A 69 15.53 12.45 -6.15
C ARG A 69 14.44 13.41 -5.60
N SER A 70 14.86 14.61 -5.19
CA SER A 70 13.96 15.55 -4.52
C SER A 70 12.77 15.95 -5.41
N ILE A 71 13.03 16.25 -6.68
CA ILE A 71 11.98 16.62 -7.61
C ILE A 71 10.99 15.48 -7.90
N PHE A 72 11.51 14.24 -8.01
CA PHE A 72 10.62 13.09 -8.07
C PHE A 72 9.72 13.03 -6.86
N GLU A 73 10.30 13.17 -5.67
CA GLU A 73 9.52 13.09 -4.45
C GLU A 73 8.52 14.21 -4.42
N GLU A 74 8.98 15.41 -4.72
CA GLU A 74 8.07 16.56 -4.62
C GLU A 74 6.89 16.45 -5.60
N LEU A 75 7.19 16.10 -6.84
CA LEU A 75 6.13 16.17 -7.86
C LEU A 75 5.19 14.98 -7.77
N THR A 76 5.71 13.82 -7.34
CA THR A 76 4.84 12.62 -7.34
C THR A 76 4.25 12.18 -6.01
N GLU A 77 4.90 12.55 -4.90
CA GLU A 77 4.49 12.06 -3.58
C GLU A 77 4.58 10.53 -3.44
N ILE A 78 5.44 9.93 -4.24
CA ILE A 78 5.77 8.52 -4.15
C ILE A 78 7.13 8.49 -3.46
N PRO A 79 7.32 7.56 -2.48
CA PRO A 79 8.65 7.40 -1.90
C PRO A 79 9.66 7.07 -2.95
N VAL A 80 10.80 7.74 -2.88
CA VAL A 80 11.88 7.52 -3.83
C VAL A 80 13.17 7.21 -3.07
N SER A 81 13.81 6.09 -3.34
CA SER A 81 15.10 5.87 -2.74
C SER A 81 16.12 5.77 -3.83
N VAL A 82 17.37 6.02 -3.49
CA VAL A 82 18.45 6.01 -4.50
C VAL A 82 19.50 5.02 -4.01
N GLU A 83 19.81 4.03 -4.83
CA GLU A 83 20.76 2.97 -4.45
C GLU A 83 21.92 2.86 -5.41
N LEU A 84 23.11 2.67 -4.89
CA LEU A 84 24.25 2.32 -5.68
C LEU A 84 24.10 0.82 -6.00
N ALA A 85 24.19 0.44 -7.28
CA ALA A 85 23.88 -0.96 -7.68
C ALA A 85 24.64 -2.02 -6.90
N SER A 86 25.94 -1.78 -6.66
CA SER A 86 26.74 -2.79 -6.00
C SER A 86 26.29 -2.98 -4.54
N ASP A 87 26.05 -1.86 -3.85
CA ASP A 87 25.65 -1.91 -2.45
C ASP A 87 24.23 -2.47 -2.32
N PHE A 88 23.35 -2.14 -3.26
CA PHE A 88 22.01 -2.72 -3.32
C PHE A 88 22.07 -4.26 -3.36
N LEU A 89 22.95 -4.77 -4.24
CA LEU A 89 23.19 -6.22 -4.36
C LEU A 89 23.86 -6.78 -3.09
N ASP A 90 24.88 -6.06 -2.58
CA ASP A 90 25.55 -6.47 -1.32
C ASP A 90 24.63 -6.68 -0.13
N ARG A 91 23.62 -5.81 0.04
CA ARG A 91 22.66 -5.98 1.13
CA ARG A 91 22.62 -5.92 1.13
C ARG A 91 21.56 -6.98 0.79
N ARG A 92 21.50 -7.45 -0.45
CA ARG A 92 20.40 -8.33 -0.89
C ARG A 92 19.06 -7.68 -0.52
N SER A 93 18.96 -6.37 -0.78
CA SER A 93 17.82 -5.59 -0.37
C SER A 93 16.58 -6.25 -1.03
N PRO A 94 15.53 -6.58 -0.22
CA PRO A 94 14.35 -7.21 -0.84
C PRO A 94 13.63 -6.31 -1.86
N VAL A 95 13.15 -6.92 -2.94
CA VAL A 95 12.41 -6.24 -3.99
C VAL A 95 11.16 -7.05 -4.29
N PHE A 96 10.06 -6.36 -4.60
CA PHE A 96 8.72 -7.01 -4.85
C PHE A 96 7.93 -6.48 -6.05
N ARG A 97 6.82 -7.18 -6.36
CA ARG A 97 5.94 -6.80 -7.46
CA ARG A 97 5.90 -6.79 -7.44
C ARG A 97 5.55 -5.32 -7.43
N ASP A 98 5.38 -4.76 -6.22
CA ASP A 98 4.86 -3.43 -6.10
C ASP A 98 5.94 -2.32 -6.13
N ASP A 99 7.17 -2.68 -6.45
CA ASP A 99 8.27 -1.69 -6.58
C ASP A 99 8.42 -1.34 -8.05
N THR A 100 8.72 -0.07 -8.30
CA THR A 100 9.10 0.34 -9.65
C THR A 100 10.58 0.65 -9.49
N CYS A 101 11.41 -0.07 -10.25
CA CYS A 101 12.86 0.07 -10.15
C CYS A 101 13.34 0.77 -11.41
N VAL A 102 13.98 1.92 -11.21
CA VAL A 102 14.43 2.79 -12.31
C VAL A 102 15.94 2.64 -12.44
N PHE A 103 16.40 2.22 -13.62
CA PHE A 103 17.84 1.96 -13.86
C PHE A 103 18.39 3.03 -14.77
N VAL A 104 19.40 3.75 -14.30
CA VAL A 104 20.03 4.78 -15.10
C VAL A 104 21.44 4.31 -15.54
N SER A 105 21.67 4.36 -16.85
CA SER A 105 22.96 3.88 -17.37
C SER A 105 23.21 4.53 -18.72
N GLN A 106 24.38 5.16 -18.86
CA GLN A 106 24.75 5.69 -20.18
C GLN A 106 24.95 4.49 -21.12
N SER A 107 25.83 3.57 -20.75
CA SER A 107 26.21 2.43 -21.63
C SER A 107 25.11 1.36 -21.78
N GLY A 108 24.29 1.22 -20.74
CA GLY A 108 23.36 0.10 -20.67
C GLY A 108 24.08 -1.23 -20.52
N GLU A 109 25.36 -1.23 -20.16
CA GLU A 109 26.11 -2.51 -20.09
C GLU A 109 26.89 -2.70 -18.78
N THR A 110 26.74 -1.79 -17.84
CA THR A 110 27.53 -1.86 -16.61
C THR A 110 27.19 -3.09 -15.82
N ALA A 111 28.20 -3.90 -15.47
CA ALA A 111 27.96 -5.21 -14.89
C ALA A 111 27.09 -5.22 -13.65
N ASP A 112 27.35 -4.34 -12.67
CA ASP A 112 26.54 -4.32 -11.44
C ASP A 112 25.13 -3.81 -11.69
N SER A 113 24.97 -2.94 -12.71
CA SER A 113 23.63 -2.44 -13.03
C SER A 113 22.77 -3.50 -13.69
N ILE A 114 23.42 -4.32 -14.54
CA ILE A 114 22.76 -5.47 -15.15
C ILE A 114 22.38 -6.52 -14.13
N LEU A 115 23.30 -6.85 -13.23
CA LEU A 115 23.02 -7.85 -12.22
C LEU A 115 21.85 -7.35 -11.36
N ALA A 116 21.83 -6.03 -11.09
CA ALA A 116 20.76 -5.46 -10.27
C ALA A 116 19.41 -5.53 -11.01
N LEU A 117 19.44 -5.26 -12.31
CA LEU A 117 18.21 -5.38 -13.09
C LEU A 117 17.67 -6.81 -13.07
N GLN A 118 18.56 -7.79 -13.25
CA GLN A 118 18.14 -9.20 -13.33
C GLN A 118 17.57 -9.66 -11.99
N TYR A 119 18.18 -9.19 -10.91
CA TYR A 119 17.66 -9.40 -9.54
C TYR A 119 16.24 -8.86 -9.37
N CYS A 120 15.97 -7.62 -9.78
CA CYS A 120 14.61 -7.03 -9.67
C CYS A 120 13.62 -7.73 -10.62
N LEU A 121 14.09 -8.11 -11.79
CA LEU A 121 13.21 -8.76 -12.77
C LEU A 121 12.73 -10.10 -12.19
N GLU A 122 13.66 -10.89 -11.68
CA GLU A 122 13.34 -12.18 -11.05
C GLU A 122 12.34 -12.07 -9.92
N ARG A 123 12.32 -10.91 -9.29
CA ARG A 123 11.50 -10.69 -8.10
C ARG A 123 10.15 -10.11 -8.44
N GLY A 124 9.96 -9.85 -9.73
CA GLY A 124 8.67 -9.44 -10.26
C GLY A 124 8.40 -7.93 -10.27
N ALA A 125 9.42 -7.12 -9.98
CA ALA A 125 9.26 -5.66 -10.01
C ALA A 125 9.08 -5.16 -11.42
N LEU A 126 8.49 -3.98 -11.52
CA LEU A 126 8.37 -3.27 -12.78
C LEU A 126 9.68 -2.53 -12.99
N THR A 127 10.26 -2.62 -14.18
CA THR A 127 11.58 -2.04 -14.36
C THR A 127 11.56 -0.97 -15.49
N VAL A 128 12.31 0.12 -15.29
CA VAL A 128 12.23 1.28 -16.19
C VAL A 128 13.69 1.63 -16.44
N GLY A 129 14.05 1.79 -17.72
CA GLY A 129 15.42 2.17 -18.06
C GLY A 129 15.54 3.61 -18.56
N ILE A 130 16.62 4.30 -18.13
CA ILE A 130 16.98 5.63 -18.59
C ILE A 130 18.39 5.42 -19.12
N VAL A 131 18.48 5.23 -20.45
CA VAL A 131 19.67 4.64 -21.05
C VAL A 131 20.03 5.44 -22.28
N ASN A 132 21.33 5.58 -22.51
CA ASN A 132 21.78 6.24 -23.75
C ASN A 132 22.00 5.28 -24.92
N SER A 133 22.62 4.12 -24.70
CA SER A 133 22.85 3.20 -25.84
C SER A 133 21.62 2.39 -26.26
N VAL A 134 21.07 2.73 -27.43
CA VAL A 134 19.85 2.05 -27.89
C VAL A 134 20.11 0.57 -28.11
N GLY A 135 19.26 -0.29 -27.54
CA GLY A 135 19.36 -1.74 -27.75
C GLY A 135 20.48 -2.40 -26.95
N SER A 136 21.04 -1.68 -25.97
CA SER A 136 22.01 -2.29 -25.06
C SER A 136 21.26 -3.24 -24.10
N SER A 137 21.99 -4.06 -23.37
CA SER A 137 21.36 -5.01 -22.42
C SER A 137 20.28 -4.33 -21.56
N MET A 138 20.59 -3.16 -21.02
CA MET A 138 19.66 -2.50 -20.08
C MET A 138 18.46 -1.92 -20.80
N SER A 139 18.69 -1.43 -22.02
CA SER A 139 17.62 -0.95 -22.85
C SER A 139 16.67 -2.12 -23.16
N ARG A 140 17.20 -3.24 -23.68
CA ARG A 140 16.33 -4.40 -24.01
C ARG A 140 15.60 -4.94 -22.81
N GLN A 141 16.32 -5.11 -21.72
CA GLN A 141 15.81 -5.96 -20.64
C GLN A 141 14.92 -5.23 -19.63
N THR A 142 14.95 -3.89 -19.62
CA THR A 142 13.96 -3.15 -18.83
C THR A 142 12.63 -3.29 -19.53
N HIS A 143 11.53 -3.20 -18.79
CA HIS A 143 10.16 -3.31 -19.38
C HIS A 143 9.85 -2.15 -20.31
N CYS A 144 10.29 -0.97 -19.92
CA CYS A 144 9.97 0.25 -20.67
C CYS A 144 11.04 1.26 -20.27
N GLY A 145 11.06 2.43 -20.87
CA GLY A 145 12.14 3.37 -20.53
C GLY A 145 12.21 4.52 -21.52
N VAL A 146 13.26 5.34 -21.35
CA VAL A 146 13.49 6.53 -22.15
C VAL A 146 14.92 6.46 -22.63
N HIS A 147 15.15 6.57 -23.95
CA HIS A 147 16.50 6.68 -24.47
C HIS A 147 16.84 8.12 -24.42
N ILE A 148 17.96 8.42 -23.78
CA ILE A 148 18.26 9.80 -23.48
C ILE A 148 18.71 10.64 -24.66
N ASN A 149 19.15 10.03 -25.75
CA ASN A 149 19.41 10.77 -27.02
C ASN A 149 20.54 11.81 -26.89
N ALA A 150 21.54 11.48 -26.09
CA ALA A 150 22.67 12.37 -25.91
C ALA A 150 23.72 12.23 -27.02
N GLY A 151 23.58 11.19 -27.85
CA GLY A 151 24.60 10.85 -28.83
C GLY A 151 25.70 10.04 -28.16
N PRO A 152 26.59 9.43 -28.97
CA PRO A 152 27.65 8.55 -28.42
C PRO A 152 28.59 9.34 -27.52
N GLU A 153 29.05 8.71 -26.44
CA GLU A 153 30.02 9.33 -25.55
C GLU A 153 31.34 8.62 -25.81
N ILE A 154 32.29 9.34 -26.39
CA ILE A 154 33.63 8.79 -26.71
C ILE A 154 34.61 9.06 -25.58
N GLY A 155 34.47 10.22 -24.92
CA GLY A 155 35.23 10.57 -23.72
C GLY A 155 35.15 9.51 -22.62
N VAL A 156 36.19 9.47 -21.79
CA VAL A 156 36.37 8.38 -20.84
C VAL A 156 35.44 8.56 -19.64
N ALA A 157 35.08 9.80 -19.35
CA ALA A 157 34.25 10.09 -18.20
C ALA A 157 32.91 10.68 -18.64
N SER A 158 31.88 10.49 -17.83
CA SER A 158 30.58 11.01 -18.21
C SER A 158 30.49 12.49 -18.03
N THR A 159 30.12 13.18 -19.09
CA THR A 159 29.85 14.60 -18.99
C THR A 159 28.47 14.90 -19.49
N LYS A 160 28.31 14.86 -20.80
CA LYS A 160 27.02 15.10 -21.40
C LYS A 160 26.01 14.05 -20.99
N ALA A 161 26.47 12.85 -20.65
CA ALA A 161 25.57 11.80 -20.20
C ALA A 161 24.95 12.17 -18.86
N TYR A 162 25.74 12.78 -17.96
CA TYR A 162 25.20 13.27 -16.68
C TYR A 162 24.06 14.29 -16.87
N THR A 163 24.31 15.32 -17.69
CA THR A 163 23.32 16.37 -17.80
C THR A 163 22.13 15.82 -18.61
N SER A 164 22.36 14.95 -19.58
CA SER A 164 21.21 14.45 -20.34
C SER A 164 20.39 13.47 -19.47
N GLN A 165 21.08 12.64 -18.67
CA GLN A 165 20.37 11.77 -17.71
C GLN A 165 19.49 12.55 -16.74
N TYR A 166 20.05 13.62 -16.22
CA TYR A 166 19.39 14.46 -15.24
C TYR A 166 18.16 15.05 -15.98
N ILE A 167 18.33 15.62 -17.19
CA ILE A 167 17.14 16.13 -17.91
C ILE A 167 16.03 15.08 -18.19
N ALA A 168 16.46 13.90 -18.59
CA ALA A 168 15.56 12.78 -18.86
C ALA A 168 14.82 12.40 -17.59
N LEU A 169 15.53 12.39 -16.46
CA LEU A 169 14.87 12.05 -15.16
C LEU A 169 13.85 13.13 -14.76
N VAL A 170 14.19 14.39 -14.96
CA VAL A 170 13.23 15.47 -14.70
C VAL A 170 12.00 15.30 -15.60
N MET A 171 12.19 15.02 -16.88
CA MET A 171 11.04 14.81 -17.79
C MET A 171 10.17 13.63 -17.31
N PHE A 172 10.82 12.58 -16.79
CA PHE A 172 10.14 11.42 -16.25
C PHE A 172 9.28 11.82 -15.02
N ALA A 173 9.85 12.59 -14.08
CA ALA A 173 9.08 13.12 -12.95
C ALA A 173 7.88 13.99 -13.39
N LEU A 174 8.11 14.88 -14.35
CA LEU A 174 7.04 15.72 -14.88
C LEU A 174 5.90 14.84 -15.46
N SER A 175 6.26 13.83 -16.26
CA SER A 175 5.29 12.88 -16.86
C SER A 175 4.47 12.16 -15.78
N LEU A 176 5.15 11.68 -14.74
CA LEU A 176 4.40 11.01 -13.65
C LEU A 176 3.39 11.93 -12.94
N SER A 177 3.67 13.22 -12.92
CA SER A 177 2.85 14.14 -12.16
C SER A 177 1.99 15.02 -13.09
N ASN A 178 1.83 14.59 -14.33
CA ASN A 178 1.11 15.40 -15.32
C ASN A 178 -0.43 15.43 -15.11
N ASP A 179 -0.95 14.76 -14.07
CA ASP A 179 -2.40 14.79 -13.88
C ASP A 179 -2.82 15.65 -12.71
N SER A 180 -1.84 16.31 -12.10
CA SER A 180 -2.07 17.06 -10.89
C SER A 180 -2.33 18.57 -11.16
N ILE A 181 -3.49 19.04 -10.72
CA ILE A 181 -3.88 20.45 -10.86
C ILE A 181 -3.00 21.29 -9.96
N SER A 182 -2.76 20.83 -8.73
CA SER A 182 -1.98 21.60 -7.76
C SER A 182 -0.51 21.77 -8.20
N ARG A 183 -0.02 20.90 -9.07
CA ARG A 183 1.39 20.94 -9.50
C ARG A 183 1.57 21.57 -10.85
N LYS A 184 0.46 22.03 -11.43
CA LYS A 184 0.51 22.64 -12.73
C LYS A 184 1.45 23.85 -12.79
N GLY A 185 1.39 24.70 -11.79
CA GLY A 185 2.28 25.89 -11.70
C GLY A 185 3.76 25.51 -11.69
N ARG A 186 4.07 24.52 -10.88
CA ARG A 186 5.43 24.04 -10.72
C ARG A 186 5.88 23.38 -12.01
N HIS A 187 5.01 22.58 -12.62
CA HIS A 187 5.30 21.98 -13.92
C HIS A 187 5.71 22.96 -14.98
N GLU A 188 4.91 24.00 -15.10
CA GLU A 188 5.15 25.06 -16.05
C GLU A 188 6.45 25.78 -15.78
N GLU A 189 6.73 26.10 -14.51
CA GLU A 189 8.01 26.72 -14.12
C GLU A 189 9.20 25.88 -14.60
N ILE A 190 9.12 24.58 -14.38
CA ILE A 190 10.24 23.66 -14.67
C ILE A 190 10.39 23.50 -16.17
N ILE A 191 9.26 23.43 -16.90
CA ILE A 191 9.27 23.34 -18.37
C ILE A 191 9.83 24.59 -19.05
N LYS A 192 9.46 25.76 -18.55
CA LYS A 192 10.01 27.02 -19.09
C LYS A 192 11.51 27.11 -18.76
N GLY A 193 11.88 26.70 -17.55
CA GLY A 193 13.29 26.60 -17.16
C GLY A 193 14.06 25.70 -18.12
N LEU A 194 13.53 24.52 -18.38
CA LEU A 194 14.20 23.54 -19.24
C LEU A 194 14.43 24.13 -20.61
N GLN A 195 13.49 24.93 -21.09
CA GLN A 195 13.63 25.53 -22.44
C GLN A 195 14.91 26.38 -22.56
N LYS A 196 15.25 27.08 -21.48
CA LYS A 196 16.39 28.02 -21.43
C LYS A 196 17.70 27.33 -21.06
N ILE A 197 17.63 26.09 -20.59
CA ILE A 197 18.88 25.36 -20.25
C ILE A 197 19.95 25.31 -21.35
N PRO A 198 19.63 24.93 -22.61
CA PRO A 198 20.71 24.89 -23.60
C PRO A 198 21.52 26.21 -23.77
N GLU A 199 20.83 27.34 -23.91
CA GLU A 199 21.47 28.68 -23.98
C GLU A 199 22.19 29.09 -22.68
N GLN A 200 21.61 28.73 -21.54
CA GLN A 200 22.34 28.92 -20.28
C GLN A 200 23.62 28.10 -20.17
N ILE A 201 23.61 26.85 -20.65
CA ILE A 201 24.85 26.04 -20.72
C ILE A 201 25.91 26.72 -21.61
N LYS A 202 25.49 27.21 -22.78
CA LYS A 202 26.39 28.05 -23.62
C LYS A 202 27.05 29.15 -22.82
N GLN A 203 26.27 29.86 -22.03
CA GLN A 203 26.80 30.96 -21.20
C GLN A 203 27.76 30.50 -20.11
N VAL A 204 27.41 29.39 -19.44
CA VAL A 204 28.29 28.90 -18.39
C VAL A 204 29.63 28.47 -18.97
N LEU A 205 29.64 27.94 -20.19
CA LEU A 205 30.90 27.51 -20.87
C LEU A 205 31.94 28.66 -21.07
N LYS A 206 31.43 29.88 -21.11
CA LYS A 206 32.25 31.07 -21.16
C LYS A 206 32.99 31.33 -19.86
N LEU A 207 32.68 30.58 -18.78
CA LEU A 207 33.59 30.61 -17.63
C LEU A 207 34.94 29.95 -17.87
N GLU A 208 35.15 29.32 -19.02
CA GLU A 208 36.38 28.53 -19.28
C GLU A 208 37.68 29.32 -19.00
N ASN A 209 37.78 30.53 -19.52
CA ASN A 209 39.04 31.28 -19.28
C ASN A 209 39.31 31.54 -17.81
N LYS A 210 38.28 31.93 -17.08
CA LYS A 210 38.41 32.12 -15.64
C LYS A 210 38.88 30.79 -14.97
N ILE A 211 38.44 29.67 -15.52
CA ILE A 211 38.71 28.37 -14.90
C ILE A 211 40.13 27.96 -15.33
N LYS A 212 40.51 28.25 -16.56
CA LYS A 212 41.92 28.02 -16.94
C LYS A 212 42.89 28.83 -16.07
N ASP A 213 42.58 30.08 -15.79
CA ASP A 213 43.41 30.89 -14.88
C ASP A 213 43.55 30.28 -13.47
N LEU A 214 42.42 29.85 -12.92
CA LEU A 214 42.39 29.15 -11.64
C LEU A 214 43.20 27.86 -11.71
N CYS A 215 43.11 27.07 -12.79
CA CYS A 215 43.85 25.81 -12.89
C CYS A 215 45.35 25.97 -13.26
N ASN A 216 45.73 27.15 -13.73
CA ASN A 216 47.18 27.47 -13.89
C ASN A 216 47.84 27.82 -12.54
N SER A 217 47.05 28.21 -11.56
CA SER A 217 47.61 28.54 -10.25
C SER A 217 48.09 27.30 -9.48
N SER A 218 48.54 27.53 -8.25
CA SER A 218 49.01 26.44 -7.36
C SER A 218 47.86 25.48 -6.98
N LEU A 219 46.60 25.83 -7.34
CA LEU A 219 45.48 24.85 -7.33
C LEU A 219 45.89 23.54 -7.97
N ASN A 220 46.59 23.57 -9.11
CA ASN A 220 46.99 22.33 -9.78
C ASN A 220 48.09 21.53 -9.07
N ASP A 221 48.71 22.10 -8.05
CA ASP A 221 49.75 21.42 -7.25
C ASP A 221 49.20 20.85 -5.91
N GLN A 222 47.89 20.96 -5.70
CA GLN A 222 47.32 20.56 -4.39
C GLN A 222 47.13 19.05 -4.29
N LYS A 223 47.01 18.54 -3.07
CA LYS A 223 46.86 17.10 -2.83
C LYS A 223 45.38 16.72 -2.69
N SER A 224 44.57 17.67 -2.21
CA SER A 224 43.15 17.41 -1.98
C SER A 224 42.31 18.63 -2.31
N LEU A 225 41.12 18.41 -2.87
CA LEU A 225 40.16 19.49 -3.12
C LEU A 225 38.80 19.13 -2.52
N LEU A 226 38.26 19.98 -1.64
CA LEU A 226 37.03 19.67 -0.97
C LEU A 226 35.88 20.44 -1.59
N LEU A 227 34.72 19.79 -1.77
CA LEU A 227 33.60 20.51 -2.37
C LEU A 227 32.50 20.49 -1.38
N LEU A 228 31.94 21.68 -1.06
CA LEU A 228 30.93 21.82 -0.03
C LEU A 228 29.57 22.12 -0.69
N GLY A 229 28.56 21.32 -0.38
CA GLY A 229 27.22 21.58 -0.91
C GLY A 229 26.16 21.00 -0.01
N ARG A 230 24.92 21.41 -0.25
CA ARG A 230 23.82 20.92 0.56
C ARG A 230 22.59 20.93 -0.37
N GLY A 231 21.56 20.14 -0.02
CA GLY A 231 20.27 20.27 -0.72
C GLY A 231 20.47 19.78 -2.16
N TYR A 232 19.91 20.52 -3.13
CA TYR A 232 20.00 20.13 -4.52
C TYR A 232 21.47 19.98 -4.95
N GLN A 233 22.37 20.79 -4.34
CA GLN A 233 23.77 20.84 -4.80
C GLN A 233 24.67 19.82 -4.13
N PHE A 234 24.13 19.02 -3.21
CA PHE A 234 25.00 17.93 -2.66
C PHE A 234 25.39 16.94 -3.73
N ALA A 235 24.44 16.58 -4.62
CA ALA A 235 24.80 15.66 -5.71
C ALA A 235 25.91 16.26 -6.54
N THR A 236 25.80 17.57 -6.82
CA THR A 236 26.83 18.23 -7.63
C THR A 236 28.19 18.14 -6.99
N ALA A 237 28.24 18.28 -5.66
CA ALA A 237 29.52 18.15 -4.95
C ALA A 237 30.06 16.75 -5.08
N LEU A 238 29.20 15.74 -4.98
CA LEU A 238 29.69 14.36 -5.15
C LEU A 238 30.21 14.09 -6.54
N GLU A 239 29.55 14.65 -7.55
CA GLU A 239 29.89 14.40 -8.90
C GLU A 239 31.14 15.20 -9.24
N GLY A 240 31.23 16.44 -8.76
CA GLY A 240 32.52 17.17 -8.93
C GLY A 240 33.69 16.43 -8.28
N ALA A 241 33.51 15.93 -7.05
CA ALA A 241 34.58 15.15 -6.41
C ALA A 241 34.99 13.94 -7.25
N LEU A 242 34.00 13.21 -7.79
CA LEU A 242 34.27 12.03 -8.59
C LEU A 242 35.07 12.39 -9.83
N LYS A 243 34.68 13.48 -10.49
CA LYS A 243 35.37 13.95 -11.69
C LYS A 243 36.86 14.32 -11.39
N ILE A 244 37.10 14.99 -10.27
CA ILE A 244 38.46 15.42 -9.94
C ILE A 244 39.35 14.22 -9.66
N LYS A 245 38.82 13.25 -8.91
CA LYS A 245 39.54 12.01 -8.67
C LYS A 245 39.83 11.24 -9.95
N GLU A 246 38.79 11.07 -10.77
CA GLU A 246 38.91 10.23 -11.95
C GLU A 246 39.61 10.83 -13.15
N ILE A 247 39.56 12.16 -13.29
CA ILE A 247 40.16 12.86 -14.44
C ILE A 247 41.49 13.50 -14.05
N SER A 248 41.50 14.22 -12.93
CA SER A 248 42.61 15.09 -12.52
C SER A 248 43.63 14.34 -11.68
N TYR A 249 43.25 13.15 -11.22
CA TYR A 249 44.04 12.37 -10.28
C TYR A 249 44.40 13.17 -9.03
N MET A 250 43.42 13.85 -8.48
CA MET A 250 43.67 14.62 -7.29
C MET A 250 42.61 14.12 -6.34
N HIS A 251 42.95 13.90 -5.09
CA HIS A 251 41.93 13.47 -4.15
C HIS A 251 40.88 14.57 -4.00
N SER A 252 39.61 14.19 -3.91
CA SER A 252 38.58 15.18 -3.70
C SER A 252 37.47 14.50 -2.90
N GLU A 253 36.74 15.27 -2.10
CA GLU A 253 35.59 14.75 -1.36
C GLU A 253 34.44 15.76 -1.45
N GLY A 254 33.23 15.25 -1.61
CA GLY A 254 32.05 16.10 -1.60
C GLY A 254 31.53 15.99 -0.19
N VAL A 255 31.44 17.13 0.49
CA VAL A 255 31.07 17.23 1.88
C VAL A 255 29.72 17.93 2.03
N LEU A 256 28.86 17.36 2.88
CA LEU A 256 27.61 18.00 3.22
C LEU A 256 27.92 19.23 4.08
N ALA A 257 27.67 20.42 3.55
CA ALA A 257 28.21 21.64 4.11
C ALA A 257 27.70 21.91 5.49
N GLY A 258 28.64 22.05 6.43
CA GLY A 258 28.36 22.49 7.78
C GLY A 258 27.61 21.44 8.58
N GLU A 259 27.68 20.20 8.15
CA GLU A 259 27.03 19.14 8.93
C GLU A 259 27.84 18.92 10.20
N LEU A 260 29.16 18.85 10.07
CA LEU A 260 30.04 18.69 11.25
C LEU A 260 30.45 20.02 11.93
N LYS A 261 30.74 19.94 13.23
CA LYS A 261 31.31 21.10 13.96
C LYS A 261 32.84 21.04 13.97
N LEU A 272 44.19 23.71 2.21
CA LEU A 272 43.23 22.86 1.46
C LEU A 272 42.29 23.69 0.56
N PRO A 273 42.39 23.53 -0.78
CA PRO A 273 41.41 24.28 -1.58
C PRO A 273 39.97 23.79 -1.35
N ILE A 274 39.01 24.71 -1.43
CA ILE A 274 37.60 24.38 -1.15
C ILE A 274 36.72 25.03 -2.22
N ILE A 275 35.81 24.27 -2.82
CA ILE A 275 34.83 24.86 -3.73
C ILE A 275 33.50 24.75 -3.00
N ALA A 276 32.73 25.84 -2.95
CA ALA A 276 31.45 25.85 -2.24
C ALA A 276 30.35 26.20 -3.23
N PHE A 277 29.29 25.41 -3.20
CA PHE A 277 28.11 25.73 -4.02
C PHE A 277 27.21 26.62 -3.22
N ALA A 278 26.97 27.83 -3.73
CA ALA A 278 26.22 28.81 -2.98
C ALA A 278 25.19 29.48 -3.88
N THR A 279 24.72 28.74 -4.90
CA THR A 279 23.62 29.25 -5.71
C THR A 279 22.34 29.28 -4.84
N ARG A 280 21.35 30.11 -5.24
CA ARG A 280 20.28 30.45 -4.35
C ARG A 280 19.40 29.28 -3.92
N ASP A 281 19.31 28.28 -4.78
CA ASP A 281 18.52 27.08 -4.53
C ASP A 281 19.01 26.27 -3.35
N SER A 282 20.31 26.35 -3.06
CA SER A 282 20.90 25.58 -1.97
C SER A 282 21.71 26.44 -1.00
N LEU A 283 21.34 27.69 -0.85
CA LEU A 283 22.06 28.62 0.04
C LEU A 283 21.50 28.58 1.45
N PHE A 284 21.70 27.44 2.13
CA PHE A 284 21.22 27.25 3.50
C PHE A 284 22.06 27.97 4.54
N PRO A 285 21.47 28.27 5.73
CA PRO A 285 22.30 28.74 6.85
C PRO A 285 23.56 27.91 7.09
N LYS A 286 23.48 26.58 7.02
CA LYS A 286 24.65 25.77 7.29
C LYS A 286 25.71 25.95 6.22
N VAL A 287 25.32 26.30 4.98
CA VAL A 287 26.31 26.58 3.91
C VAL A 287 27.05 27.88 4.23
N MET A 288 26.30 28.91 4.57
CA MET A 288 26.92 30.22 4.93
C MET A 288 27.85 30.11 6.13
N SER A 289 27.45 29.32 7.12
CA SER A 289 28.31 28.99 8.26
C SER A 289 29.61 28.32 7.90
N ALA A 290 29.53 27.29 7.06
CA ALA A 290 30.71 26.59 6.57
C ALA A 290 31.63 27.55 5.85
N ILE A 291 31.05 28.39 5.01
CA ILE A 291 31.83 29.32 4.21
C ILE A 291 32.52 30.32 5.15
N GLU A 292 31.78 30.83 6.14
CA GLU A 292 32.32 31.77 7.15
C GLU A 292 33.45 31.13 7.97
N GLN A 293 33.32 29.86 8.33
CA GLN A 293 34.41 29.12 8.99
C GLN A 293 35.68 29.09 8.19
N VAL A 294 35.55 28.89 6.88
CA VAL A 294 36.67 28.89 5.97
C VAL A 294 37.30 30.28 5.89
N THR A 295 36.48 31.33 5.69
CA THR A 295 37.06 32.69 5.53
C THR A 295 37.71 33.20 6.83
N ALA A 296 37.13 32.82 7.98
CA ALA A 296 37.62 33.20 9.31
C ALA A 296 39.06 32.74 9.54
N ARG A 297 39.46 31.70 8.81
CA ARG A 297 40.80 31.17 8.84
C ARG A 297 41.59 31.51 7.56
N ASP A 298 41.16 32.58 6.87
CA ASP A 298 41.67 32.98 5.53
C ASP A 298 41.85 31.82 4.52
N GLY A 299 40.83 30.95 4.43
CA GLY A 299 40.87 29.82 3.52
C GLY A 299 40.78 30.07 2.02
N ARG A 300 40.31 31.24 1.58
CA ARG A 300 40.24 31.54 0.09
C ARG A 300 39.40 30.57 -0.77
N PRO A 301 38.12 30.44 -0.42
CA PRO A 301 37.26 29.48 -1.18
C PRO A 301 36.95 29.92 -2.60
N ILE A 302 36.67 28.93 -3.46
CA ILE A 302 36.14 29.13 -4.78
C ILE A 302 34.63 28.98 -4.62
N VAL A 303 33.88 30.03 -4.95
CA VAL A 303 32.45 30.02 -4.70
C VAL A 303 31.71 29.96 -6.03
N ILE A 304 30.86 28.96 -6.19
CA ILE A 304 29.97 28.93 -7.34
C ILE A 304 28.64 29.52 -6.87
N CYS A 305 28.20 30.59 -7.52
CA CYS A 305 27.04 31.29 -7.05
C CYS A 305 26.31 31.92 -8.23
N ASN A 306 25.14 32.48 -8.00
CA ASN A 306 24.38 33.01 -9.13
C ASN A 306 24.90 34.39 -9.58
N GLU A 307 24.89 34.65 -10.88
CA GLU A 307 25.26 35.97 -11.46
C GLU A 307 24.78 37.13 -10.58
N GLY A 308 25.74 37.96 -10.17
CA GLY A 308 25.44 39.15 -9.39
C GLY A 308 25.44 39.01 -7.89
N ASP A 309 25.41 37.79 -7.37
CA ASP A 309 25.36 37.57 -5.92
C ASP A 309 26.77 37.72 -5.33
N ALA A 310 26.84 38.38 -4.18
CA ALA A 310 28.08 38.51 -3.43
C ALA A 310 27.90 37.71 -2.15
N ILE A 311 28.52 36.53 -2.11
CA ILE A 311 28.33 35.55 -1.03
C ILE A 311 29.29 35.84 0.14
N ILE A 312 30.49 36.29 -0.22
CA ILE A 312 31.47 36.74 0.74
C ILE A 312 32.02 38.11 0.30
N SER A 313 32.37 38.96 1.26
CA SER A 313 32.95 40.26 0.93
C SER A 313 34.46 40.15 0.78
N VAL A 317 39.41 37.43 0.57
CA VAL A 317 39.98 36.92 -0.69
C VAL A 317 39.24 35.62 -1.00
N HIS A 318 38.78 35.51 -2.24
CA HIS A 318 38.03 34.35 -2.73
C HIS A 318 37.97 34.44 -4.24
N THR A 319 37.63 33.34 -4.88
CA THR A 319 37.39 33.30 -6.33
C THR A 319 35.89 33.06 -6.52
N THR A 320 35.30 33.73 -7.50
CA THR A 320 33.85 33.61 -7.74
C THR A 320 33.62 33.08 -9.13
N LEU A 321 32.75 32.06 -9.25
CA LEU A 321 32.42 31.54 -10.56
C LEU A 321 30.91 31.73 -10.67
N GLU A 322 30.51 32.66 -11.52
CA GLU A 322 29.09 32.99 -11.57
C GLU A 322 28.34 32.22 -12.61
N VAL A 323 27.17 31.70 -12.24
CA VAL A 323 26.38 30.94 -13.20
C VAL A 323 24.96 31.50 -13.28
N PRO A 324 24.28 31.34 -14.43
CA PRO A 324 22.90 31.90 -14.49
C PRO A 324 21.96 31.26 -13.46
N GLU A 325 20.95 32.00 -13.01
CA GLU A 325 19.98 31.43 -12.09
C GLU A 325 18.92 30.67 -12.92
N THR A 326 18.61 29.44 -12.53
CA THR A 326 17.56 28.71 -13.21
C THR A 326 16.58 28.26 -12.14
N VAL A 327 15.60 27.42 -12.50
CA VAL A 327 14.70 26.88 -11.50
C VAL A 327 15.50 26.04 -10.49
N ASP A 328 15.20 26.16 -9.21
CA ASP A 328 15.97 25.49 -8.19
C ASP A 328 16.38 24.05 -8.55
N CYS A 329 15.42 23.23 -9.00
CA CYS A 329 15.72 21.80 -9.24
C CYS A 329 16.52 21.56 -10.53
N LEU A 330 16.75 22.63 -11.33
CA LEU A 330 17.52 22.53 -12.57
C LEU A 330 18.94 23.15 -12.40
N GLN A 331 19.17 23.82 -11.27
CA GLN A 331 20.45 24.52 -11.02
C GLN A 331 21.66 23.60 -11.14
N GLY A 332 21.50 22.36 -10.66
CA GLY A 332 22.53 21.35 -10.81
C GLY A 332 23.05 21.12 -12.23
N LEU A 333 22.21 21.38 -13.24
CA LEU A 333 22.61 21.16 -14.61
C LEU A 333 23.65 22.21 -14.98
N LEU A 334 23.51 23.42 -14.45
CA LEU A 334 24.46 24.48 -14.78
C LEU A 334 25.65 24.40 -13.82
N ASN A 335 25.42 24.08 -12.53
CA ASN A 335 26.51 24.06 -11.56
C ASN A 335 27.58 22.98 -11.79
N VAL A 336 27.18 21.90 -12.47
CA VAL A 336 28.14 20.81 -12.71
C VAL A 336 29.17 21.21 -13.79
N ILE A 337 28.78 22.14 -14.66
CA ILE A 337 29.60 22.42 -15.85
C ILE A 337 30.99 22.98 -15.43
N PRO A 338 31.04 23.99 -14.53
CA PRO A 338 32.38 24.47 -14.15
C PRO A 338 33.19 23.38 -13.49
N LEU A 339 32.54 22.41 -12.81
CA LEU A 339 33.32 21.31 -12.25
C LEU A 339 33.90 20.40 -13.33
N GLN A 340 33.11 20.15 -14.38
CA GLN A 340 33.61 19.38 -15.50
C GLN A 340 34.88 20.08 -16.08
N LEU A 341 34.80 21.39 -16.28
CA LEU A 341 35.93 22.18 -16.87
C LEU A 341 37.14 22.24 -15.91
N ILE A 342 36.86 22.46 -14.62
CA ILE A 342 37.94 22.40 -13.63
C ILE A 342 38.65 21.04 -13.67
N SER A 343 37.89 19.94 -13.66
CA SER A 343 38.55 18.63 -13.66
C SER A 343 39.38 18.42 -14.93
N TYR A 344 38.84 18.88 -16.05
CA TYR A 344 39.49 18.75 -17.33
C TYR A 344 40.79 19.57 -17.37
N TRP A 345 40.72 20.86 -17.05
CA TRP A 345 41.95 21.70 -17.05
C TRP A 345 42.98 21.41 -15.97
N LEU A 346 42.55 20.94 -14.81
CA LEU A 346 43.49 20.49 -13.81
C LEU A 346 44.28 19.34 -14.39
N ALA A 347 43.60 18.40 -15.05
CA ALA A 347 44.23 17.30 -15.73
C ALA A 347 45.26 17.79 -16.76
N VAL A 348 44.85 18.69 -17.64
CA VAL A 348 45.77 19.20 -18.70
C VAL A 348 47.02 19.88 -18.10
N ASN A 349 46.81 20.70 -17.08
CA ASN A 349 47.89 21.33 -16.36
C ASN A 349 48.84 20.35 -15.69
N ARG A 350 48.29 19.21 -15.25
CA ARG A 350 49.08 18.19 -14.57
C ARG A 350 49.66 17.17 -15.57
N GLY A 351 49.54 17.47 -16.86
CA GLY A 351 50.04 16.61 -17.93
C GLY A 351 49.34 15.28 -18.15
N ILE A 352 48.07 15.19 -17.76
CA ILE A 352 47.32 13.94 -17.91
C ILE A 352 46.52 13.92 -19.22
N ASP A 353 46.60 12.80 -19.95
CA ASP A 353 45.77 12.65 -21.15
C ASP A 353 44.39 12.08 -20.76
N VAL A 354 43.41 12.98 -20.70
CA VAL A 354 42.06 12.61 -20.23
C VAL A 354 41.33 11.60 -21.11
N ASP A 355 41.80 11.40 -22.34
CA ASP A 355 41.16 10.47 -23.29
C ASP A 355 41.85 9.11 -23.26
N PRO B 4 39.83 4.88 37.73
CA PRO B 4 41.06 4.43 37.08
C PRO B 4 41.24 5.00 35.68
N TYR B 5 40.16 5.49 35.07
CA TYR B 5 40.22 5.94 33.68
C TYR B 5 40.72 7.38 33.55
N LYS B 6 41.49 7.64 32.49
CA LYS B 6 42.04 8.97 32.24
C LYS B 6 40.95 9.96 31.86
N HIS B 7 39.92 9.46 31.18
CA HIS B 7 38.90 10.30 30.58
C HIS B 7 37.59 9.57 30.59
N PHE B 8 36.49 10.33 30.61
CA PHE B 8 35.16 9.75 30.54
C PHE B 8 34.96 8.95 29.25
N MET B 9 35.51 9.45 28.14
CA MET B 9 35.45 8.70 26.88
C MET B 9 36.08 7.30 27.01
N GLN B 10 37.28 7.23 27.56
CA GLN B 10 37.91 5.93 27.81
C GLN B 10 37.03 5.05 28.71
N LYS B 11 36.48 5.64 29.77
CA LYS B 11 35.57 4.91 30.66
C LYS B 11 34.35 4.36 29.93
N GLU B 12 33.74 5.19 29.08
CA GLU B 12 32.54 4.81 28.35
C GLU B 12 32.83 3.71 27.31
N ILE B 13 34.00 3.76 26.68
CA ILE B 13 34.39 2.68 25.74
C ILE B 13 34.51 1.35 26.51
N PHE B 14 35.20 1.38 27.64
CA PHE B 14 35.41 0.17 28.45
C PHE B 14 34.17 -0.29 29.20
N GLU B 15 33.19 0.59 29.30
CA GLU B 15 31.90 0.29 29.88
C GLU B 15 30.99 -0.52 28.94
N GLN B 16 31.36 -0.69 27.66
CA GLN B 16 30.42 -1.30 26.70
C GLN B 16 29.96 -2.73 27.00
N PRO B 17 30.82 -3.57 27.62
CA PRO B 17 30.24 -4.88 27.95
C PRO B 17 29.00 -4.72 28.83
N ASP B 18 29.07 -3.78 29.76
CA ASP B 18 28.01 -3.54 30.71
C ASP B 18 26.83 -2.83 30.03
N SER B 19 27.12 -1.82 29.22
CA SER B 19 26.02 -1.12 28.56
C SER B 19 25.30 -2.01 27.54
N ALA B 20 26.04 -2.86 26.82
CA ALA B 20 25.38 -3.78 25.88
C ALA B 20 24.45 -4.72 26.64
N PHE B 21 24.94 -5.24 27.78
CA PHE B 21 24.11 -6.09 28.65
C PHE B 21 22.86 -5.32 29.15
N ASN B 22 23.06 -4.08 29.62
CA ASN B 22 21.98 -3.29 30.18
C ASN B 22 20.88 -2.94 29.18
N THR B 23 21.29 -2.71 27.92
CA THR B 23 20.33 -2.45 26.83
C THR B 23 19.44 -3.67 26.63
N MET B 24 20.02 -4.86 26.75
CA MET B 24 19.28 -6.10 26.54
C MET B 24 18.53 -6.55 27.78
N ARG B 25 18.89 -6.00 28.93
CA ARG B 25 18.44 -6.54 30.23
C ARG B 25 16.92 -6.53 30.32
N GLY B 26 16.33 -7.69 30.61
CA GLY B 26 14.88 -7.78 30.81
C GLY B 26 14.08 -7.72 29.51
N ARG B 27 14.79 -7.71 28.38
CA ARG B 27 14.16 -7.64 27.06
C ARG B 27 14.38 -8.88 26.22
N ILE B 28 15.40 -9.67 26.53
CA ILE B 28 15.67 -10.87 25.74
C ILE B 28 15.64 -12.10 26.64
N ASP B 29 14.77 -13.05 26.32
CA ASP B 29 14.83 -14.38 26.93
C ASP B 29 15.75 -15.19 26.04
N PHE B 30 16.99 -15.40 26.49
CA PHE B 30 17.95 -16.08 25.62
C PHE B 30 17.67 -17.59 25.51
N GLU B 31 17.08 -18.18 26.56
CA GLU B 31 16.67 -19.61 26.59
C GLU B 31 15.59 -19.96 25.55
N ASN B 32 14.53 -19.16 25.56
CA ASN B 32 13.40 -19.35 24.69
C ASN B 32 13.44 -18.51 23.42
N CYS B 33 14.48 -17.66 23.29
CA CYS B 33 14.65 -16.76 22.14
C CYS B 33 13.43 -15.87 21.92
N VAL B 34 13.07 -15.12 22.94
CA VAL B 34 11.94 -14.18 22.82
C VAL B 34 12.45 -12.78 23.09
N VAL B 35 12.16 -11.85 22.20
CA VAL B 35 12.41 -10.45 22.46
C VAL B 35 11.14 -9.72 22.86
N THR B 36 11.20 -9.01 23.99
CA THR B 36 10.05 -8.26 24.46
C THR B 36 10.45 -6.83 24.79
N LEU B 37 9.93 -5.91 23.98
CA LEU B 37 10.17 -4.47 24.19
C LEU B 37 8.89 -3.76 24.68
N GLY B 38 8.82 -3.53 26.00
CA GLY B 38 7.60 -3.06 26.64
C GLY B 38 7.07 -1.78 26.06
N GLY B 39 7.99 -0.91 25.67
CA GLY B 39 7.65 0.40 25.14
C GLY B 39 6.94 0.33 23.81
N LEU B 40 7.03 -0.80 23.12
CA LEU B 40 6.49 -0.97 21.78
C LEU B 40 5.41 -2.03 21.71
N LYS B 41 5.36 -2.85 22.77
CA LYS B 41 4.25 -3.79 23.10
C LYS B 41 3.10 -3.80 22.10
N SER B 42 2.14 -2.96 22.39
CA SER B 42 0.88 -3.01 21.74
C SER B 42 0.90 -2.16 20.50
N TRP B 43 2.09 -1.70 20.08
CA TRP B 43 2.21 -0.85 18.91
C TRP B 43 2.76 -1.60 17.70
N LEU B 44 3.28 -2.81 17.92
CA LEU B 44 3.95 -3.59 16.87
C LEU B 44 3.08 -3.88 15.67
N SER B 45 1.83 -4.33 15.89
CA SER B 45 0.92 -4.61 14.77
C SER B 45 0.68 -3.37 13.94
N THR B 46 0.60 -2.21 14.58
CA THR B 46 0.45 -0.92 13.88
C THR B 46 1.74 -0.51 13.19
N ILE B 47 2.88 -0.61 13.88
CA ILE B 47 4.16 -0.26 13.24
C ILE B 47 4.34 -1.05 11.95
N ARG B 48 4.19 -2.37 11.96
CA ARG B 48 4.23 -3.16 10.73
C ARG B 48 3.33 -2.64 9.59
N ARG B 49 2.10 -2.25 9.93
CA ARG B 49 1.11 -1.82 8.92
C ARG B 49 1.46 -0.44 8.34
N CYS B 50 2.54 -0.38 7.58
CA CYS B 50 3.00 0.88 7.04
C CYS B 50 3.51 0.66 5.66
N ARG B 51 3.51 1.71 4.85
CA ARG B 51 4.02 1.65 3.52
C ARG B 51 5.53 1.44 3.59
N ARG B 52 6.19 2.09 4.56
CA ARG B 52 7.65 2.04 4.66
CA ARG B 52 7.66 2.07 4.65
C ARG B 52 8.14 2.60 5.99
N ILE B 53 9.39 2.30 6.34
CA ILE B 53 9.96 2.79 7.60
C ILE B 53 11.02 3.81 7.18
N ILE B 54 11.06 4.95 7.87
CA ILE B 54 12.07 5.98 7.59
C ILE B 54 12.86 6.14 8.87
N MET B 55 14.17 5.84 8.83
CA MET B 55 15.03 6.06 10.02
C MET B 55 15.63 7.40 9.88
N ILE B 56 15.50 8.24 10.92
CA ILE B 56 15.96 9.64 10.86
C ILE B 56 16.86 9.96 12.05
N ALA B 57 18.06 10.48 11.80
CA ALA B 57 18.99 10.75 12.92
C ALA B 57 20.16 11.60 12.41
N CYS B 58 21.03 12.00 13.35
CA CYS B 58 22.18 12.87 13.11
C CYS B 58 23.42 12.12 13.56
N GLY B 59 24.55 12.35 12.85
CA GLY B 59 25.91 11.94 13.27
C GLY B 59 26.03 10.46 13.55
N THR B 60 26.55 10.10 14.73
CA THR B 60 26.75 8.68 15.03
C THR B 60 25.43 7.89 15.14
N SER B 61 24.37 8.56 15.57
CA SER B 61 23.05 7.91 15.58
C SER B 61 22.54 7.55 14.16
N TYR B 62 22.90 8.38 13.20
CA TYR B 62 22.60 8.11 11.79
C TYR B 62 23.44 6.91 11.37
N HIS B 63 24.71 6.82 11.82
CA HIS B 63 25.45 5.58 11.52
C HIS B 63 24.82 4.31 12.11
N SER B 64 24.26 4.39 13.33
CA SER B 64 23.61 3.20 13.93
C SER B 64 22.45 2.74 13.03
N CYS B 65 21.79 3.69 12.34
CA CYS B 65 20.67 3.31 11.44
C CYS B 65 21.25 2.65 10.18
N LEU B 66 22.30 3.25 9.62
CA LEU B 66 22.93 2.57 8.47
C LEU B 66 23.46 1.18 8.78
N ALA B 67 24.02 1.00 9.98
CA ALA B 67 24.57 -0.34 10.44
C ALA B 67 23.49 -1.45 10.61
N THR B 68 22.22 -1.04 10.74
CA THR B 68 21.10 -1.99 11.01
C THR B 68 20.02 -1.96 9.90
N ARG B 69 20.19 -1.11 8.90
CA ARG B 69 19.22 -1.05 7.80
C ARG B 69 19.01 -2.43 7.16
N SER B 70 20.11 -3.11 6.81
CA SER B 70 20.04 -4.34 6.07
C SER B 70 19.26 -5.40 6.86
N ILE B 71 19.54 -5.49 8.14
CA ILE B 71 18.82 -6.50 8.93
C ILE B 71 17.34 -6.13 9.12
N PHE B 72 17.00 -4.84 9.19
CA PHE B 72 15.57 -4.47 9.26
C PHE B 72 14.89 -4.90 7.98
N GLU B 73 15.49 -4.60 6.84
CA GLU B 73 14.92 -5.01 5.55
C GLU B 73 14.83 -6.52 5.44
N GLU B 74 15.91 -7.21 5.86
CA GLU B 74 15.90 -8.67 5.76
C GLU B 74 14.79 -9.31 6.56
N LEU B 75 14.70 -8.93 7.83
CA LEU B 75 13.77 -9.60 8.74
C LEU B 75 12.33 -9.20 8.47
N THR B 76 12.11 -7.94 8.07
CA THR B 76 10.72 -7.48 7.99
C THR B 76 10.13 -7.38 6.59
N GLU B 77 10.96 -7.31 5.55
CA GLU B 77 10.44 -7.07 4.20
C GLU B 77 9.58 -5.80 4.06
N ILE B 78 9.83 -4.84 4.93
CA ILE B 78 9.23 -3.52 4.81
C ILE B 78 10.35 -2.66 4.20
N PRO B 79 10.05 -1.77 3.22
CA PRO B 79 11.09 -0.86 2.77
C PRO B 79 11.62 0.00 3.95
N VAL B 80 12.95 0.16 4.01
CA VAL B 80 13.59 0.95 5.07
C VAL B 80 14.51 1.95 4.42
N SER B 81 14.29 3.22 4.67
CA SER B 81 15.31 4.14 4.18
C SER B 81 15.93 4.84 5.40
N VAL B 82 17.16 5.31 5.24
CA VAL B 82 17.84 6.00 6.35
C VAL B 82 18.15 7.43 5.90
N GLU B 83 17.70 8.39 6.70
CA GLU B 83 17.89 9.77 6.36
C GLU B 83 18.68 10.48 7.45
N LEU B 84 19.54 11.38 7.02
CA LEU B 84 20.21 12.32 7.92
C LEU B 84 19.19 13.43 8.18
N ALA B 85 18.96 13.78 9.43
CA ALA B 85 17.83 14.66 9.82
C ALA B 85 17.88 16.01 9.10
N SER B 86 19.08 16.60 8.96
CA SER B 86 19.21 17.93 8.36
C SER B 86 18.89 17.88 6.86
N ASP B 87 19.36 16.82 6.19
CA ASP B 87 19.13 16.64 4.76
C ASP B 87 17.67 16.30 4.45
N PHE B 88 17.05 15.44 5.27
CA PHE B 88 15.63 15.18 5.21
C PHE B 88 14.84 16.51 5.19
N LEU B 89 15.19 17.40 6.11
CA LEU B 89 14.55 18.74 6.18
C LEU B 89 14.85 19.61 4.96
N ASP B 90 16.13 19.66 4.57
CA ASP B 90 16.56 20.39 3.35
C ASP B 90 15.76 19.99 2.10
N ARG B 91 15.58 18.69 1.88
CA ARG B 91 14.75 18.22 0.74
C ARG B 91 13.23 18.38 0.92
N ARG B 92 12.76 18.73 2.10
CA ARG B 92 11.31 18.79 2.38
C ARG B 92 10.66 17.48 1.89
N SER B 93 11.30 16.36 2.26
CA SER B 93 10.87 15.06 1.80
C SER B 93 9.43 14.76 2.24
N PRO B 94 8.54 14.44 1.28
CA PRO B 94 7.13 14.19 1.67
C PRO B 94 6.92 13.01 2.64
N VAL B 95 6.10 13.25 3.67
CA VAL B 95 5.82 12.26 4.70
C VAL B 95 4.30 12.24 4.89
N PHE B 96 3.77 11.06 5.16
CA PHE B 96 2.31 10.83 5.22
C PHE B 96 1.91 9.87 6.34
N ARG B 97 0.59 9.68 6.50
CA ARG B 97 0.06 8.86 7.60
CA ARG B 97 -0.01 8.84 7.56
C ARG B 97 0.55 7.42 7.58
N ASP B 98 0.87 6.90 6.38
CA ASP B 98 1.26 5.49 6.19
C ASP B 98 2.77 5.21 6.38
N ASP B 99 3.50 6.22 6.89
CA ASP B 99 4.97 6.12 7.12
C ASP B 99 5.16 5.87 8.59
N THR B 100 6.07 4.96 8.90
CA THR B 100 6.56 4.83 10.27
C THR B 100 7.95 5.46 10.33
N CYS B 101 8.09 6.48 11.16
CA CYS B 101 9.31 7.27 11.17
C CYS B 101 10.03 6.96 12.49
N VAL B 102 11.29 6.48 12.42
CA VAL B 102 12.00 5.97 13.59
C VAL B 102 13.15 6.96 13.88
N PHE B 103 13.15 7.57 15.07
CA PHE B 103 14.14 8.61 15.39
C PHE B 103 15.13 8.06 16.37
N VAL B 104 16.40 8.10 15.99
CA VAL B 104 17.43 7.55 16.88
C VAL B 104 18.24 8.69 17.45
N SER B 105 18.33 8.80 18.79
CA SER B 105 19.02 9.93 19.40
C SER B 105 19.49 9.55 20.78
N GLN B 106 20.77 9.79 21.06
CA GLN B 106 21.34 9.56 22.40
C GLN B 106 20.71 10.60 23.34
N SER B 107 20.91 11.87 23.03
CA SER B 107 20.49 12.97 23.93
C SER B 107 18.99 13.20 23.92
N GLY B 108 18.33 12.87 22.82
CA GLY B 108 16.91 13.21 22.69
C GLY B 108 16.63 14.71 22.52
N GLU B 109 17.68 15.49 22.29
CA GLU B 109 17.53 16.94 22.24
C GLU B 109 18.15 17.63 21.04
N THR B 110 18.73 16.87 20.11
CA THR B 110 19.40 17.45 18.95
C THR B 110 18.41 18.23 18.12
N ALA B 111 18.75 19.48 17.80
CA ALA B 111 17.78 20.38 17.14
C ALA B 111 17.24 19.81 15.86
N ASP B 112 18.10 19.31 14.97
CA ASP B 112 17.61 18.84 13.66
C ASP B 112 16.71 17.60 13.78
N SER B 113 16.99 16.74 14.78
CA SER B 113 16.13 15.59 15.01
C SER B 113 14.79 16.03 15.54
N ILE B 114 14.76 17.04 16.41
CA ILE B 114 13.47 17.52 16.92
C ILE B 114 12.69 18.20 15.79
N LEU B 115 13.34 19.00 14.96
CA LEU B 115 12.61 19.63 13.85
C LEU B 115 12.03 18.57 12.92
N ALA B 116 12.82 17.54 12.65
CA ALA B 116 12.36 16.48 11.72
C ALA B 116 11.17 15.75 12.34
N LEU B 117 11.26 15.49 13.64
CA LEU B 117 10.13 14.87 14.36
C LEU B 117 8.84 15.68 14.26
N GLN B 118 8.92 16.98 14.47
CA GLN B 118 7.72 17.87 14.41
C GLN B 118 7.12 17.85 13.02
N TYR B 119 7.99 17.91 12.02
CA TYR B 119 7.59 17.76 10.59
C TYR B 119 6.81 16.48 10.34
N CYS B 120 7.32 15.34 10.80
CA CYS B 120 6.64 14.05 10.65
C CYS B 120 5.34 13.98 11.49
N LEU B 121 5.37 14.48 12.73
CA LEU B 121 4.18 14.47 13.58
C LEU B 121 3.03 15.24 12.92
N GLU B 122 3.30 16.46 12.49
CA GLU B 122 2.26 17.28 11.85
C GLU B 122 1.72 16.72 10.53
N ARG B 123 2.44 15.77 9.95
CA ARG B 123 2.00 15.13 8.70
C ARG B 123 1.27 13.85 8.93
N GLY B 124 1.10 13.48 10.19
CA GLY B 124 0.27 12.33 10.52
C GLY B 124 0.99 11.00 10.57
N ALA B 125 2.31 11.02 10.42
CA ALA B 125 3.07 9.78 10.48
C ALA B 125 3.12 9.20 11.89
N LEU B 126 3.26 7.89 11.96
CA LEU B 126 3.49 7.25 13.25
C LEU B 126 4.96 7.43 13.59
N THR B 127 5.26 7.80 14.82
CA THR B 127 6.68 8.08 15.17
C THR B 127 7.16 7.21 16.31
N VAL B 128 8.45 6.79 16.24
CA VAL B 128 8.99 5.84 17.19
C VAL B 128 10.36 6.36 17.61
N GLY B 129 10.64 6.41 18.92
CA GLY B 129 11.95 6.96 19.36
C GLY B 129 12.84 5.83 19.85
N ILE B 130 14.14 5.91 19.51
CA ILE B 130 15.11 4.96 20.05
C ILE B 130 16.11 5.92 20.73
N VAL B 131 15.93 6.12 22.03
CA VAL B 131 16.51 7.28 22.76
C VAL B 131 17.20 6.81 24.06
N ASN B 132 18.29 7.46 24.44
CA ASN B 132 18.98 7.13 25.71
C ASN B 132 18.49 7.98 26.88
N SER B 133 18.44 9.29 26.69
CA SER B 133 17.99 10.18 27.78
C SER B 133 16.47 10.05 28.00
N VAL B 134 16.11 9.39 29.10
CA VAL B 134 14.71 9.11 29.42
C VAL B 134 13.94 10.42 29.66
N GLY B 135 12.76 10.58 29.04
CA GLY B 135 11.97 11.83 29.27
C GLY B 135 12.51 13.04 28.56
N SER B 136 13.51 12.85 27.69
CA SER B 136 13.99 13.97 26.87
C SER B 136 12.94 14.35 25.82
N SER B 137 13.17 15.44 25.11
CA SER B 137 12.20 15.93 24.10
C SER B 137 11.80 14.86 23.08
N MET B 138 12.77 14.13 22.54
CA MET B 138 12.47 13.12 21.53
C MET B 138 11.70 11.96 22.13
N SER B 139 12.01 11.60 23.37
CA SER B 139 11.31 10.50 24.04
C SER B 139 9.86 10.90 24.32
N ARG B 140 9.67 12.13 24.80
CA ARG B 140 8.28 12.57 25.11
C ARG B 140 7.44 12.65 23.84
N GLN B 141 8.04 13.19 22.78
CA GLN B 141 7.25 13.63 21.60
C GLN B 141 6.95 12.50 20.62
N THR B 142 7.77 11.44 20.61
CA THR B 142 7.45 10.26 19.78
C THR B 142 6.24 9.53 20.36
N HIS B 143 5.49 8.82 19.52
CA HIS B 143 4.28 8.08 19.97
C HIS B 143 4.64 6.96 20.92
N CYS B 144 5.70 6.24 20.59
CA CYS B 144 6.20 5.17 21.39
C CYS B 144 7.70 5.03 21.14
N GLY B 145 8.36 4.11 21.85
CA GLY B 145 9.77 3.88 21.61
C GLY B 145 10.43 2.97 22.64
N VAL B 146 11.75 2.93 22.54
CA VAL B 146 12.63 2.13 23.41
C VAL B 146 13.67 3.04 23.99
N HIS B 147 13.73 3.11 25.32
CA HIS B 147 14.86 3.72 25.98
C HIS B 147 15.98 2.69 26.02
N ILE B 148 17.14 3.06 25.47
CA ILE B 148 18.19 2.08 25.24
C ILE B 148 18.95 1.66 26.50
N ASN B 149 18.82 2.41 27.59
CA ASN B 149 19.40 2.02 28.91
C ASN B 149 20.93 1.82 28.93
N ALA B 150 21.63 2.70 28.25
CA ALA B 150 23.09 2.67 28.20
C ALA B 150 23.71 3.37 29.41
N GLY B 151 22.88 4.13 30.13
CA GLY B 151 23.38 5.01 31.19
C GLY B 151 23.89 6.32 30.62
N PRO B 152 24.13 7.31 31.51
CA PRO B 152 24.59 8.64 31.02
C PRO B 152 25.87 8.60 30.22
N GLU B 153 25.95 9.44 29.19
CA GLU B 153 27.15 9.53 28.38
C GLU B 153 27.71 10.92 28.64
N ILE B 154 28.87 10.96 29.27
CA ILE B 154 29.50 12.24 29.59
C ILE B 154 30.57 12.64 28.57
N GLY B 155 31.23 11.66 27.93
CA GLY B 155 32.19 11.97 26.85
C GLY B 155 31.50 12.77 25.74
N VAL B 156 32.25 13.59 25.02
CA VAL B 156 31.63 14.47 24.02
C VAL B 156 31.16 13.69 22.79
N ALA B 157 31.80 12.56 22.53
CA ALA B 157 31.52 11.75 21.37
C ALA B 157 30.82 10.44 21.75
N SER B 158 29.97 9.91 20.86
CA SER B 158 29.22 8.72 21.18
C SER B 158 30.05 7.45 21.01
N THR B 159 30.06 6.64 22.06
CA THR B 159 30.78 5.37 22.05
C THR B 159 29.76 4.31 22.46
N LYS B 160 29.48 4.22 23.75
CA LYS B 160 28.53 3.22 24.21
C LYS B 160 27.12 3.48 23.67
N ALA B 161 26.80 4.74 23.34
CA ALA B 161 25.46 5.00 22.77
C ALA B 161 25.35 4.38 21.39
N TYR B 162 26.45 4.37 20.63
CA TYR B 162 26.44 3.72 19.33
C TYR B 162 26.15 2.21 19.42
N THR B 163 26.87 1.48 20.27
CA THR B 163 26.67 0.05 20.31
C THR B 163 25.28 -0.24 20.95
N SER B 164 24.82 0.58 21.91
CA SER B 164 23.53 0.34 22.55
C SER B 164 22.36 0.64 21.60
N GLN B 165 22.52 1.69 20.78
CA GLN B 165 21.54 2.01 19.73
C GLN B 165 21.39 0.92 18.71
N TYR B 166 22.54 0.49 18.21
CA TYR B 166 22.64 -0.60 17.29
C TYR B 166 21.92 -1.86 17.88
N ILE B 167 22.23 -2.23 19.11
CA ILE B 167 21.55 -3.38 19.74
C ILE B 167 20.04 -3.18 19.87
N ALA B 168 19.62 -2.01 20.34
CA ALA B 168 18.16 -1.74 20.41
C ALA B 168 17.47 -1.81 19.06
N LEU B 169 18.13 -1.29 18.02
CA LEU B 169 17.55 -1.35 16.66
C LEU B 169 17.43 -2.81 16.15
N VAL B 170 18.44 -3.62 16.45
CA VAL B 170 18.34 -5.05 16.13
C VAL B 170 17.16 -5.69 16.90
N MET B 171 16.99 -5.36 18.18
CA MET B 171 15.90 -5.93 18.98
C MET B 171 14.57 -5.48 18.42
N PHE B 172 14.47 -4.22 17.99
CA PHE B 172 13.28 -3.68 17.29
C PHE B 172 12.96 -4.47 16.00
N ALA B 173 13.96 -4.66 15.14
CA ALA B 173 13.81 -5.53 13.96
C ALA B 173 13.34 -6.96 14.27
N LEU B 174 13.88 -7.55 15.32
CA LEU B 174 13.47 -8.88 15.75
C LEU B 174 12.00 -8.84 16.22
N SER B 175 11.63 -7.78 16.94
CA SER B 175 10.26 -7.68 17.48
C SER B 175 9.25 -7.57 16.35
N LEU B 176 9.60 -6.78 15.35
CA LEU B 176 8.75 -6.61 14.16
C LEU B 176 8.52 -7.90 13.37
N SER B 177 9.49 -8.81 13.43
CA SER B 177 9.43 -10.03 12.60
C SER B 177 9.19 -11.29 13.45
N ASN B 178 8.64 -11.08 14.64
CA ASN B 178 8.53 -12.18 15.61
C ASN B 178 7.37 -13.14 15.29
N ASP B 179 6.60 -12.88 14.24
CA ASP B 179 5.46 -13.74 13.93
C ASP B 179 5.72 -14.63 12.74
N SER B 180 6.96 -14.63 12.24
CA SER B 180 7.27 -15.31 10.99
C SER B 180 7.88 -16.65 11.27
N ILE B 181 7.28 -17.70 10.73
CA ILE B 181 7.85 -19.04 10.92
C ILE B 181 9.18 -19.16 10.17
N SER B 182 9.18 -18.72 8.92
CA SER B 182 10.36 -18.80 8.08
C SER B 182 11.52 -17.97 8.65
N ARG B 183 11.26 -17.07 9.59
CA ARG B 183 12.35 -16.24 10.19
C ARG B 183 12.91 -16.81 11.44
N LYS B 184 12.29 -17.86 11.99
CA LYS B 184 12.63 -18.29 13.35
C LYS B 184 14.09 -18.65 13.52
N GLY B 185 14.64 -19.36 12.53
CA GLY B 185 16.04 -19.82 12.59
C GLY B 185 17.00 -18.62 12.63
N ARG B 186 16.75 -17.65 11.76
CA ARG B 186 17.54 -16.41 11.72
C ARG B 186 17.40 -15.64 13.03
N HIS B 187 16.17 -15.53 13.54
CA HIS B 187 15.94 -14.92 14.87
C HIS B 187 16.73 -15.57 15.99
N GLU B 188 16.72 -16.91 16.01
CA GLU B 188 17.39 -17.65 17.06
C GLU B 188 18.92 -17.48 16.92
N GLU B 189 19.42 -17.48 15.69
CA GLU B 189 20.83 -17.26 15.41
C GLU B 189 21.26 -15.88 15.93
N ILE B 190 20.46 -14.86 15.66
CA ILE B 190 20.85 -13.50 16.07
C ILE B 190 20.77 -13.35 17.58
N ILE B 191 19.71 -13.90 18.18
CA ILE B 191 19.52 -13.77 19.63
C ILE B 191 20.64 -14.50 20.40
N LYS B 192 21.01 -15.67 19.93
CA LYS B 192 22.16 -16.37 20.55
C LYS B 192 23.48 -15.58 20.39
N GLY B 193 23.66 -14.97 19.22
CA GLY B 193 24.75 -14.00 18.99
C GLY B 193 24.76 -12.84 19.98
N LEU B 194 23.65 -12.14 20.09
CA LEU B 194 23.50 -11.08 21.07
C LEU B 194 23.93 -11.44 22.49
N GLN B 195 23.56 -12.64 22.95
CA GLN B 195 23.88 -13.05 24.31
C GLN B 195 25.41 -13.02 24.53
N LYS B 196 26.16 -13.29 23.48
CA LYS B 196 27.64 -13.39 23.54
C LYS B 196 28.32 -12.05 23.34
N ILE B 197 27.59 -11.07 22.81
CA ILE B 197 28.24 -9.78 22.52
C ILE B 197 28.92 -9.10 23.73
N PRO B 198 28.28 -9.01 24.93
CA PRO B 198 28.99 -8.37 26.03
C PRO B 198 30.37 -9.01 26.31
N GLU B 199 30.47 -10.33 26.38
CA GLU B 199 31.77 -10.96 26.65
C GLU B 199 32.74 -10.80 25.50
N GLN B 200 32.21 -10.81 24.27
CA GLN B 200 33.07 -10.57 23.10
C GLN B 200 33.61 -9.13 23.05
N ILE B 201 32.82 -8.17 23.51
CA ILE B 201 33.30 -6.78 23.59
C ILE B 201 34.48 -6.72 24.59
N LYS B 202 34.34 -7.40 25.72
CA LYS B 202 35.47 -7.50 26.66
C LYS B 202 36.71 -8.06 25.97
N GLN B 203 36.55 -9.10 25.14
CA GLN B 203 37.72 -9.65 24.41
C GLN B 203 38.33 -8.57 23.52
N VAL B 204 37.48 -7.85 22.79
CA VAL B 204 37.98 -6.88 21.85
C VAL B 204 38.77 -5.78 22.55
N LEU B 205 38.29 -5.35 23.68
CA LEU B 205 38.96 -4.34 24.50
C LEU B 205 40.41 -4.74 24.90
N LYS B 206 40.71 -6.03 24.96
CA LYS B 206 42.12 -6.51 25.14
C LYS B 206 43.06 -6.10 24.00
N LEU B 207 42.50 -5.57 22.91
CA LEU B 207 43.36 -5.00 21.86
C LEU B 207 44.00 -3.65 22.20
N GLU B 208 43.62 -3.04 23.33
CA GLU B 208 44.07 -1.66 23.60
C GLU B 208 45.58 -1.47 23.57
N ASN B 209 46.33 -2.43 24.12
CA ASN B 209 47.80 -2.32 24.07
C ASN B 209 48.37 -2.29 22.67
N LYS B 210 47.93 -3.22 21.84
CA LYS B 210 48.34 -3.19 20.43
C LYS B 210 47.99 -1.83 19.76
N ILE B 211 46.78 -1.33 20.06
CA ILE B 211 46.29 -0.07 19.48
C ILE B 211 47.12 1.13 19.96
N LYS B 212 47.38 1.19 21.27
CA LYS B 212 48.27 2.20 21.86
C LYS B 212 49.63 2.25 21.17
N ASP B 213 50.24 1.08 21.00
CA ASP B 213 51.50 0.95 20.28
C ASP B 213 51.39 1.52 18.87
N LEU B 214 50.35 1.08 18.15
CA LEU B 214 50.08 1.59 16.82
C LEU B 214 49.87 3.11 16.83
N CYS B 215 49.12 3.65 17.79
CA CYS B 215 48.89 5.08 17.82
C CYS B 215 50.15 5.85 18.20
N ASN B 216 51.16 5.16 18.74
CA ASN B 216 52.46 5.80 19.04
C ASN B 216 53.47 5.64 17.91
N SER B 217 53.06 4.94 16.88
CA SER B 217 53.91 4.60 15.75
C SER B 217 54.12 5.79 14.84
N SER B 218 54.66 5.46 13.66
CA SER B 218 54.74 6.39 12.55
C SER B 218 53.33 6.86 12.13
N LEU B 219 52.30 6.13 12.60
CA LEU B 219 50.89 6.50 12.36
C LEU B 219 50.60 7.91 12.88
N ASN B 220 51.13 8.19 14.07
CA ASN B 220 50.89 9.47 14.73
C ASN B 220 51.21 10.71 13.91
N ASP B 221 52.25 10.59 13.08
CA ASP B 221 52.78 11.73 12.32
C ASP B 221 51.95 12.02 11.06
N GLN B 222 51.26 11.00 10.54
CA GLN B 222 50.37 11.17 9.37
C GLN B 222 49.17 12.09 9.67
N LYS B 223 48.63 12.69 8.61
CA LYS B 223 47.61 13.74 8.70
C LYS B 223 46.22 13.26 8.27
N SER B 224 46.12 11.98 7.92
CA SER B 224 44.90 11.52 7.30
C SER B 224 44.83 10.03 7.43
N LEU B 225 43.61 9.49 7.47
CA LEU B 225 43.44 8.04 7.55
C LEU B 225 42.19 7.66 6.76
N LEU B 226 42.32 6.67 5.87
CA LEU B 226 41.19 6.21 5.06
C LEU B 226 40.67 4.92 5.64
N LEU B 227 39.36 4.70 5.62
CA LEU B 227 38.81 3.43 6.10
C LEU B 227 38.04 2.79 4.95
N LEU B 228 38.26 1.52 4.68
CA LEU B 228 37.59 0.83 3.57
C LEU B 228 36.65 -0.22 4.11
N GLY B 229 35.40 -0.20 3.65
CA GLY B 229 34.42 -1.14 4.14
C GLY B 229 33.37 -1.32 3.06
N ARG B 230 32.65 -2.44 3.14
CA ARG B 230 31.58 -2.72 2.21
C ARG B 230 30.50 -3.50 2.99
N GLY B 231 29.25 -3.50 2.51
CA GLY B 231 28.19 -4.28 3.15
C GLY B 231 27.88 -3.80 4.57
N TYR B 232 27.74 -4.75 5.50
CA TYR B 232 27.56 -4.45 6.91
C TYR B 232 28.61 -3.51 7.47
N GLN B 233 29.83 -3.54 6.92
CA GLN B 233 30.93 -2.80 7.57
C GLN B 233 31.13 -1.40 6.92
N PHE B 234 30.32 -1.04 5.94
CA PHE B 234 30.42 0.33 5.42
C PHE B 234 30.04 1.34 6.49
N ALA B 235 28.93 1.11 7.22
CA ALA B 235 28.58 1.95 8.35
C ALA B 235 29.74 2.11 9.35
N THR B 236 30.40 1.00 9.63
CA THR B 236 31.55 1.03 10.56
C THR B 236 32.69 1.92 10.02
N ALA B 237 32.96 1.85 8.73
CA ALA B 237 33.96 2.73 8.11
C ALA B 237 33.57 4.21 8.24
N LEU B 238 32.31 4.53 7.95
CA LEU B 238 31.84 5.87 8.17
C LEU B 238 31.92 6.35 9.62
N GLU B 239 31.56 5.48 10.57
CA GLU B 239 31.60 5.81 11.98
C GLU B 239 33.07 5.99 12.46
N GLY B 240 33.96 5.12 12.01
CA GLY B 240 35.42 5.28 12.29
C GLY B 240 35.96 6.61 11.80
N ALA B 241 35.60 6.98 10.57
CA ALA B 241 36.00 8.29 10.02
C ALA B 241 35.46 9.46 10.82
N LEU B 242 34.20 9.39 11.24
CA LEU B 242 33.66 10.46 12.11
C LEU B 242 34.39 10.58 13.44
N LYS B 243 34.69 9.44 14.05
CA LYS B 243 35.41 9.42 15.31
C LYS B 243 36.82 10.01 15.14
N ILE B 244 37.52 9.63 14.08
CA ILE B 244 38.87 10.16 13.84
C ILE B 244 38.83 11.67 13.62
N LYS B 245 37.90 12.13 12.79
CA LYS B 245 37.73 13.58 12.58
C LYS B 245 37.35 14.31 13.82
N GLU B 246 36.34 13.80 14.53
CA GLU B 246 35.80 14.58 15.65
C GLU B 246 36.62 14.50 16.93
N ILE B 247 37.35 13.41 17.13
CA ILE B 247 38.09 13.20 18.37
C ILE B 247 39.58 13.50 18.16
N SER B 248 40.17 12.90 17.14
CA SER B 248 41.60 12.96 16.89
C SER B 248 41.99 14.19 16.09
N TYR B 249 40.99 14.89 15.53
CA TYR B 249 41.25 16.08 14.74
C TYR B 249 42.15 15.76 13.55
N MET B 250 41.90 14.63 12.91
CA MET B 250 42.72 14.22 11.78
C MET B 250 41.75 14.02 10.64
N HIS B 251 42.15 14.27 9.40
CA HIS B 251 41.26 14.01 8.25
C HIS B 251 41.04 12.50 8.09
N SER B 252 39.77 12.10 7.89
CA SER B 252 39.47 10.70 7.68
C SER B 252 38.30 10.62 6.75
N GLU B 253 38.27 9.58 5.92
CA GLU B 253 37.13 9.36 5.04
C GLU B 253 36.83 7.88 5.05
N GLY B 254 35.55 7.51 5.15
CA GLY B 254 35.15 6.10 4.95
C GLY B 254 34.79 5.88 3.49
N VAL B 255 35.40 4.86 2.88
CA VAL B 255 35.34 4.61 1.43
C VAL B 255 34.68 3.27 1.16
N LEU B 256 33.71 3.25 0.24
CA LEU B 256 33.10 1.98 -0.17
C LEU B 256 34.13 1.20 -0.96
N ALA B 257 34.59 0.11 -0.35
CA ALA B 257 35.79 -0.58 -0.78
C ALA B 257 35.69 -1.18 -2.16
N GLY B 258 36.63 -0.80 -3.01
CA GLY B 258 36.72 -1.35 -4.36
C GLY B 258 35.63 -0.89 -5.31
N GLU B 259 34.86 0.11 -4.91
CA GLU B 259 33.81 0.63 -5.79
C GLU B 259 34.44 1.26 -7.04
N LEU B 260 35.40 2.17 -6.84
CA LEU B 260 36.12 2.79 -7.95
C LEU B 260 37.49 2.14 -8.11
N LYS B 261 37.77 1.63 -9.30
CA LYS B 261 39.07 1.02 -9.54
C LYS B 261 40.13 2.09 -9.49
N HIS B 262 39.78 3.29 -9.97
CA HIS B 262 40.68 4.44 -9.99
C HIS B 262 40.16 5.68 -9.26
N GLY B 263 39.68 5.44 -8.04
CA GLY B 263 39.30 6.49 -7.11
C GLY B 263 40.49 6.76 -6.21
N ILE B 264 40.20 7.15 -4.99
CA ILE B 264 41.20 7.51 -3.98
C ILE B 264 42.38 6.51 -3.81
N LEU B 265 42.10 5.20 -3.86
CA LEU B 265 43.15 4.16 -3.66
C LEU B 265 44.28 4.18 -4.71
N ALA B 266 43.97 4.69 -5.90
CA ALA B 266 44.98 4.86 -6.94
C ALA B 266 45.82 6.16 -6.72
N LEU B 267 45.45 6.95 -5.71
CA LEU B 267 46.07 8.26 -5.45
C LEU B 267 46.83 8.29 -4.13
N VAL B 268 46.47 7.39 -3.22
CA VAL B 268 47.10 7.35 -1.91
C VAL B 268 48.64 7.22 -1.97
N ASP B 269 49.30 7.91 -1.06
CA ASP B 269 50.73 7.75 -0.85
C ASP B 269 51.02 6.35 -0.27
N GLU B 270 52.16 5.76 -0.64
CA GLU B 270 52.70 4.53 0.00
C GLU B 270 52.41 4.42 1.49
N ASP B 271 52.57 5.54 2.20
CA ASP B 271 52.55 5.56 3.67
C ASP B 271 51.25 6.11 4.28
N LEU B 272 50.24 6.36 3.44
CA LEU B 272 48.93 6.82 3.93
C LEU B 272 48.33 5.68 4.77
N PRO B 273 47.90 5.99 6.02
CA PRO B 273 47.28 4.99 6.88
C PRO B 273 45.92 4.60 6.31
N ILE B 274 45.71 3.31 6.15
CA ILE B 274 44.45 2.78 5.61
C ILE B 274 44.02 1.65 6.55
N ILE B 275 42.80 1.72 7.05
CA ILE B 275 42.22 0.64 7.80
C ILE B 275 41.20 -0.06 6.87
N ALA B 276 41.26 -1.36 6.76
CA ALA B 276 40.27 -2.11 6.01
C ALA B 276 39.53 -3.10 6.88
N PHE B 277 38.20 -3.12 6.75
CA PHE B 277 37.38 -4.14 7.43
C PHE B 277 37.28 -5.38 6.55
N ALA B 278 37.81 -6.48 7.06
CA ALA B 278 37.85 -7.69 6.28
C ALA B 278 37.37 -8.88 7.13
N THR B 279 36.46 -8.61 8.07
CA THR B 279 35.77 -9.67 8.79
C THR B 279 34.89 -10.44 7.79
N ARG B 280 34.63 -11.71 8.07
CA ARG B 280 33.96 -12.58 7.09
C ARG B 280 32.59 -12.11 6.60
N ASP B 281 31.84 -11.40 7.44
CA ASP B 281 30.52 -10.90 7.06
C ASP B 281 30.56 -9.93 5.87
N SER B 282 31.71 -9.25 5.67
CA SER B 282 31.83 -8.22 4.64
C SER B 282 33.08 -8.42 3.81
N LEU B 283 33.52 -9.66 3.72
CA LEU B 283 34.70 -10.01 2.93
C LEU B 283 34.34 -10.28 1.44
N PHE B 284 33.95 -9.22 0.72
CA PHE B 284 33.51 -9.28 -0.68
C PHE B 284 34.73 -9.29 -1.60
N PRO B 285 34.59 -9.85 -2.81
CA PRO B 285 35.67 -9.73 -3.80
C PRO B 285 36.20 -8.29 -4.01
N LYS B 286 35.34 -7.29 -3.98
CA LYS B 286 35.80 -5.90 -4.17
C LYS B 286 36.64 -5.43 -2.95
N VAL B 287 36.37 -5.96 -1.76
CA VAL B 287 37.15 -5.63 -0.56
C VAL B 287 38.55 -6.20 -0.78
N MET B 288 38.61 -7.47 -1.20
CA MET B 288 39.92 -8.11 -1.50
C MET B 288 40.66 -7.36 -2.61
N SER B 289 39.95 -7.01 -3.69
CA SER B 289 40.54 -6.12 -4.72
C SER B 289 41.10 -4.79 -4.18
N ALA B 290 40.36 -4.11 -3.31
CA ALA B 290 40.81 -2.87 -2.74
C ALA B 290 42.11 -3.10 -1.94
N ILE B 291 42.11 -4.17 -1.14
CA ILE B 291 43.29 -4.54 -0.32
C ILE B 291 44.53 -4.87 -1.15
N GLU B 292 44.35 -5.67 -2.20
CA GLU B 292 45.45 -5.97 -3.13
C GLU B 292 45.99 -4.71 -3.83
N GLN B 293 45.11 -3.76 -4.14
CA GLN B 293 45.50 -2.50 -4.78
C GLN B 293 46.43 -1.70 -3.88
N VAL B 294 46.14 -1.69 -2.57
CA VAL B 294 46.98 -1.01 -1.58
C VAL B 294 48.34 -1.70 -1.44
N THR B 295 48.35 -3.01 -1.27
CA THR B 295 49.62 -3.69 -1.02
C THR B 295 50.50 -3.73 -2.28
N ALA B 296 49.89 -3.73 -3.46
CA ALA B 296 50.62 -3.71 -4.75
C ALA B 296 51.38 -2.41 -4.96
N ARG B 297 50.83 -1.31 -4.46
CA ARG B 297 51.51 -0.02 -4.38
C ARG B 297 52.44 0.12 -3.14
N ASP B 298 52.71 -0.95 -2.38
CA ASP B 298 53.58 -0.90 -1.18
C ASP B 298 52.94 -0.21 0.03
N GLY B 299 51.60 -0.14 0.04
CA GLY B 299 50.91 0.41 1.19
C GLY B 299 50.95 -0.66 2.27
N ARG B 300 50.87 -0.24 3.51
CA ARG B 300 51.00 -1.16 4.65
C ARG B 300 49.73 -0.98 5.49
N PRO B 301 48.63 -1.63 5.02
CA PRO B 301 47.30 -1.39 5.64
C PRO B 301 47.13 -2.03 7.01
N ILE B 302 46.17 -1.50 7.77
CA ILE B 302 45.76 -2.07 9.02
C ILE B 302 44.47 -2.85 8.75
N VAL B 303 44.49 -4.14 9.04
CA VAL B 303 43.38 -5.01 8.68
C VAL B 303 42.62 -5.40 9.91
N ILE B 304 41.33 -5.11 9.95
CA ILE B 304 40.51 -5.60 11.03
C ILE B 304 39.82 -6.86 10.44
N CYS B 305 40.10 -8.01 11.02
CA CYS B 305 39.63 -9.28 10.47
C CYS B 305 39.27 -10.23 11.62
N ASN B 306 38.68 -11.39 11.29
CA ASN B 306 38.29 -12.34 12.34
C ASN B 306 39.50 -13.14 12.83
N GLU B 307 39.49 -13.46 14.11
CA GLU B 307 40.52 -14.26 14.77
C GLU B 307 40.94 -15.40 13.89
N GLY B 308 42.22 -15.44 13.55
CA GLY B 308 42.72 -16.59 12.79
C GLY B 308 42.74 -16.48 11.28
N ASP B 309 42.20 -15.42 10.71
CA ASP B 309 42.06 -15.37 9.26
C ASP B 309 43.26 -14.65 8.71
N ALA B 310 43.82 -15.11 7.60
CA ALA B 310 45.00 -14.49 7.03
C ALA B 310 44.51 -13.77 5.78
N ILE B 311 44.32 -12.47 5.89
CA ILE B 311 43.76 -11.69 4.77
C ILE B 311 44.85 -11.23 3.82
N ILE B 312 45.99 -10.91 4.40
CA ILE B 312 47.16 -10.51 3.64
C ILE B 312 48.27 -11.45 4.05
N SER B 313 48.97 -11.95 3.03
CA SER B 313 50.12 -12.80 3.20
C SER B 313 51.10 -12.20 4.17
N ASN B 314 51.77 -13.03 4.98
CA ASN B 314 52.80 -12.54 5.91
C ASN B 314 54.04 -11.99 5.22
N ASP B 315 54.12 -12.17 3.89
CA ASP B 315 55.22 -11.66 3.09
C ASP B 315 55.20 -10.15 3.02
N LYS B 316 54.02 -9.60 3.17
CA LYS B 316 53.88 -8.19 2.94
C LYS B 316 53.23 -7.42 4.07
N VAL B 317 53.65 -6.18 4.35
CA VAL B 317 54.09 -5.76 5.64
C VAL B 317 52.62 -5.21 5.87
N HIS B 318 52.00 -5.49 7.02
CA HIS B 318 50.64 -5.02 7.27
C HIS B 318 50.41 -5.24 8.75
N THR B 319 49.45 -4.51 9.32
CA THR B 319 49.07 -4.69 10.71
C THR B 319 47.74 -5.41 10.78
N THR B 320 47.59 -6.35 11.71
CA THR B 320 46.27 -7.00 11.90
C THR B 320 45.73 -6.72 13.29
N LEU B 321 44.42 -6.48 13.34
CA LEU B 321 43.73 -6.35 14.60
C LEU B 321 42.59 -7.35 14.51
N GLU B 322 42.71 -8.47 15.24
CA GLU B 322 41.75 -9.58 15.12
C GLU B 322 40.62 -9.43 16.10
N VAL B 323 39.39 -9.72 15.63
CA VAL B 323 38.19 -9.62 16.48
C VAL B 323 37.41 -10.95 16.42
N PRO B 324 36.71 -11.31 17.52
CA PRO B 324 35.92 -12.54 17.47
C PRO B 324 34.94 -12.50 16.30
N GLU B 325 34.61 -13.64 15.71
CA GLU B 325 33.52 -13.71 14.70
C GLU B 325 32.15 -13.79 15.42
N THR B 326 31.19 -12.99 14.98
CA THR B 326 29.85 -13.08 15.56
C THR B 326 28.90 -13.29 14.38
N VAL B 327 27.59 -13.29 14.64
CA VAL B 327 26.59 -13.35 13.56
C VAL B 327 26.85 -12.16 12.62
N ASP B 328 26.71 -12.36 11.31
CA ASP B 328 27.12 -11.34 10.33
C ASP B 328 26.57 -9.93 10.64
N CYS B 329 25.28 -9.86 10.98
CA CYS B 329 24.64 -8.54 11.15
C CYS B 329 25.01 -7.90 12.53
N LEU B 330 25.75 -8.64 13.36
CA LEU B 330 26.22 -8.14 14.64
C LEU B 330 27.72 -7.80 14.66
N GLN B 331 28.43 -8.19 13.61
CA GLN B 331 29.90 -7.97 13.54
C GLN B 331 30.28 -6.52 13.72
N GLY B 332 29.38 -5.60 13.28
CA GLY B 332 29.66 -4.17 13.47
C GLY B 332 29.79 -3.71 14.89
N LEU B 333 29.11 -4.42 15.80
CA LEU B 333 29.22 -4.09 17.23
C LEU B 333 30.65 -4.33 17.76
N LEU B 334 31.34 -5.33 17.20
CA LEU B 334 32.71 -5.61 17.59
C LEU B 334 33.68 -4.79 16.74
N ASN B 335 33.43 -4.61 15.45
CA ASN B 335 34.43 -3.94 14.60
C ASN B 335 34.62 -2.47 14.92
N VAL B 336 33.63 -1.87 15.58
CA VAL B 336 33.69 -0.43 15.85
C VAL B 336 34.61 -0.13 17.05
N ILE B 337 34.73 -1.12 17.93
CA ILE B 337 35.48 -0.90 19.19
C ILE B 337 36.94 -0.46 18.92
N PRO B 338 37.68 -1.17 18.05
CA PRO B 338 39.05 -0.69 17.82
C PRO B 338 39.15 0.72 17.24
N LEU B 339 38.15 1.15 16.45
CA LEU B 339 38.14 2.53 15.96
C LEU B 339 37.88 3.54 17.05
N GLN B 340 37.02 3.20 18.02
CA GLN B 340 36.82 4.08 19.14
C GLN B 340 38.13 4.24 19.92
N LEU B 341 38.79 3.11 20.20
CA LEU B 341 40.09 3.15 20.89
C LEU B 341 41.19 3.85 20.08
N ILE B 342 41.25 3.59 18.77
CA ILE B 342 42.20 4.29 17.92
C ILE B 342 41.96 5.78 17.93
N SER B 343 40.72 6.22 17.72
CA SER B 343 40.44 7.68 17.77
C SER B 343 40.84 8.29 19.12
N TYR B 344 40.60 7.52 20.19
CA TYR B 344 40.90 7.95 21.55
C TYR B 344 42.40 8.12 21.75
N TRP B 345 43.17 7.07 21.48
CA TRP B 345 44.66 7.13 21.63
C TRP B 345 45.39 8.05 20.63
N LEU B 346 44.86 8.20 19.42
CA LEU B 346 45.45 9.17 18.50
C LEU B 346 45.39 10.58 19.07
N ALA B 347 44.24 10.88 19.69
CA ALA B 347 43.95 12.16 20.33
C ALA B 347 44.83 12.41 21.55
N VAL B 348 44.90 11.43 22.45
CA VAL B 348 45.83 11.50 23.60
C VAL B 348 47.28 11.78 23.14
N ASN B 349 47.75 11.03 22.16
CA ASN B 349 49.08 11.24 21.63
C ASN B 349 49.35 12.61 20.97
N ARG B 350 48.28 13.32 20.63
CA ARG B 350 48.36 14.65 20.03
C ARG B 350 48.06 15.73 21.06
N GLY B 351 47.73 15.31 22.28
CA GLY B 351 47.51 16.25 23.36
C GLY B 351 46.09 16.74 23.58
N ILE B 352 45.15 16.29 22.74
CA ILE B 352 43.76 16.76 22.80
C ILE B 352 43.09 16.27 24.09
N ASP B 353 42.30 17.13 24.72
CA ASP B 353 41.44 16.63 25.80
C ASP B 353 40.11 16.23 25.19
N VAL B 354 39.86 14.92 25.17
CA VAL B 354 38.68 14.33 24.52
C VAL B 354 37.38 14.61 25.26
N ASP B 355 37.50 15.03 26.52
CA ASP B 355 36.33 15.33 27.34
C ASP B 355 35.94 16.80 27.24
N PRO C 4 -27.71 -46.51 -9.84
CA PRO C 4 -28.46 -46.55 -8.56
C PRO C 4 -29.14 -45.22 -8.21
N TYR C 5 -28.91 -44.19 -9.03
CA TYR C 5 -29.40 -42.86 -8.74
C TYR C 5 -30.38 -42.50 -9.83
N LYS C 6 -31.48 -41.86 -9.43
CA LYS C 6 -32.52 -41.38 -10.33
C LYS C 6 -32.00 -40.29 -11.25
N HIS C 7 -31.11 -39.44 -10.73
CA HIS C 7 -30.56 -38.36 -11.55
C HIS C 7 -29.06 -38.19 -11.30
N PHE C 8 -28.36 -37.56 -12.24
CA PHE C 8 -26.99 -37.13 -12.04
C PHE C 8 -26.88 -36.18 -10.84
N MET C 9 -27.86 -35.30 -10.68
CA MET C 9 -27.86 -34.39 -9.54
C MET C 9 -27.83 -35.15 -8.21
N GLN C 10 -28.68 -36.15 -8.05
CA GLN C 10 -28.66 -36.97 -6.84
C GLN C 10 -27.33 -37.68 -6.67
N LYS C 11 -26.77 -38.19 -7.78
CA LYS C 11 -25.46 -38.83 -7.71
C LYS C 11 -24.39 -37.84 -7.22
N GLU C 12 -24.45 -36.61 -7.73
CA GLU C 12 -23.43 -35.61 -7.43
C GLU C 12 -23.52 -35.14 -5.98
N ILE C 13 -24.73 -35.11 -5.44
CA ILE C 13 -24.92 -34.75 -4.05
C ILE C 13 -24.29 -35.83 -3.18
N PHE C 14 -24.61 -37.08 -3.52
CA PHE C 14 -24.17 -38.22 -2.72
C PHE C 14 -22.68 -38.50 -2.88
N GLU C 15 -22.11 -37.97 -3.95
CA GLU C 15 -20.67 -38.07 -4.21
C GLU C 15 -19.78 -37.18 -3.32
N GLN C 16 -20.37 -36.22 -2.62
CA GLN C 16 -19.57 -35.20 -1.89
C GLN C 16 -18.52 -35.67 -0.89
N PRO C 17 -18.76 -36.80 -0.19
CA PRO C 17 -17.66 -37.28 0.68
C PRO C 17 -16.43 -37.58 -0.19
N ASP C 18 -16.67 -38.11 -1.39
CA ASP C 18 -15.58 -38.48 -2.27
C ASP C 18 -15.01 -37.26 -2.98
N SER C 19 -15.87 -36.35 -3.42
CA SER C 19 -15.33 -35.15 -4.11
C SER C 19 -14.59 -34.23 -3.13
N ALA C 20 -15.10 -34.12 -1.90
CA ALA C 20 -14.35 -33.35 -0.87
C ALA C 20 -12.99 -33.95 -0.63
N PHE C 21 -12.92 -35.27 -0.46
CA PHE C 21 -11.65 -35.94 -0.26
C PHE C 21 -10.70 -35.73 -1.49
N ASN C 22 -11.26 -35.80 -2.69
CA ASN C 22 -10.43 -35.68 -3.91
C ASN C 22 -9.93 -34.26 -4.15
N THR C 23 -10.69 -33.29 -3.69
CA THR C 23 -10.20 -31.91 -3.70
C THR C 23 -8.99 -31.74 -2.80
N MET C 24 -9.00 -32.40 -1.64
CA MET C 24 -7.90 -32.25 -0.67
C MET C 24 -6.72 -33.20 -0.91
N ARG C 25 -6.96 -34.18 -1.76
CA ARG C 25 -5.98 -35.25 -1.96
C ARG C 25 -4.64 -34.68 -2.48
N GLY C 26 -3.54 -35.12 -1.86
CA GLY C 26 -2.19 -34.69 -2.23
C GLY C 26 -1.83 -33.27 -1.79
N ARG C 27 -2.74 -32.61 -1.07
CA ARG C 27 -2.60 -31.21 -0.76
C ARG C 27 -2.53 -30.90 0.72
N ILE C 28 -2.99 -31.80 1.57
CA ILE C 28 -2.99 -31.55 2.99
C ILE C 28 -2.27 -32.72 3.67
N ASP C 29 -1.26 -32.37 4.47
CA ASP C 29 -0.61 -33.28 5.39
C ASP C 29 -1.33 -33.05 6.69
N PHE C 30 -2.27 -33.94 7.01
CA PHE C 30 -3.13 -33.82 8.19
C PHE C 30 -2.37 -34.08 9.46
N GLU C 31 -1.28 -34.83 9.35
CA GLU C 31 -0.46 -35.16 10.51
C GLU C 31 0.39 -33.96 10.91
N ASN C 32 1.07 -33.35 9.94
CA ASN C 32 1.93 -32.20 10.21
C ASN C 32 1.26 -30.84 10.00
N CYS C 33 -0.01 -30.88 9.61
CA CYS C 33 -0.81 -29.67 9.39
C CYS C 33 -0.17 -28.68 8.41
N VAL C 34 0.06 -29.16 7.18
CA VAL C 34 0.68 -28.35 6.11
C VAL C 34 -0.17 -28.47 4.85
N VAL C 35 -0.46 -27.34 4.22
CA VAL C 35 -1.19 -27.33 2.97
C VAL C 35 -0.21 -26.97 1.84
N THR C 36 -0.25 -27.74 0.75
CA THR C 36 0.58 -27.43 -0.43
C THR C 36 -0.27 -27.46 -1.67
N LEU C 37 -0.38 -26.31 -2.33
CA LEU C 37 -1.11 -26.27 -3.56
C LEU C 37 -0.07 -26.08 -4.65
N GLY C 38 0.17 -27.11 -5.45
CA GLY C 38 1.28 -27.02 -6.39
C GLY C 38 1.15 -25.87 -7.35
N GLY C 39 -0.06 -25.57 -7.81
CA GLY C 39 -0.26 -24.50 -8.80
C GLY C 39 -0.04 -23.08 -8.31
N LEU C 40 0.06 -22.90 -7.00
CA LEU C 40 0.21 -21.56 -6.38
C LEU C 40 1.48 -21.40 -5.57
N LYS C 41 2.06 -22.54 -5.20
CA LYS C 41 3.28 -22.65 -4.37
C LYS C 41 4.30 -21.51 -4.57
N SER C 42 4.61 -21.25 -5.82
CA SER C 42 5.64 -20.35 -6.25
C SER C 42 5.11 -18.93 -6.44
N TRP C 43 3.81 -18.76 -6.22
CA TRP C 43 3.19 -17.50 -6.50
C TRP C 43 2.73 -16.89 -5.21
N LEU C 44 2.78 -17.67 -4.12
CA LEU C 44 2.24 -17.23 -2.83
C LEU C 44 2.87 -15.97 -2.27
N SER C 45 4.21 -15.89 -2.28
CA SER C 45 4.87 -14.68 -1.78
C SER C 45 4.38 -13.42 -2.52
N THR C 46 4.17 -13.52 -3.83
CA THR C 46 3.64 -12.43 -4.65
C THR C 46 2.16 -12.08 -4.30
N ILE C 47 1.31 -13.11 -4.19
CA ILE C 47 -0.06 -12.89 -3.73
C ILE C 47 -0.10 -12.27 -2.30
N ARG C 48 0.66 -12.78 -1.36
CA ARG C 48 0.69 -12.16 -0.01
C ARG C 48 0.90 -10.64 0.04
N ARG C 49 1.40 -10.07 -1.08
CA ARG C 49 2.06 -8.75 -1.11
C ARG C 49 1.11 -7.63 -1.53
N CYS C 50 0.03 -8.00 -2.23
CA CYS C 50 -0.92 -7.10 -2.89
C CYS C 50 -1.63 -6.15 -1.97
N ARG C 51 -2.21 -5.13 -2.57
CA ARG C 51 -3.06 -4.16 -1.89
C ARG C 51 -4.33 -4.85 -1.35
N ARG C 52 -4.95 -5.67 -2.19
CA ARG C 52 -6.21 -6.33 -1.82
C ARG C 52 -6.47 -7.47 -2.75
N ILE C 53 -7.40 -8.34 -2.34
CA ILE C 53 -7.83 -9.50 -3.07
C ILE C 53 -9.27 -9.27 -3.48
N ILE C 54 -9.58 -9.48 -4.75
CA ILE C 54 -10.94 -9.33 -5.23
C ILE C 54 -11.37 -10.72 -5.74
N MET C 55 -12.43 -11.27 -5.15
CA MET C 55 -12.91 -12.55 -5.55
C MET C 55 -14.03 -12.29 -6.52
N ILE C 56 -13.99 -12.89 -7.70
CA ILE C 56 -14.96 -12.56 -8.75
C ILE C 56 -15.55 -13.84 -9.34
N ALA C 57 -16.88 -13.95 -9.37
CA ALA C 57 -17.54 -15.18 -9.77
C ALA C 57 -19.05 -14.93 -10.03
N CYS C 58 -19.74 -15.95 -10.56
CA CYS C 58 -21.17 -15.88 -10.92
C CYS C 58 -21.88 -16.94 -10.09
N GLY C 59 -23.14 -16.71 -9.78
CA GLY C 59 -24.02 -17.82 -9.32
C GLY C 59 -23.48 -18.50 -8.06
N THR C 60 -23.58 -19.84 -8.01
CA THR C 60 -23.09 -20.58 -6.86
C THR C 60 -21.59 -20.38 -6.57
N SER C 61 -20.80 -20.11 -7.60
CA SER C 61 -19.37 -19.88 -7.37
C SER C 61 -19.16 -18.54 -6.61
N TYR C 62 -19.99 -17.55 -6.88
CA TYR C 62 -20.04 -16.31 -6.11
C TYR C 62 -20.43 -16.61 -4.65
N HIS C 63 -21.38 -17.50 -4.46
CA HIS C 63 -21.66 -17.91 -3.06
C HIS C 63 -20.48 -18.57 -2.36
N SER C 64 -19.70 -19.40 -3.05
CA SER C 64 -18.58 -20.11 -2.40
C SER C 64 -17.56 -19.05 -1.94
N CYS C 65 -17.51 -17.92 -2.63
CA CYS C 65 -16.63 -16.78 -2.28
C CYS C 65 -17.16 -16.07 -1.04
N LEU C 66 -18.48 -15.79 -1.02
CA LEU C 66 -19.08 -15.24 0.20
C LEU C 66 -18.85 -16.15 1.38
N ALA C 67 -18.98 -17.46 1.16
CA ALA C 67 -18.86 -18.45 2.25
C ALA C 67 -17.48 -18.52 2.88
N THR C 68 -16.47 -18.01 2.15
CA THR C 68 -15.06 -18.10 2.59
C THR C 68 -14.40 -16.72 2.77
N ARG C 69 -15.13 -15.65 2.53
CA ARG C 69 -14.55 -14.30 2.63
C ARG C 69 -13.97 -14.04 4.07
N SER C 70 -14.74 -14.42 5.08
CA SER C 70 -14.34 -14.12 6.45
C SER C 70 -13.02 -14.82 6.82
N ILE C 71 -12.93 -16.10 6.50
CA ILE C 71 -11.72 -16.84 6.87
C ILE C 71 -10.51 -16.36 6.07
N PHE C 72 -10.70 -15.96 4.80
CA PHE C 72 -9.62 -15.26 4.11
C PHE C 72 -9.15 -14.01 4.86
N GLU C 73 -10.08 -13.14 5.20
CA GLU C 73 -9.70 -11.92 5.94
C GLU C 73 -9.03 -12.22 7.26
N GLU C 74 -9.61 -13.15 8.01
CA GLU C 74 -9.10 -13.52 9.35
C GLU C 74 -7.69 -14.11 9.29
N LEU C 75 -7.47 -15.08 8.39
CA LEU C 75 -6.16 -15.72 8.30
C LEU C 75 -5.10 -14.82 7.65
N THR C 76 -5.48 -14.00 6.67
CA THR C 76 -4.44 -13.22 5.96
C THR C 76 -4.24 -11.75 6.33
N GLU C 77 -5.26 -11.11 6.90
CA GLU C 77 -5.26 -9.67 7.15
C GLU C 77 -5.02 -8.85 5.87
N ILE C 78 -5.38 -9.45 4.74
CA ILE C 78 -5.36 -8.71 3.47
C ILE C 78 -6.85 -8.36 3.22
N PRO C 79 -7.18 -7.12 2.78
CA PRO C 79 -8.60 -6.85 2.45
C PRO C 79 -9.11 -7.81 1.40
N VAL C 80 -10.33 -8.32 1.56
CA VAL C 80 -10.94 -9.22 0.56
C VAL C 80 -12.32 -8.71 0.24
N SER C 81 -12.57 -8.42 -1.02
CA SER C 81 -13.95 -8.16 -1.41
C SER C 81 -14.45 -9.25 -2.36
N VAL C 82 -15.78 -9.39 -2.45
CA VAL C 82 -16.38 -10.43 -3.25
C VAL C 82 -17.31 -9.75 -4.25
N GLU C 83 -17.04 -9.94 -5.54
CA GLU C 83 -17.82 -9.27 -6.59
C GLU C 83 -18.56 -10.31 -7.45
N LEU C 84 -19.78 -10.01 -7.82
CA LEU C 84 -20.51 -10.80 -8.82
C LEU C 84 -19.96 -10.29 -10.17
N ALA C 85 -19.49 -11.20 -11.01
CA ALA C 85 -18.83 -10.84 -12.25
C ALA C 85 -19.61 -9.81 -13.08
N SER C 86 -20.92 -9.98 -13.26
CA SER C 86 -21.66 -9.05 -14.14
C SER C 86 -21.73 -7.66 -13.55
N ASP C 87 -21.97 -7.57 -12.23
CA ASP C 87 -22.05 -6.31 -11.56
C ASP C 87 -20.70 -5.58 -11.51
N PHE C 88 -19.63 -6.34 -11.29
CA PHE C 88 -18.29 -5.77 -11.31
C PHE C 88 -18.05 -5.08 -12.67
N LEU C 89 -18.43 -5.74 -13.75
CA LEU C 89 -18.30 -5.20 -15.12
C LEU C 89 -19.23 -4.02 -15.38
N ASP C 90 -20.47 -4.09 -14.89
CA ASP C 90 -21.38 -2.94 -14.93
C ASP C 90 -20.87 -1.68 -14.22
N ARG C 91 -20.22 -1.82 -13.05
CA ARG C 91 -19.70 -0.62 -12.37
CA ARG C 91 -19.67 -0.65 -12.33
C ARG C 91 -18.38 -0.15 -12.94
N ARG C 92 -17.79 -0.97 -13.83
CA ARG C 92 -16.45 -0.71 -14.42
C ARG C 92 -15.47 -0.43 -13.29
N SER C 93 -15.48 -1.32 -12.30
CA SER C 93 -14.74 -1.12 -11.09
C SER C 93 -13.26 -1.02 -11.45
N PRO C 94 -12.57 0.02 -10.99
CA PRO C 94 -11.11 0.11 -11.29
C PRO C 94 -10.26 -1.03 -10.69
N VAL C 95 -9.33 -1.54 -11.50
CA VAL C 95 -8.45 -2.62 -11.09
C VAL C 95 -7.04 -2.21 -11.55
N PHE C 96 -6.06 -2.56 -10.75
CA PHE C 96 -4.67 -2.10 -10.95
C PHE C 96 -3.64 -3.20 -10.73
N ARG C 97 -2.37 -2.85 -10.92
CA ARG C 97 -1.31 -3.86 -10.89
CA ARG C 97 -1.25 -3.79 -10.87
C ARG C 97 -1.22 -4.48 -9.52
N ASP C 98 -1.58 -3.70 -8.50
CA ASP C 98 -1.45 -4.14 -7.11
C ASP C 98 -2.67 -4.95 -6.57
N ASP C 99 -3.59 -5.32 -7.46
CA ASP C 99 -4.73 -6.21 -7.07
C ASP C 99 -4.41 -7.67 -7.39
N THR C 100 -4.89 -8.57 -6.53
CA THR C 100 -4.88 -10.00 -6.86
C THR C 100 -6.35 -10.34 -7.07
N CYS C 101 -6.68 -10.78 -8.29
CA CYS C 101 -8.07 -11.05 -8.64
C CYS C 101 -8.20 -12.55 -8.71
N VAL C 102 -9.15 -13.08 -7.95
CA VAL C 102 -9.36 -14.54 -7.79
C VAL C 102 -10.65 -14.93 -8.45
N PHE C 103 -10.60 -15.81 -9.49
CA PHE C 103 -11.78 -16.12 -10.25
C PHE C 103 -12.20 -17.56 -9.95
N VAL C 104 -13.44 -17.73 -9.53
CA VAL C 104 -13.92 -19.04 -9.12
C VAL C 104 -14.96 -19.48 -10.14
N SER C 105 -14.78 -20.66 -10.73
CA SER C 105 -15.71 -21.11 -11.76
C SER C 105 -15.63 -22.61 -11.90
N GLN C 106 -16.78 -23.26 -11.84
CA GLN C 106 -16.89 -24.71 -12.12
CA GLN C 106 -16.72 -24.70 -12.07
C GLN C 106 -16.49 -24.98 -13.56
N SER C 107 -17.26 -24.40 -14.47
CA SER C 107 -17.07 -24.68 -15.93
C SER C 107 -15.78 -24.08 -16.51
N GLY C 108 -15.37 -22.94 -15.95
CA GLY C 108 -14.21 -22.22 -16.52
C GLY C 108 -14.62 -21.54 -17.83
N GLU C 109 -15.93 -21.47 -18.13
CA GLU C 109 -16.40 -20.94 -19.41
C GLU C 109 -17.50 -19.90 -19.35
N THR C 110 -17.94 -19.54 -18.15
CA THR C 110 -19.02 -18.57 -18.03
C THR C 110 -18.68 -17.23 -18.64
N ALA C 111 -19.51 -16.73 -19.56
CA ALA C 111 -19.12 -15.52 -20.29
C ALA C 111 -18.77 -14.35 -19.37
N ASP C 112 -19.57 -14.09 -18.32
CA ASP C 112 -19.30 -12.89 -17.50
C ASP C 112 -17.99 -13.01 -16.71
N SER C 113 -17.66 -14.23 -16.29
CA SER C 113 -16.38 -14.49 -15.61
C SER C 113 -15.19 -14.33 -16.56
N ILE C 114 -15.34 -14.80 -17.81
CA ILE C 114 -14.25 -14.60 -18.80
C ILE C 114 -14.07 -13.11 -19.13
N LEU C 115 -15.18 -12.40 -19.27
CA LEU C 115 -15.10 -10.96 -19.54
C LEU C 115 -14.43 -10.21 -18.40
N ALA C 116 -14.79 -10.57 -17.15
CA ALA C 116 -14.18 -9.94 -15.98
C ALA C 116 -12.66 -10.27 -15.90
N LEU C 117 -12.30 -11.52 -16.16
CA LEU C 117 -10.91 -11.94 -16.27
C LEU C 117 -10.13 -11.08 -17.25
N GLN C 118 -10.65 -10.96 -18.44
CA GLN C 118 -10.00 -10.15 -19.49
C GLN C 118 -9.79 -8.67 -19.12
N TYR C 119 -10.76 -8.10 -18.42
CA TYR C 119 -10.71 -6.74 -17.89
C TYR C 119 -9.59 -6.59 -16.88
N CYS C 120 -9.51 -7.53 -15.94
CA CYS C 120 -8.41 -7.55 -14.95
C CYS C 120 -7.02 -7.82 -15.59
N LEU C 121 -6.94 -8.74 -16.54
CA LEU C 121 -5.66 -9.02 -17.21
C LEU C 121 -5.17 -7.78 -17.90
N GLU C 122 -6.04 -7.11 -18.64
CA GLU C 122 -5.68 -5.87 -19.39
C GLU C 122 -5.15 -4.75 -18.48
N ARG C 123 -5.64 -4.72 -17.23
CA ARG C 123 -5.22 -3.69 -16.26
C ARG C 123 -3.98 -4.06 -15.45
N GLY C 124 -3.41 -5.23 -15.68
CA GLY C 124 -2.14 -5.58 -15.09
C GLY C 124 -2.24 -6.29 -13.77
N ALA C 125 -3.46 -6.63 -13.35
CA ALA C 125 -3.66 -7.40 -12.09
C ALA C 125 -3.10 -8.80 -12.18
N LEU C 126 -2.73 -9.34 -11.02
CA LEU C 126 -2.38 -10.73 -10.91
C LEU C 126 -3.69 -11.53 -10.84
N THR C 127 -3.79 -12.62 -11.63
CA THR C 127 -5.08 -13.35 -11.68
C THR C 127 -4.89 -14.79 -11.24
N VAL C 128 -5.87 -15.29 -10.47
CA VAL C 128 -5.73 -16.61 -9.88
C VAL C 128 -7.04 -17.33 -10.15
N GLY C 129 -6.96 -18.58 -10.67
CA GLY C 129 -8.16 -19.34 -11.01
C GLY C 129 -8.45 -20.45 -9.99
N ILE C 130 -9.73 -20.64 -9.63
CA ILE C 130 -10.12 -21.78 -8.77
C ILE C 130 -11.18 -22.42 -9.62
N VAL C 131 -10.77 -23.42 -10.42
CA VAL C 131 -11.55 -23.93 -11.53
CA VAL C 131 -11.66 -23.95 -11.44
C VAL C 131 -11.65 -25.48 -11.50
N ASN C 132 -12.77 -26.03 -11.89
CA ASN C 132 -12.96 -27.49 -11.96
C ASN C 132 -12.56 -28.06 -13.35
N SER C 133 -12.97 -27.39 -14.44
CA SER C 133 -12.59 -27.94 -15.78
C SER C 133 -11.16 -27.59 -16.14
N VAL C 134 -10.31 -28.60 -16.09
CA VAL C 134 -8.89 -28.47 -16.39
C VAL C 134 -8.74 -27.96 -17.83
N GLY C 135 -7.87 -26.97 -18.05
CA GLY C 135 -7.60 -26.45 -19.41
C GLY C 135 -8.76 -25.70 -20.06
N SER C 136 -9.76 -25.35 -19.26
CA SER C 136 -10.86 -24.53 -19.72
C SER C 136 -10.34 -23.10 -19.90
N SER C 137 -11.14 -22.23 -20.52
CA SER C 137 -10.69 -20.84 -20.79
C SER C 137 -10.15 -20.16 -19.53
N MET C 138 -10.93 -20.16 -18.44
CA MET C 138 -10.50 -19.58 -17.16
CA MET C 138 -10.48 -19.53 -17.21
C MET C 138 -9.23 -20.17 -16.62
N SER C 139 -9.07 -21.50 -16.73
CA SER C 139 -7.83 -22.14 -16.31
C SER C 139 -6.64 -21.68 -17.14
N ARG C 140 -6.81 -21.66 -18.47
CA ARG C 140 -5.71 -21.24 -19.36
C ARG C 140 -5.33 -19.79 -19.13
N GLN C 141 -6.35 -18.92 -19.06
CA GLN C 141 -6.13 -17.47 -19.07
C GLN C 141 -5.68 -16.82 -17.73
N THR C 142 -5.89 -17.51 -16.59
CA THR C 142 -5.38 -17.01 -15.29
C THR C 142 -3.89 -17.27 -15.21
N HIS C 143 -3.19 -16.45 -14.43
CA HIS C 143 -1.74 -16.59 -14.28
C HIS C 143 -1.40 -17.87 -13.56
N CYS C 144 -2.16 -18.19 -12.50
CA CYS C 144 -1.91 -19.42 -11.73
C CYS C 144 -3.26 -19.83 -11.17
N GLY C 145 -3.29 -20.95 -10.45
CA GLY C 145 -4.56 -21.36 -9.89
C GLY C 145 -4.57 -22.76 -9.35
N VAL C 146 -5.77 -23.22 -9.01
CA VAL C 146 -5.98 -24.53 -8.38
C VAL C 146 -7.08 -25.17 -9.13
N HIS C 147 -6.82 -26.35 -9.69
CA HIS C 147 -7.87 -27.15 -10.25
C HIS C 147 -8.46 -27.88 -9.06
N ILE C 148 -9.78 -27.76 -8.88
CA ILE C 148 -10.38 -28.29 -7.66
C ILE C 148 -10.53 -29.79 -7.64
N ASN C 149 -10.43 -30.45 -8.77
CA ASN C 149 -10.40 -31.93 -8.81
C ASN C 149 -11.65 -32.59 -8.20
N ALA C 150 -12.83 -32.03 -8.52
CA ALA C 150 -14.12 -32.59 -8.06
C ALA C 150 -14.78 -33.59 -9.03
N GLY C 151 -14.29 -33.67 -10.27
CA GLY C 151 -14.94 -34.50 -11.29
C GLY C 151 -16.05 -33.74 -12.02
N PRO C 152 -16.60 -34.33 -13.11
CA PRO C 152 -17.66 -33.65 -13.88
C PRO C 152 -18.99 -33.52 -13.16
N GLU C 153 -19.74 -32.45 -13.45
CA GLU C 153 -21.15 -32.27 -13.02
C GLU C 153 -22.04 -32.29 -14.26
N ILE C 154 -23.04 -33.16 -14.25
CA ILE C 154 -24.05 -33.19 -15.31
C ILE C 154 -25.39 -32.65 -14.77
N GLY C 155 -25.49 -32.54 -13.44
CA GLY C 155 -26.69 -32.01 -12.77
C GLY C 155 -26.85 -30.50 -12.93
N ALA C 157 -27.37 -27.65 -11.98
CA ALA C 157 -27.04 -26.81 -10.84
C ALA C 157 -25.90 -27.38 -10.03
N SER C 158 -25.12 -26.49 -9.43
CA SER C 158 -23.92 -26.87 -8.77
C SER C 158 -24.17 -27.44 -7.38
N THR C 159 -23.63 -28.63 -7.10
CA THR C 159 -23.70 -29.22 -5.74
C THR C 159 -22.28 -29.56 -5.26
N LYS C 160 -21.70 -30.64 -5.78
CA LYS C 160 -20.33 -30.97 -5.39
C LYS C 160 -19.35 -29.86 -5.80
N ALA C 161 -19.69 -29.07 -6.81
CA ALA C 161 -18.79 -27.97 -7.18
C ALA C 161 -18.74 -26.91 -6.09
N TYR C 162 -19.85 -26.66 -5.41
CA TYR C 162 -19.88 -25.69 -4.37
C TYR C 162 -19.04 -26.12 -3.20
N THR C 163 -19.22 -27.35 -2.71
CA THR C 163 -18.40 -27.77 -1.59
C THR C 163 -16.93 -27.87 -1.90
N SER C 164 -16.61 -28.33 -3.11
CA SER C 164 -15.21 -28.47 -3.49
CA SER C 164 -15.20 -28.46 -3.45
C SER C 164 -14.54 -27.10 -3.66
N GLN C 165 -15.28 -26.13 -4.22
CA GLN C 165 -14.78 -24.75 -4.35
C GLN C 165 -14.46 -24.11 -2.99
N TYR C 166 -15.39 -24.28 -2.07
CA TYR C 166 -15.33 -23.75 -0.72
C TYR C 166 -14.08 -24.37 -0.06
N ILE C 167 -13.92 -25.70 -0.16
CA ILE C 167 -12.67 -26.35 0.35
C ILE C 167 -11.39 -25.83 -0.28
N ALA C 168 -11.38 -25.70 -1.62
CA ALA C 168 -10.20 -25.15 -2.32
C ALA C 168 -9.86 -23.76 -1.85
N LEU C 169 -10.89 -22.92 -1.68
CA LEU C 169 -10.74 -21.56 -1.17
C LEU C 169 -10.22 -21.57 0.27
N VAL C 170 -10.75 -22.43 1.14
CA VAL C 170 -10.16 -22.54 2.44
C VAL C 170 -8.65 -22.95 2.38
N MET C 171 -8.34 -23.94 1.54
CA MET C 171 -6.93 -24.34 1.38
C MET C 171 -6.04 -23.18 0.88
N PHE C 172 -6.55 -22.41 -0.06
CA PHE C 172 -5.86 -21.24 -0.52
C PHE C 172 -5.58 -20.24 0.63
N ALA C 173 -6.57 -19.94 1.46
CA ALA C 173 -6.43 -19.04 2.65
C ALA C 173 -5.40 -19.57 3.65
N LEU C 174 -5.39 -20.88 3.87
CA LEU C 174 -4.42 -21.52 4.75
C LEU C 174 -3.02 -21.41 4.16
N SER C 175 -2.90 -21.65 2.86
CA SER C 175 -1.57 -21.48 2.19
C SER C 175 -1.01 -20.07 2.32
N LEU C 176 -1.87 -19.07 2.15
CA LEU C 176 -1.46 -17.67 2.25
C LEU C 176 -0.98 -17.28 3.67
N SER C 177 -1.47 -17.99 4.66
CA SER C 177 -1.16 -17.67 6.05
C SER C 177 -0.23 -18.71 6.71
N ASN C 178 0.41 -19.53 5.89
CA ASN C 178 1.22 -20.64 6.40
C ASN C 178 2.55 -20.20 7.07
N ASP C 179 2.88 -18.89 7.00
CA ASP C 179 4.08 -18.41 7.68
C ASP C 179 3.85 -17.70 9.03
N SER C 180 2.62 -17.73 9.52
CA SER C 180 2.31 -16.96 10.69
C SER C 180 2.34 -17.83 11.95
N ILE C 181 3.16 -17.43 12.92
CA ILE C 181 3.15 -18.11 14.22
C ILE C 181 1.84 -17.98 14.99
N SER C 182 1.31 -16.77 15.07
CA SER C 182 0.11 -16.49 15.86
C SER C 182 -1.10 -17.27 15.35
N ARG C 183 -1.12 -17.59 14.06
CA ARG C 183 -2.23 -18.32 13.41
C ARG C 183 -2.05 -19.81 13.37
N LYS C 184 -0.93 -20.30 13.91
CA LYS C 184 -0.64 -21.71 13.86
C LYS C 184 -1.78 -22.55 14.46
N GLY C 185 -2.30 -22.16 15.62
CA GLY C 185 -3.35 -22.96 16.27
C GLY C 185 -4.68 -22.98 15.50
N ARG C 186 -5.08 -21.81 14.99
CA ARG C 186 -6.25 -21.72 14.12
C ARG C 186 -6.05 -22.56 12.84
N HIS C 187 -4.87 -22.49 12.23
CA HIS C 187 -4.54 -23.40 11.14
C HIS C 187 -4.74 -24.85 11.41
N GLU C 188 -4.22 -25.30 12.55
CA GLU C 188 -4.31 -26.69 12.94
C GLU C 188 -5.76 -27.08 13.12
N GLU C 189 -6.51 -26.24 13.85
CA GLU C 189 -7.92 -26.43 14.06
C GLU C 189 -8.62 -26.69 12.75
N ILE C 190 -8.40 -25.80 11.78
CA ILE C 190 -9.13 -25.92 10.49
C ILE C 190 -8.68 -27.14 9.71
N ILE C 191 -7.38 -27.42 9.68
CA ILE C 191 -6.89 -28.60 8.98
C ILE C 191 -7.39 -29.92 9.58
N LYS C 192 -7.38 -30.03 10.91
CA LYS C 192 -7.96 -31.19 11.58
C LYS C 192 -9.47 -31.29 11.29
N GLY C 193 -10.15 -30.13 11.28
CA GLY C 193 -11.54 -30.08 10.85
C GLY C 193 -11.79 -30.58 9.44
N LEU C 194 -10.98 -30.12 8.49
CA LEU C 194 -11.08 -30.58 7.10
C LEU C 194 -10.94 -32.09 6.97
N GLN C 195 -10.03 -32.69 7.75
CA GLN C 195 -9.86 -34.13 7.68
C GLN C 195 -11.16 -34.89 7.94
N LYS C 196 -11.98 -34.36 8.85
CA LYS C 196 -13.25 -34.97 9.23
C LYS C 196 -14.40 -34.64 8.33
N ILE C 197 -14.22 -33.65 7.45
CA ILE C 197 -15.34 -33.25 6.62
C ILE C 197 -15.97 -34.38 5.76
N PRO C 198 -15.16 -35.17 5.00
CA PRO C 198 -15.79 -36.17 4.15
C PRO C 198 -16.73 -37.15 4.91
N GLU C 199 -16.29 -37.62 6.07
CA GLU C 199 -17.14 -38.54 6.85
C GLU C 199 -18.36 -37.83 7.44
N GLN C 200 -18.23 -36.57 7.86
CA GLN C 200 -19.40 -35.79 8.32
C GLN C 200 -20.41 -35.53 7.22
N ILE C 201 -19.90 -35.33 6.01
CA ILE C 201 -20.81 -35.23 4.88
C ILE C 201 -21.59 -36.55 4.73
N LYS C 202 -20.91 -37.68 4.83
CA LYS C 202 -21.62 -38.98 4.81
C LYS C 202 -22.77 -39.01 5.81
N GLN C 203 -22.49 -38.54 7.03
CA GLN C 203 -23.48 -38.44 8.11
C GLN C 203 -24.68 -37.56 7.78
N VAL C 204 -24.42 -36.38 7.22
CA VAL C 204 -25.49 -35.44 6.92
C VAL C 204 -26.43 -36.01 5.86
N LEU C 205 -25.84 -36.77 4.94
CA LEU C 205 -26.62 -37.40 3.84
C LEU C 205 -27.68 -38.38 4.34
N LYS C 206 -27.50 -38.83 5.58
CA LYS C 206 -28.49 -39.70 6.27
C LYS C 206 -29.79 -38.98 6.64
N LEU C 207 -29.75 -37.66 6.63
CA LEU C 207 -31.00 -36.89 6.71
C LEU C 207 -31.97 -37.03 5.53
N GLU C 208 -31.58 -37.67 4.44
CA GLU C 208 -32.41 -37.62 3.24
C GLU C 208 -33.86 -38.12 3.50
N ASN C 209 -34.03 -39.23 4.22
CA ASN C 209 -35.40 -39.70 4.52
C ASN C 209 -36.26 -38.69 5.26
N LYS C 210 -35.70 -38.08 6.32
CA LYS C 210 -36.39 -37.03 7.08
C LYS C 210 -36.76 -35.89 6.13
N ILE C 211 -35.84 -35.59 5.20
CA ILE C 211 -36.05 -34.51 4.22
C ILE C 211 -37.14 -34.85 3.18
N LYS C 212 -37.14 -36.07 2.68
CA LYS C 212 -38.20 -36.53 1.77
C LYS C 212 -39.58 -36.47 2.43
N ASP C 213 -39.64 -36.76 3.73
CA ASP C 213 -40.88 -36.70 4.55
C ASP C 213 -41.35 -35.28 4.75
N LEU C 214 -40.40 -34.41 5.06
CA LEU C 214 -40.68 -33.00 5.22
C LEU C 214 -41.19 -32.39 3.93
N CYS C 215 -40.63 -32.78 2.78
CA CYS C 215 -41.12 -32.25 1.50
C CYS C 215 -42.52 -32.77 1.18
N ASN C 216 -42.76 -34.02 1.54
CA ASN C 216 -44.05 -34.65 1.29
C ASN C 216 -45.18 -34.23 2.20
N SER C 217 -44.84 -33.60 3.31
CA SER C 217 -45.82 -33.29 4.34
C SER C 217 -46.00 -31.79 4.57
N SER C 218 -45.05 -30.99 4.10
CA SER C 218 -45.02 -29.55 4.45
C SER C 218 -44.55 -28.63 3.32
N LEU C 219 -43.98 -29.17 2.24
CA LEU C 219 -43.28 -28.31 1.29
C LEU C 219 -43.71 -28.39 -0.17
N ASN C 220 -44.09 -29.58 -0.63
CA ASN C 220 -44.37 -29.80 -2.08
C ASN C 220 -45.34 -28.80 -2.67
N ASP C 221 -46.37 -28.49 -1.89
CA ASP C 221 -47.51 -27.66 -2.29
C ASP C 221 -47.24 -26.16 -2.15
N GLN C 222 -46.04 -25.82 -1.67
CA GLN C 222 -45.70 -24.45 -1.28
C GLN C 222 -45.17 -23.68 -2.44
N LYS C 223 -45.42 -22.37 -2.44
CA LYS C 223 -45.09 -21.49 -3.55
C LYS C 223 -43.74 -20.76 -3.34
N SER C 224 -43.34 -20.64 -2.08
CA SER C 224 -42.17 -19.86 -1.67
C SER C 224 -41.56 -20.42 -0.41
N LEU C 225 -40.26 -20.22 -0.22
CA LEU C 225 -39.73 -20.40 1.12
C LEU C 225 -38.53 -19.54 1.44
N LEU C 226 -38.46 -19.16 2.71
CA LEU C 226 -37.51 -18.18 3.17
C LEU C 226 -36.40 -18.89 3.94
N LEU C 227 -35.16 -18.45 3.72
CA LEU C 227 -34.04 -18.96 4.52
C LEU C 227 -33.42 -17.84 5.34
N LEU C 228 -33.27 -18.06 6.66
CA LEU C 228 -32.70 -17.05 7.53
C LEU C 228 -31.27 -17.44 7.94
N GLY C 229 -30.32 -16.52 7.78
CA GLY C 229 -28.93 -16.83 8.16
C GLY C 229 -28.16 -15.55 8.46
N ARG C 230 -27.06 -15.68 9.19
CA ARG C 230 -26.24 -14.56 9.58
C ARG C 230 -24.81 -15.09 9.71
N GLY C 231 -23.84 -14.18 9.61
CA GLY C 231 -22.42 -14.54 9.76
C GLY C 231 -22.00 -15.56 8.73
N TYR C 232 -21.33 -16.63 9.17
CA TYR C 232 -20.88 -17.65 8.26
C TYR C 232 -22.02 -18.30 7.46
N GLN C 233 -23.21 -18.35 8.05
CA GLN C 233 -24.31 -19.04 7.37
C GLN C 233 -25.19 -18.13 6.48
N PHE C 234 -24.83 -16.85 6.34
CA PHE C 234 -25.59 -16.05 5.36
C PHE C 234 -25.35 -16.56 3.96
N ALA C 235 -24.11 -16.85 3.59
CA ALA C 235 -23.87 -17.44 2.25
C ALA C 235 -24.71 -18.71 2.00
N THR C 236 -24.78 -19.55 3.05
CA THR C 236 -25.54 -20.79 2.96
C THR C 236 -27.01 -20.49 2.65
N ALA C 237 -27.53 -19.45 3.29
CA ALA C 237 -28.93 -19.06 3.05
C ALA C 237 -29.15 -18.55 1.62
N LEU C 238 -28.21 -17.77 1.09
CA LEU C 238 -28.29 -17.31 -0.30
C LEU C 238 -28.18 -18.47 -1.28
N GLU C 239 -27.31 -19.44 -0.99
CA GLU C 239 -27.11 -20.58 -1.86
C GLU C 239 -28.32 -21.53 -1.84
N GLY C 240 -28.86 -21.75 -0.65
CA GLY C 240 -30.11 -22.53 -0.52
C GLY C 240 -31.25 -21.90 -1.32
N ALA C 241 -31.41 -20.58 -1.21
CA ALA C 241 -32.42 -19.85 -1.97
C ALA C 241 -32.24 -20.03 -3.49
N LEU C 242 -31.00 -19.91 -3.95
CA LEU C 242 -30.66 -20.16 -5.37
C LEU C 242 -30.94 -21.58 -5.83
N LYS C 243 -30.65 -22.57 -4.98
CA LYS C 243 -30.94 -23.93 -5.34
C LYS C 243 -32.46 -24.09 -5.49
N ILE C 244 -33.21 -23.58 -4.52
CA ILE C 244 -34.65 -23.77 -4.49
C ILE C 244 -35.22 -23.08 -5.71
N LYS C 245 -34.76 -21.84 -6.00
CA LYS C 245 -35.17 -21.13 -7.23
C LYS C 245 -34.85 -21.85 -8.52
N GLU C 246 -33.62 -22.33 -8.66
CA GLU C 246 -33.15 -22.87 -9.95
C GLU C 246 -33.56 -24.30 -10.22
N ILE C 247 -33.51 -25.12 -9.19
CA ILE C 247 -33.77 -26.56 -9.30
C ILE C 247 -35.30 -26.79 -9.21
N SER C 248 -35.91 -26.25 -8.16
CA SER C 248 -37.30 -26.57 -7.80
C SER C 248 -38.34 -25.67 -8.42
N TYR C 249 -37.94 -24.52 -8.97
CA TYR C 249 -38.89 -23.58 -9.56
C TYR C 249 -39.94 -23.18 -8.53
N MET C 250 -39.49 -22.73 -7.37
CA MET C 250 -40.32 -22.20 -6.31
C MET C 250 -39.64 -20.88 -5.91
N HIS C 251 -40.38 -19.86 -5.45
CA HIS C 251 -39.72 -18.62 -5.00
C HIS C 251 -38.92 -18.89 -3.74
N SER C 252 -37.76 -18.24 -3.59
CA SER C 252 -37.02 -18.37 -2.35
C SER C 252 -36.18 -17.13 -2.17
N GLU C 253 -35.94 -16.77 -0.92
CA GLU C 253 -35.09 -15.60 -0.65
C GLU C 253 -34.24 -15.93 0.56
N GLY C 254 -32.94 -15.66 0.51
CA GLY C 254 -32.08 -15.72 1.71
C GLY C 254 -32.13 -14.38 2.43
N VAL C 255 -32.34 -14.40 3.73
CA VAL C 255 -32.62 -13.20 4.47
C VAL C 255 -31.58 -13.04 5.57
N LEU C 256 -31.01 -11.85 5.72
CA LEU C 256 -30.05 -11.65 6.82
C LEU C 256 -30.79 -11.60 8.17
N ALA C 257 -30.68 -12.66 8.96
CA ALA C 257 -31.62 -12.90 10.08
C ALA C 257 -31.67 -11.79 11.12
N GLY C 258 -32.86 -11.22 11.33
CA GLY C 258 -33.08 -10.26 12.42
C GLY C 258 -32.51 -8.89 12.12
N GLU C 259 -32.01 -8.69 10.89
CA GLU C 259 -31.47 -7.39 10.49
C GLU C 259 -32.57 -6.35 10.57
N LEU C 260 -33.71 -6.62 9.90
CA LEU C 260 -34.87 -5.74 9.98
C LEU C 260 -35.86 -6.26 11.03
N LYS C 261 -36.30 -5.38 11.92
CA LYS C 261 -37.36 -5.78 12.84
C LYS C 261 -38.73 -5.81 12.14
N HIS C 262 -38.96 -4.89 11.20
CA HIS C 262 -40.25 -4.78 10.52
C HIS C 262 -40.19 -5.16 9.04
N GLY C 263 -39.34 -6.14 8.73
CA GLY C 263 -39.12 -6.55 7.35
C GLY C 263 -40.02 -7.72 6.99
N ILE C 264 -39.53 -8.56 6.09
CA ILE C 264 -40.28 -9.70 5.60
C ILE C 264 -40.92 -10.55 6.71
N LEU C 265 -40.21 -10.74 7.83
CA LEU C 265 -40.68 -11.61 8.92
C LEU C 265 -41.86 -11.03 9.70
N ALA C 266 -41.95 -9.71 9.73
CA ALA C 266 -43.14 -9.03 10.26
C ALA C 266 -44.33 -9.23 9.30
N LEU C 267 -44.08 -9.80 8.12
CA LEU C 267 -45.06 -9.88 7.05
C LEU C 267 -45.52 -11.30 6.74
N VAL C 268 -44.71 -12.28 7.12
CA VAL C 268 -44.94 -13.68 6.73
C VAL C 268 -46.26 -14.31 7.24
N ASP C 269 -46.79 -15.21 6.40
CA ASP C 269 -47.95 -16.04 6.74
C ASP C 269 -47.57 -17.06 7.84
N GLU C 270 -48.58 -17.68 8.45
CA GLU C 270 -48.33 -18.70 9.48
C GLU C 270 -47.84 -20.02 8.87
N ASP C 271 -48.14 -20.21 7.59
CA ASP C 271 -47.88 -21.48 6.92
C ASP C 271 -46.65 -21.42 6.02
N LEU C 272 -46.14 -20.21 5.75
CA LEU C 272 -44.96 -20.04 4.90
C LEU C 272 -43.79 -20.83 5.45
N PRO C 273 -43.14 -21.64 4.59
CA PRO C 273 -41.98 -22.41 5.05
C PRO C 273 -40.75 -21.52 5.31
N ILE C 274 -40.18 -21.64 6.50
CA ILE C 274 -39.00 -20.87 6.90
C ILE C 274 -37.93 -21.78 7.50
N ILE C 275 -36.73 -21.69 6.92
CA ILE C 275 -35.59 -22.47 7.35
C ILE C 275 -34.64 -21.51 8.02
N ALA C 276 -34.18 -21.86 9.22
CA ALA C 276 -33.24 -21.04 9.93
C ALA C 276 -31.95 -21.80 10.20
N PHE C 277 -30.85 -21.16 9.85
CA PHE C 277 -29.55 -21.64 10.30
C PHE C 277 -29.22 -21.22 11.73
N ALA C 278 -29.12 -22.23 12.59
CA ALA C 278 -28.90 -21.99 14.00
C ALA C 278 -27.83 -22.94 14.54
N THR C 279 -26.81 -23.22 13.70
CA THR C 279 -25.64 -23.93 14.15
C THR C 279 -24.78 -22.97 14.98
N ARG C 280 -23.95 -23.52 15.86
CA ARG C 280 -23.29 -22.74 16.92
C ARG C 280 -22.41 -21.62 16.39
N ASP C 281 -21.83 -21.81 15.20
CA ASP C 281 -20.92 -20.82 14.57
C ASP C 281 -21.61 -19.53 14.20
N SER C 282 -22.94 -19.59 14.03
CA SER C 282 -23.72 -18.42 13.56
C SER C 282 -24.96 -18.23 14.41
N LEU C 283 -24.88 -18.62 15.68
CA LEU C 283 -26.02 -18.48 16.59
C LEU C 283 -26.02 -17.12 17.29
N PHE C 284 -26.39 -16.08 16.55
CA PHE C 284 -26.30 -14.71 17.04
C PHE C 284 -27.58 -14.35 17.77
N PRO C 285 -27.53 -13.41 18.74
CA PRO C 285 -28.80 -12.85 19.26
C PRO C 285 -29.85 -12.47 18.20
N LYS C 286 -29.41 -11.89 17.06
CA LYS C 286 -30.35 -11.50 15.99
C LYS C 286 -30.96 -12.72 15.33
N VAL C 287 -30.25 -13.85 15.32
CA VAL C 287 -30.84 -15.11 14.80
C VAL C 287 -31.96 -15.62 15.75
N MET C 288 -31.67 -15.65 17.05
CA MET C 288 -32.67 -16.01 18.07
C MET C 288 -33.91 -15.13 17.98
N SER C 289 -33.74 -13.81 17.96
CA SER C 289 -34.87 -12.85 17.74
C SER C 289 -35.69 -13.12 16.49
N ALA C 290 -35.02 -13.31 15.34
CA ALA C 290 -35.74 -13.74 14.13
C ALA C 290 -36.59 -15.01 14.32
N ILE C 291 -35.99 -16.04 14.93
CA ILE C 291 -36.72 -17.28 15.19
C ILE C 291 -37.92 -16.98 16.11
N GLU C 292 -37.71 -16.21 17.18
CA GLU C 292 -38.80 -15.79 18.10
C GLU C 292 -39.93 -15.20 17.27
N GLN C 293 -39.58 -14.25 16.41
CA GLN C 293 -40.55 -13.48 15.64
C GLN C 293 -41.41 -14.38 14.79
N VAL C 294 -40.82 -15.46 14.28
CA VAL C 294 -41.58 -16.46 13.56
C VAL C 294 -42.48 -17.25 14.53
N THR C 295 -41.89 -17.68 15.64
CA THR C 295 -42.51 -18.59 16.59
C THR C 295 -43.73 -17.97 17.29
N ALA C 296 -43.72 -16.65 17.46
CA ALA C 296 -44.82 -15.94 18.10
C ALA C 296 -46.00 -15.77 17.16
N ARG C 297 -45.73 -15.64 15.85
CA ARG C 297 -46.75 -15.58 14.79
C ARG C 297 -47.30 -16.95 14.40
N ASP C 298 -46.79 -17.99 15.06
CA ASP C 298 -47.19 -19.39 14.82
C ASP C 298 -46.71 -20.03 13.52
N GLY C 299 -45.70 -19.41 12.90
CA GLY C 299 -44.91 -20.10 11.91
C GLY C 299 -44.21 -21.23 12.65
N ARG C 300 -44.01 -22.33 11.95
CA ARG C 300 -43.19 -23.43 12.48
C ARG C 300 -41.85 -23.51 11.73
N PRO C 301 -40.79 -22.87 12.24
CA PRO C 301 -39.51 -22.89 11.49
C PRO C 301 -38.90 -24.27 11.36
N ILE C 302 -38.18 -24.50 10.27
CA ILE C 302 -37.30 -25.64 10.11
C ILE C 302 -35.91 -25.21 10.54
N VAL C 303 -35.42 -25.79 11.62
CA VAL C 303 -34.18 -25.36 12.25
C VAL C 303 -33.04 -26.32 11.90
N ILE C 304 -32.06 -25.80 11.17
CA ILE C 304 -30.82 -26.54 10.96
C ILE C 304 -29.89 -26.13 12.09
N CYS C 305 -29.50 -27.11 12.93
CA CYS C 305 -28.72 -26.85 14.12
C CYS C 305 -27.75 -27.99 14.41
N ASN C 306 -26.86 -27.81 15.37
CA ASN C 306 -25.91 -28.87 15.68
C ASN C 306 -26.57 -29.97 16.53
N GLU C 307 -26.09 -31.20 16.34
CA GLU C 307 -26.60 -32.39 17.00
C GLU C 307 -26.70 -32.13 18.49
N GLY C 308 -27.89 -32.36 19.04
CA GLY C 308 -28.09 -32.25 20.47
C GLY C 308 -28.61 -30.92 20.93
N ASP C 309 -28.48 -29.90 20.08
CA ASP C 309 -28.87 -28.53 20.49
C ASP C 309 -30.38 -28.32 20.52
N ALA C 310 -30.84 -27.61 21.57
CA ALA C 310 -32.24 -27.28 21.75
C ALA C 310 -32.42 -25.78 21.48
N ILE C 311 -32.67 -25.42 20.23
CA ILE C 311 -32.73 -24.00 19.86
C ILE C 311 -34.02 -23.34 20.35
N ILE C 312 -35.15 -23.99 20.10
CA ILE C 312 -36.45 -23.54 20.64
C ILE C 312 -37.19 -24.70 21.32
N SER C 313 -38.25 -24.37 22.07
CA SER C 313 -39.09 -25.35 22.78
C SER C 313 -39.66 -26.43 21.87
N ASP C 315 -42.79 -27.00 23.31
CA ASP C 315 -43.99 -26.16 23.39
C ASP C 315 -44.20 -25.50 22.05
N LYS C 316 -43.14 -24.86 21.56
CA LYS C 316 -43.11 -24.18 20.28
C LYS C 316 -42.83 -25.18 19.16
N VAL C 317 -43.82 -25.36 18.29
CA VAL C 317 -43.77 -26.33 17.19
C VAL C 317 -42.75 -25.98 16.08
N HIS C 318 -41.84 -26.91 15.77
CA HIS C 318 -40.85 -26.73 14.70
C HIS C 318 -40.27 -28.06 14.23
N THR C 319 -39.70 -28.09 13.01
CA THR C 319 -38.91 -29.22 12.51
C THR C 319 -37.43 -28.93 12.70
N THR C 320 -36.68 -29.96 13.11
CA THR C 320 -35.27 -29.90 13.36
C THR C 320 -34.50 -30.78 12.37
N LEU C 321 -33.44 -30.23 11.78
CA LEU C 321 -32.49 -31.02 10.99
C LEU C 321 -31.12 -30.83 11.65
N GLU C 322 -30.63 -31.88 12.29
CA GLU C 322 -29.39 -31.79 13.03
C GLU C 322 -28.20 -32.14 12.19
N VAL C 323 -27.12 -31.36 12.33
CA VAL C 323 -25.90 -31.64 11.57
C VAL C 323 -24.73 -31.70 12.54
N PRO C 324 -23.66 -32.46 12.20
CA PRO C 324 -22.48 -32.52 13.03
C PRO C 324 -21.86 -31.14 13.23
N GLU C 325 -21.23 -30.91 14.39
CA GLU C 325 -20.55 -29.67 14.59
C GLU C 325 -19.14 -29.78 13.99
N THR C 326 -18.75 -28.78 13.23
CA THR C 326 -17.38 -28.77 12.71
C THR C 326 -16.76 -27.42 13.14
N VAL C 327 -15.54 -27.12 12.69
CA VAL C 327 -14.95 -25.79 12.92
C VAL C 327 -15.89 -24.70 12.33
N ASP C 328 -15.99 -23.57 13.02
CA ASP C 328 -16.96 -22.52 12.62
C ASP C 328 -16.94 -22.20 11.11
N CYS C 329 -15.75 -21.96 10.56
CA CYS C 329 -15.64 -21.53 9.18
C CYS C 329 -15.89 -22.68 8.17
N LEU C 330 -16.05 -23.94 8.65
CA LEU C 330 -16.33 -25.10 7.83
C LEU C 330 -17.79 -25.55 7.89
N GLN C 331 -18.54 -25.00 8.80
CA GLN C 331 -19.88 -25.48 9.09
C GLN C 331 -20.76 -25.37 7.88
N GLY C 332 -20.52 -24.34 7.06
CA GLY C 332 -21.28 -24.18 5.81
C GLY C 332 -21.20 -25.33 4.84
N LEU C 333 -20.10 -26.09 4.90
CA LEU C 333 -19.95 -27.28 4.09
C LEU C 333 -20.97 -28.36 4.41
N LEU C 334 -21.32 -28.49 5.69
CA LEU C 334 -22.36 -29.45 6.14
C LEU C 334 -23.75 -28.83 6.00
N ASN C 335 -23.90 -27.55 6.34
CA ASN C 335 -25.23 -26.91 6.33
C ASN C 335 -25.89 -26.82 4.98
N VAL C 336 -25.07 -26.78 3.90
CA VAL C 336 -25.64 -26.65 2.58
C VAL C 336 -26.30 -27.95 2.08
N ILE C 337 -25.85 -29.06 2.64
CA ILE C 337 -26.24 -30.36 2.10
C ILE C 337 -27.74 -30.63 2.23
N PRO C 338 -28.34 -30.38 3.41
CA PRO C 338 -29.79 -30.56 3.41
C PRO C 338 -30.54 -29.62 2.46
N LEU C 339 -29.99 -28.43 2.18
CA LEU C 339 -30.65 -27.60 1.16
C LEU C 339 -30.53 -28.14 -0.26
N GLN C 340 -29.41 -28.76 -0.58
CA GLN C 340 -29.26 -29.46 -1.82
C GLN C 340 -30.33 -30.55 -1.97
N LEU C 341 -30.49 -31.33 -0.91
CA LEU C 341 -31.46 -32.44 -0.89
C LEU C 341 -32.90 -31.92 -0.92
N ILE C 342 -33.18 -30.87 -0.14
CA ILE C 342 -34.50 -30.23 -0.20
C ILE C 342 -34.84 -29.82 -1.62
N SER C 343 -33.94 -29.07 -2.27
CA SER C 343 -34.21 -28.54 -3.60
C SER C 343 -34.41 -29.68 -4.60
N TYR C 344 -33.60 -30.74 -4.47
CA TYR C 344 -33.72 -31.90 -5.36
C TYR C 344 -35.08 -32.58 -5.24
N TRP C 345 -35.48 -32.90 -4.02
CA TRP C 345 -36.75 -33.60 -3.76
C TRP C 345 -37.96 -32.73 -4.07
N LEU C 346 -37.87 -31.44 -3.77
CA LEU C 346 -38.96 -30.55 -4.15
C LEU C 346 -39.17 -30.60 -5.64
N ALA C 347 -38.08 -30.60 -6.40
CA ALA C 347 -38.14 -30.68 -7.86
C ALA C 347 -38.68 -32.01 -8.42
N VAL C 348 -38.17 -33.15 -7.95
CA VAL C 348 -38.63 -34.43 -8.49
C VAL C 348 -40.10 -34.72 -8.12
N ASN C 349 -40.49 -34.37 -6.89
CA ASN C 349 -41.89 -34.38 -6.48
C ASN C 349 -42.77 -33.45 -7.31
N ARG C 350 -42.17 -32.71 -8.23
CA ARG C 350 -42.92 -31.81 -9.11
C ARG C 350 -42.80 -32.19 -10.59
N GLY C 351 -42.19 -33.35 -10.85
CA GLY C 351 -41.99 -33.81 -12.21
C GLY C 351 -40.87 -33.12 -12.97
N ILE C 352 -40.12 -32.23 -12.29
CA ILE C 352 -39.03 -31.46 -12.92
C ILE C 352 -37.80 -32.34 -13.16
N ASP C 353 -37.25 -32.30 -14.37
CA ASP C 353 -36.01 -33.03 -14.65
C ASP C 353 -34.78 -32.20 -14.28
N VAL C 354 -34.13 -32.56 -13.18
CA VAL C 354 -33.01 -31.79 -12.64
C VAL C 354 -31.67 -31.96 -13.39
N ASP C 355 -31.67 -32.86 -14.39
CA ASP C 355 -30.51 -33.08 -15.24
C ASP C 355 -30.71 -32.45 -16.61
N PRO D 4 -49.83 21.58 4.84
CA PRO D 4 -51.02 20.90 4.30
C PRO D 4 -50.79 19.40 4.01
N TYR D 5 -49.88 18.77 4.75
CA TYR D 5 -49.60 17.36 4.48
C TYR D 5 -50.37 16.42 5.42
N LYS D 6 -50.70 15.23 4.92
CA LYS D 6 -51.40 14.22 5.73
C LYS D 6 -50.48 13.62 6.82
N HIS D 7 -49.22 13.37 6.46
CA HIS D 7 -48.26 12.78 7.38
C HIS D 7 -46.91 13.44 7.21
N PHE D 8 -46.10 13.36 8.25
CA PHE D 8 -44.71 13.79 8.24
C PHE D 8 -43.91 13.12 7.14
N MET D 9 -44.17 11.84 6.87
CA MET D 9 -43.51 11.19 5.75
C MET D 9 -43.80 11.90 4.43
N GLN D 10 -45.07 12.23 4.15
CA GLN D 10 -45.37 12.90 2.89
C GLN D 10 -44.69 14.28 2.86
N LYS D 11 -44.73 15.01 3.97
CA LYS D 11 -44.10 16.32 4.08
C LYS D 11 -42.61 16.25 3.75
N GLU D 12 -41.93 15.25 4.31
CA GLU D 12 -40.49 15.08 4.14
C GLU D 12 -40.10 14.64 2.75
N ILE D 13 -40.94 13.79 2.12
CA ILE D 13 -40.75 13.53 0.70
C ILE D 13 -40.79 14.84 -0.08
N PHE D 14 -41.79 15.67 0.21
CA PHE D 14 -41.98 16.87 -0.58
C PHE D 14 -41.02 18.00 -0.22
N GLU D 15 -40.35 17.87 0.91
CA GLU D 15 -39.29 18.79 1.32
C GLU D 15 -37.97 18.59 0.53
N GLN D 16 -37.83 17.51 -0.25
CA GLN D 16 -36.54 17.14 -0.86
C GLN D 16 -35.90 18.19 -1.77
N PRO D 17 -36.71 18.95 -2.54
CA PRO D 17 -36.05 20.04 -3.25
C PRO D 17 -35.29 20.98 -2.33
N ASP D 18 -35.89 21.32 -1.18
CA ASP D 18 -35.24 22.17 -0.19
C ASP D 18 -34.09 21.46 0.53
N SER D 19 -34.28 20.21 0.92
CA SER D 19 -33.20 19.54 1.68
C SER D 19 -32.00 19.29 0.75
N ALA D 20 -32.26 18.99 -0.53
CA ALA D 20 -31.18 18.72 -1.47
C ALA D 20 -30.36 20.01 -1.65
N PHE D 21 -31.11 21.13 -1.73
CA PHE D 21 -30.49 22.47 -1.86
C PHE D 21 -29.70 22.83 -0.61
N ASN D 22 -30.25 22.55 0.57
CA ASN D 22 -29.56 22.85 1.82
C ASN D 22 -28.31 22.04 2.06
N THR D 23 -28.32 20.80 1.61
CA THR D 23 -27.11 19.96 1.65
C THR D 23 -25.94 20.59 0.90
N MET D 24 -26.22 21.22 -0.24
CA MET D 24 -25.19 21.77 -1.07
C MET D 24 -24.83 23.19 -0.68
N ARG D 25 -25.70 23.82 0.11
CA ARG D 25 -25.65 25.27 0.30
C ARG D 25 -24.33 25.65 0.91
N GLY D 26 -23.61 26.56 0.25
CA GLY D 26 -22.37 27.09 0.84
C GLY D 26 -21.21 26.13 0.64
N ARG D 27 -21.44 25.08 -0.15
CA ARG D 27 -20.46 24.02 -0.39
C ARG D 27 -20.11 23.80 -1.84
N ILE D 28 -20.95 24.26 -2.75
CA ILE D 28 -20.64 24.12 -4.17
C ILE D 28 -20.65 25.50 -4.82
N ASP D 29 -19.57 25.86 -5.49
CA ASP D 29 -19.55 27.05 -6.32
C ASP D 29 -19.93 26.52 -7.68
N PHE D 30 -21.15 26.82 -8.12
CA PHE D 30 -21.64 26.20 -9.35
C PHE D 30 -21.06 26.84 -10.61
N GLU D 31 -20.67 28.12 -10.50
CA GLU D 31 -19.98 28.86 -11.59
C GLU D 31 -18.54 28.37 -11.83
N ASN D 32 -17.74 28.35 -10.77
CA ASN D 32 -16.37 27.88 -10.89
C ASN D 32 -16.17 26.37 -10.79
N CYS D 33 -17.27 25.64 -10.44
CA CYS D 33 -17.25 24.17 -10.28
C CYS D 33 -16.27 23.74 -9.19
N VAL D 34 -16.45 24.29 -8.00
CA VAL D 34 -15.59 24.00 -6.84
C VAL D 34 -16.42 23.51 -5.67
N VAL D 35 -16.11 22.29 -5.17
CA VAL D 35 -16.74 21.80 -3.93
C VAL D 35 -15.87 22.07 -2.69
N THR D 36 -16.45 22.64 -1.65
CA THR D 36 -15.72 22.92 -0.41
C THR D 36 -16.46 22.41 0.77
N LEU D 37 -15.97 21.30 1.36
CA LEU D 37 -16.56 20.73 2.55
C LEU D 37 -15.70 21.14 3.74
N GLY D 38 -16.17 22.13 4.49
CA GLY D 38 -15.41 22.74 5.59
C GLY D 38 -14.95 21.71 6.61
N GLY D 39 -15.84 20.77 6.94
CA GLY D 39 -15.57 19.72 7.90
C GLY D 39 -14.43 18.79 7.52
N LEU D 40 -14.06 18.77 6.25
CA LEU D 40 -13.07 17.79 5.81
C LEU D 40 -11.82 18.41 5.26
N LYS D 41 -11.81 19.73 5.09
CA LYS D 41 -10.90 20.27 4.08
C LYS D 41 -9.40 20.03 4.41
N SER D 42 -9.04 20.13 5.70
CA SER D 42 -7.69 19.77 6.18
C SER D 42 -7.36 18.28 6.19
N TRP D 43 -8.37 17.43 5.94
CA TRP D 43 -8.21 16.02 6.12
C TRP D 43 -8.11 15.28 4.82
N LEU D 44 -8.46 15.96 3.72
CA LEU D 44 -8.57 15.30 2.43
C LEU D 44 -7.26 14.65 2.04
N SER D 45 -6.12 15.32 2.30
CA SER D 45 -4.89 14.75 1.80
C SER D 45 -4.59 13.47 2.54
N THR D 46 -4.98 13.41 3.81
CA THR D 46 -4.79 12.21 4.61
C THR D 46 -5.82 11.15 4.22
N ILE D 47 -7.09 11.56 4.03
CA ILE D 47 -8.11 10.58 3.67
C ILE D 47 -7.67 9.81 2.44
N ARG D 48 -7.16 10.53 1.45
CA ARG D 48 -6.71 10.05 0.15
C ARG D 48 -5.51 9.08 0.15
N ARG D 49 -4.77 9.06 1.26
CA ARG D 49 -3.55 8.26 1.46
C ARG D 49 -3.97 7.11 2.36
N CYS D 50 -4.85 6.26 1.86
CA CYS D 50 -5.21 5.09 2.63
C CYS D 50 -5.08 3.90 1.72
N ARG D 51 -5.09 2.72 2.31
CA ARG D 51 -5.07 1.51 1.51
C ARG D 51 -6.44 1.38 0.79
N ARG D 52 -7.50 1.75 1.50
CA ARG D 52 -8.87 1.57 0.98
C ARG D 52 -9.88 2.26 1.83
N ILE D 53 -11.08 2.45 1.26
CA ILE D 53 -12.17 3.10 1.96
C ILE D 53 -13.23 2.05 2.30
N ILE D 54 -13.66 2.03 3.56
CA ILE D 54 -14.77 1.16 3.94
C ILE D 54 -15.97 2.02 4.36
N MET D 55 -17.09 1.91 3.62
CA MET D 55 -18.32 2.64 3.98
C MET D 55 -19.13 1.71 4.84
N ILE D 56 -19.57 2.19 6.02
CA ILE D 56 -20.24 1.30 6.98
C ILE D 56 -21.54 1.97 7.42
N ALA D 57 -22.67 1.27 7.32
CA ALA D 57 -23.94 1.87 7.66
C ALA D 57 -25.01 0.79 7.78
N CYS D 58 -26.21 1.19 8.21
CA CYS D 58 -27.37 0.29 8.38
C CYS D 58 -28.49 0.80 7.53
N GLY D 59 -29.35 -0.12 7.05
CA GLY D 59 -30.64 0.28 6.46
C GLY D 59 -30.50 1.19 5.26
N THR D 60 -31.33 2.23 5.20
CA THR D 60 -31.35 3.15 4.11
C THR D 60 -30.00 3.85 4.00
N SER D 61 -29.32 4.10 5.14
CA SER D 61 -27.99 4.71 5.02
C SER D 61 -26.97 3.80 4.32
N TYR D 62 -27.06 2.49 4.55
CA TYR D 62 -26.29 1.48 3.78
C TYR D 62 -26.64 1.58 2.28
N HIS D 63 -27.92 1.78 1.96
CA HIS D 63 -28.30 1.97 0.55
C HIS D 63 -27.65 3.20 -0.05
N SER D 64 -27.53 4.29 0.70
CA SER D 64 -26.96 5.50 0.08
C SER D 64 -25.45 5.25 -0.25
N CYS D 65 -24.81 4.37 0.51
CA CYS D 65 -23.43 3.91 0.28
C CYS D 65 -23.37 3.11 -1.02
N LEU D 66 -24.26 2.14 -1.16
CA LEU D 66 -24.35 1.37 -2.39
C LEU D 66 -24.60 2.25 -3.60
N ALA D 67 -25.47 3.25 -3.42
CA ALA D 67 -25.84 4.15 -4.53
C ALA D 67 -24.66 5.01 -5.02
N THR D 68 -23.65 5.22 -4.17
CA THR D 68 -22.53 6.11 -4.52
C THR D 68 -21.14 5.42 -4.59
N ARG D 69 -21.09 4.12 -4.35
CA ARG D 69 -19.85 3.35 -4.37
C ARG D 69 -19.15 3.54 -5.74
N SER D 70 -19.91 3.41 -6.83
CA SER D 70 -19.31 3.42 -8.18
C SER D 70 -18.64 4.77 -8.45
N ILE D 71 -19.34 5.84 -8.12
CA ILE D 71 -18.78 7.19 -8.38
C ILE D 71 -17.57 7.48 -7.48
N PHE D 72 -17.57 7.01 -6.24
CA PHE D 72 -16.34 7.08 -5.43
C PHE D 72 -15.18 6.31 -6.05
N GLU D 73 -15.44 5.10 -6.55
CA GLU D 73 -14.31 4.31 -7.09
CA GLU D 73 -14.38 4.26 -7.16
C GLU D 73 -13.85 4.95 -8.39
N GLU D 74 -14.80 5.42 -9.22
CA GLU D 74 -14.48 6.07 -10.49
C GLU D 74 -13.63 7.32 -10.30
N LEU D 75 -14.06 8.20 -9.41
CA LEU D 75 -13.42 9.51 -9.31
C LEU D 75 -12.10 9.38 -8.55
N THR D 76 -12.04 8.50 -7.55
CA THR D 76 -10.84 8.47 -6.69
C THR D 76 -9.83 7.39 -6.97
N GLU D 77 -10.24 6.29 -7.63
CA GLU D 77 -9.32 5.16 -7.89
C GLU D 77 -8.77 4.57 -6.60
N ILE D 78 -9.50 4.79 -5.50
CA ILE D 78 -9.21 4.13 -4.20
C ILE D 78 -10.20 2.96 -4.13
N PRO D 79 -9.75 1.74 -3.73
CA PRO D 79 -10.78 0.71 -3.49
C PRO D 79 -11.81 1.14 -2.46
N VAL D 80 -13.10 0.81 -2.71
CA VAL D 80 -14.21 1.18 -1.85
C VAL D 80 -15.08 -0.04 -1.65
N SER D 81 -15.27 -0.38 -0.39
CA SER D 81 -16.24 -1.45 -0.14
C SER D 81 -17.32 -0.91 0.79
N VAL D 82 -18.48 -1.56 0.75
CA VAL D 82 -19.65 -1.09 1.45
C VAL D 82 -20.10 -2.25 2.31
N GLU D 83 -20.19 -1.97 3.61
CA GLU D 83 -20.51 -2.93 4.63
C GLU D 83 -21.76 -2.54 5.44
N LEU D 84 -22.57 -3.54 5.73
CA LEU D 84 -23.67 -3.38 6.62
C LEU D 84 -23.08 -3.48 8.02
N ALA D 85 -23.32 -2.50 8.88
CA ALA D 85 -22.60 -2.45 10.16
C ALA D 85 -22.69 -3.76 10.96
N SER D 86 -23.87 -4.40 11.01
CA SER D 86 -24.02 -5.59 11.82
C SER D 86 -23.22 -6.77 11.25
N ASP D 87 -23.21 -6.90 9.93
CA ASP D 87 -22.48 -7.99 9.28
C ASP D 87 -20.97 -7.77 9.39
N PHE D 88 -20.58 -6.51 9.29
CA PHE D 88 -19.16 -6.12 9.47
C PHE D 88 -18.65 -6.60 10.82
N LEU D 89 -19.46 -6.36 11.88
CA LEU D 89 -19.16 -6.80 13.24
C LEU D 89 -19.22 -8.32 13.39
N ASP D 90 -20.24 -8.93 12.80
CA ASP D 90 -20.39 -10.39 12.79
C ASP D 90 -19.18 -11.15 12.29
N ARG D 91 -18.56 -10.63 11.22
CA ARG D 91 -17.39 -11.25 10.61
CA ARG D 91 -17.37 -11.20 10.57
C ARG D 91 -16.07 -10.87 11.29
N ARG D 92 -16.14 -9.94 12.24
CA ARG D 92 -14.94 -9.43 12.92
C ARG D 92 -13.90 -8.97 11.86
N SER D 93 -14.38 -8.20 10.90
CA SER D 93 -13.58 -7.78 9.79
C SER D 93 -12.35 -7.02 10.28
N PRO D 94 -11.14 -7.49 9.90
CA PRO D 94 -9.95 -6.77 10.34
C PRO D 94 -9.92 -5.34 9.80
N VAL D 95 -9.53 -4.38 10.62
CA VAL D 95 -9.31 -3.04 10.08
C VAL D 95 -8.05 -2.50 10.74
N PHE D 96 -7.40 -1.60 10.04
CA PHE D 96 -6.05 -1.20 10.43
C PHE D 96 -5.88 0.30 10.21
N ARG D 97 -4.71 0.80 10.61
CA ARG D 97 -4.37 2.22 10.55
CA ARG D 97 -4.44 2.23 10.59
C ARG D 97 -4.54 2.81 9.18
N ASP D 98 -4.32 1.95 8.15
CA ASP D 98 -4.34 2.39 6.74
C ASP D 98 -5.75 2.41 6.14
N ASP D 99 -6.76 2.14 6.95
CA ASP D 99 -8.14 2.11 6.40
C ASP D 99 -8.77 3.45 6.67
N THR D 100 -9.52 3.97 5.70
CA THR D 100 -10.41 5.11 5.99
C THR D 100 -11.84 4.56 6.10
N CYS D 101 -12.47 4.69 7.27
CA CYS D 101 -13.82 4.11 7.47
C CYS D 101 -14.81 5.26 7.50
N VAL D 102 -15.83 5.18 6.64
CA VAL D 102 -16.77 6.26 6.42
C VAL D 102 -18.10 5.76 6.94
N PHE D 103 -18.64 6.45 7.96
CA PHE D 103 -19.88 6.05 8.61
C PHE D 103 -21.00 6.99 8.20
N VAL D 104 -22.04 6.45 7.59
CA VAL D 104 -23.21 7.23 7.21
C VAL D 104 -24.38 6.95 8.15
N SER D 105 -24.95 7.99 8.75
CA SER D 105 -26.04 7.76 9.70
C SER D 105 -26.85 9.03 9.78
N GLN D 106 -28.16 8.94 9.56
CA GLN D 106 -29.03 10.14 9.76
C GLN D 106 -29.00 10.55 11.25
N SER D 107 -29.40 9.63 12.13
CA SER D 107 -29.47 9.86 13.57
C SER D 107 -28.12 10.09 14.27
N GLY D 108 -27.07 9.43 13.75
CA GLY D 108 -25.79 9.37 14.47
C GLY D 108 -25.91 8.60 15.80
N GLU D 109 -27.00 7.86 15.99
CA GLU D 109 -27.18 7.09 17.23
C GLU D 109 -27.45 5.59 17.10
N THR D 110 -27.55 5.07 15.89
CA THR D 110 -27.83 3.67 15.63
C THR D 110 -26.83 2.76 16.26
N ALA D 111 -27.32 1.81 17.06
CA ALA D 111 -26.43 1.08 17.96
C ALA D 111 -25.33 0.34 17.19
N ASP D 112 -25.71 -0.37 16.12
CA ASP D 112 -24.71 -1.15 15.37
C ASP D 112 -23.67 -0.24 14.67
N SER D 113 -24.11 0.93 14.25
CA SER D 113 -23.17 1.88 13.62
C SER D 113 -22.19 2.39 14.65
N ILE D 114 -22.70 2.67 15.86
CA ILE D 114 -21.83 3.12 16.97
C ILE D 114 -20.79 2.05 17.35
N LEU D 115 -21.23 0.79 17.47
CA LEU D 115 -20.33 -0.29 17.85
C LEU D 115 -19.26 -0.46 16.78
N ALA D 116 -19.66 -0.32 15.51
CA ALA D 116 -18.71 -0.47 14.36
C ALA D 116 -17.70 0.66 14.40
N LEU D 117 -18.19 1.87 14.68
CA LEU D 117 -17.31 3.02 14.82
C LEU D 117 -16.22 2.78 15.91
N GLN D 118 -16.67 2.37 17.09
CA GLN D 118 -15.77 2.14 18.22
C GLN D 118 -14.77 1.03 17.92
N TYR D 119 -15.22 0.01 17.20
CA TYR D 119 -14.35 -1.08 16.76
C TYR D 119 -13.24 -0.57 15.88
N CYS D 120 -13.59 0.27 14.90
CA CYS D 120 -12.59 0.87 13.95
C CYS D 120 -11.63 1.82 14.65
N LEU D 121 -12.18 2.60 15.58
CA LEU D 121 -11.37 3.59 16.28
C LEU D 121 -10.34 2.87 17.14
N GLU D 122 -10.76 1.80 17.79
CA GLU D 122 -9.88 1.01 18.67
C GLU D 122 -8.76 0.38 17.84
N ARG D 123 -8.98 0.18 16.54
CA ARG D 123 -7.97 -0.46 15.69
C ARG D 123 -7.11 0.55 14.98
N GLY D 124 -7.33 1.84 15.24
CA GLY D 124 -6.45 2.91 14.71
C GLY D 124 -6.78 3.46 13.32
N ALA D 125 -7.93 3.06 12.79
CA ALA D 125 -8.37 3.56 11.48
C ALA D 125 -8.76 5.02 11.56
N LEU D 126 -8.70 5.70 10.45
CA LEU D 126 -9.20 7.06 10.33
C LEU D 126 -10.70 6.98 10.08
N THR D 127 -11.50 7.75 10.81
CA THR D 127 -12.96 7.60 10.69
C THR D 127 -13.58 8.93 10.21
N VAL D 128 -14.59 8.83 9.36
CA VAL D 128 -15.23 10.01 8.75
C VAL D 128 -16.71 9.79 8.90
N GLY D 129 -17.42 10.80 9.42
CA GLY D 129 -18.86 10.71 9.58
C GLY D 129 -19.58 11.52 8.51
N ILE D 130 -20.64 10.94 7.95
CA ILE D 130 -21.60 11.62 7.07
C ILE D 130 -22.91 11.55 7.81
N VAL D 131 -23.18 12.60 8.57
CA VAL D 131 -24.20 12.54 9.62
C VAL D 131 -25.20 13.71 9.55
N ASN D 132 -26.47 13.48 9.91
CA ASN D 132 -27.47 14.58 9.96
C ASN D 132 -27.62 15.30 11.31
N SER D 133 -27.74 14.52 12.39
CA SER D 133 -27.87 15.11 13.74
C SER D 133 -26.55 15.65 14.26
N VAL D 134 -26.42 16.96 14.27
CA VAL D 134 -25.21 17.65 14.68
C VAL D 134 -24.89 17.30 16.14
N GLY D 135 -23.65 16.87 16.40
CA GLY D 135 -23.26 16.52 17.77
C GLY D 135 -23.83 15.25 18.33
N SER D 136 -24.39 14.39 17.48
CA SER D 136 -24.79 13.05 17.91
C SER D 136 -23.50 12.26 18.17
N SER D 137 -23.64 11.08 18.77
CA SER D 137 -22.49 10.20 19.03
C SER D 137 -21.57 9.99 17.82
N MET D 138 -22.16 9.63 16.68
CA MET D 138 -21.37 9.35 15.49
C MET D 138 -20.69 10.62 15.00
N SER D 139 -21.37 11.77 15.14
CA SER D 139 -20.79 13.07 14.79
C SER D 139 -19.60 13.42 15.71
N ARG D 140 -19.80 13.32 17.01
CA ARG D 140 -18.67 13.60 17.95
C ARG D 140 -17.50 12.66 17.70
N GLN D 141 -17.78 11.37 17.64
CA GLN D 141 -16.76 10.32 17.77
C GLN D 141 -15.95 9.98 16.53
N THR D 142 -16.45 10.34 15.36
CA THR D 142 -15.65 10.29 14.14
C THR D 142 -14.58 11.40 14.16
N HIS D 143 -13.45 11.16 13.53
CA HIS D 143 -12.33 12.15 13.51
C HIS D 143 -12.72 13.43 12.79
N CYS D 144 -13.41 13.28 11.65
CA CYS D 144 -13.87 14.42 10.86
C CYS D 144 -15.15 14.00 10.14
N GLY D 145 -15.83 14.92 9.46
CA GLY D 145 -17.03 14.56 8.71
C GLY D 145 -17.78 15.70 8.04
N VAL D 146 -18.95 15.39 7.47
CA VAL D 146 -19.81 16.41 6.87
C VAL D 146 -21.16 16.24 7.54
N HIS D 147 -21.69 17.30 8.16
CA HIS D 147 -23.12 17.30 8.54
C HIS D 147 -23.95 17.58 7.32
N ILE D 148 -24.91 16.70 7.05
CA ILE D 148 -25.59 16.75 5.78
C ILE D 148 -26.64 17.88 5.67
N ASN D 149 -27.09 18.44 6.79
CA ASN D 149 -27.92 19.66 6.76
C ASN D 149 -29.27 19.44 6.04
N ALA D 150 -29.87 18.27 6.28
CA ALA D 150 -31.16 17.95 5.68
C ALA D 150 -32.29 18.51 6.53
N GLY D 151 -31.97 18.90 7.77
CA GLY D 151 -33.01 19.26 8.74
C GLY D 151 -33.54 18.04 9.46
N PRO D 152 -34.27 18.26 10.54
CA PRO D 152 -34.76 17.17 11.36
C PRO D 152 -35.65 16.27 10.56
N GLU D 153 -35.56 14.98 10.82
CA GLU D 153 -36.39 13.99 10.15
C GLU D 153 -37.33 13.39 11.19
N ILE D 154 -38.60 13.70 11.04
CA ILE D 154 -39.60 13.35 12.05
C ILE D 154 -40.45 12.18 11.59
N GLY D 155 -40.44 11.89 10.27
CA GLY D 155 -41.00 10.62 9.76
C GLY D 155 -40.26 9.42 10.34
N VAL D 156 -40.89 8.27 10.37
CA VAL D 156 -40.19 7.12 10.96
C VAL D 156 -39.30 6.41 9.94
N ALA D 157 -39.37 6.82 8.67
CA ALA D 157 -38.56 6.18 7.63
C ALA D 157 -37.73 7.23 6.91
N SER D 158 -36.60 6.81 6.34
CA SER D 158 -35.69 7.79 5.74
C SER D 158 -36.14 8.16 4.35
N THR D 159 -36.41 9.44 4.12
CA THR D 159 -36.73 9.86 2.76
C THR D 159 -35.73 10.93 2.33
N LYS D 160 -35.89 12.14 2.85
CA LYS D 160 -34.90 13.19 2.59
C LYS D 160 -33.50 12.85 3.13
N ALA D 161 -33.41 12.04 4.18
CA ALA D 161 -32.06 11.65 4.63
C ALA D 161 -31.32 10.89 3.55
N TYR D 162 -32.04 10.03 2.82
CA TYR D 162 -31.38 9.25 1.79
C TYR D 162 -30.82 10.14 0.68
N THR D 163 -31.64 11.05 0.17
CA THR D 163 -31.21 11.85 -0.96
C THR D 163 -30.14 12.84 -0.48
N SER D 164 -30.25 13.36 0.75
CA SER D 164 -29.21 14.25 1.29
C SER D 164 -27.89 13.52 1.56
N GLN D 165 -27.96 12.29 2.09
CA GLN D 165 -26.74 11.46 2.26
C GLN D 165 -26.09 11.21 0.94
N TYR D 166 -26.89 10.82 -0.04
CA TYR D 166 -26.36 10.50 -1.37
C TYR D 166 -25.63 11.76 -1.95
N ILE D 167 -26.25 12.94 -1.86
CA ILE D 167 -25.58 14.20 -2.31
C ILE D 167 -24.26 14.49 -1.56
N ALA D 168 -24.26 14.30 -0.25
CA ALA D 168 -23.07 14.56 0.61
C ALA D 168 -21.98 13.61 0.23
N LEU D 169 -22.36 12.38 -0.07
CA LEU D 169 -21.38 11.38 -0.46
C LEU D 169 -20.77 11.71 -1.84
N VAL D 170 -21.61 12.16 -2.76
CA VAL D 170 -21.11 12.56 -4.06
C VAL D 170 -20.15 13.77 -3.89
N MET D 171 -20.54 14.73 -3.06
CA MET D 171 -19.66 15.91 -2.77
C MET D 171 -18.31 15.50 -2.14
N PHE D 172 -18.35 14.49 -1.29
CA PHE D 172 -17.14 13.90 -0.71
C PHE D 172 -16.24 13.30 -1.78
N ALA D 173 -16.82 12.50 -2.68
CA ALA D 173 -16.06 11.92 -3.80
C ALA D 173 -15.44 13.01 -4.68
N LEU D 174 -16.23 14.03 -4.99
CA LEU D 174 -15.72 15.16 -5.75
C LEU D 174 -14.55 15.84 -5.02
N SER D 175 -14.71 16.02 -3.70
CA SER D 175 -13.67 16.66 -2.90
C SER D 175 -12.39 15.89 -2.95
N LEU D 176 -12.49 14.57 -2.76
CA LEU D 176 -11.31 13.68 -2.82
C LEU D 176 -10.59 13.71 -4.15
N SER D 177 -11.30 13.98 -5.22
CA SER D 177 -10.72 13.89 -6.55
C SER D 177 -10.53 15.25 -7.21
N ASN D 178 -10.50 16.30 -6.39
CA ASN D 178 -10.46 17.66 -6.96
C ASN D 178 -9.08 18.04 -7.55
N ASP D 179 -8.09 17.16 -7.45
CA ASP D 179 -6.77 17.52 -8.00
C ASP D 179 -6.47 16.86 -9.34
N SER D 180 -7.42 16.13 -9.88
CA SER D 180 -7.15 15.40 -11.11
C SER D 180 -7.54 16.26 -12.30
N ILE D 181 -6.59 16.51 -13.19
CA ILE D 181 -6.86 17.17 -14.48
C ILE D 181 -7.73 16.28 -15.38
N SER D 182 -7.42 14.99 -15.46
CA SER D 182 -8.13 14.08 -16.37
C SER D 182 -9.61 13.87 -15.99
N ARG D 183 -9.96 14.17 -14.75
CA ARG D 183 -11.32 13.96 -14.27
C ARG D 183 -12.04 15.29 -14.06
N LYS D 184 -11.38 16.37 -14.49
CA LYS D 184 -11.98 17.69 -14.45
C LYS D 184 -13.32 17.76 -15.23
N GLY D 185 -13.38 17.17 -16.43
CA GLY D 185 -14.63 17.28 -17.23
C GLY D 185 -15.78 16.58 -16.52
N ARG D 186 -15.47 15.39 -15.99
CA ARG D 186 -16.45 14.58 -15.25
C ARG D 186 -16.92 15.31 -13.99
N HIS D 187 -15.99 15.89 -13.24
CA HIS D 187 -16.33 16.76 -12.14
C HIS D 187 -17.27 17.86 -12.51
N GLU D 188 -16.95 18.57 -13.60
CA GLU D 188 -17.82 19.67 -14.02
C GLU D 188 -19.26 19.19 -14.35
N GLU D 189 -19.34 18.08 -15.04
CA GLU D 189 -20.60 17.50 -15.48
C GLU D 189 -21.47 17.19 -14.26
N ILE D 190 -20.85 16.55 -13.28
CA ILE D 190 -21.58 16.16 -12.07
C ILE D 190 -22.00 17.39 -11.30
N ILE D 191 -21.09 18.38 -11.18
CA ILE D 191 -21.44 19.60 -10.46
C ILE D 191 -22.57 20.38 -11.15
N LYS D 192 -22.51 20.45 -12.46
CA LYS D 192 -23.60 21.13 -13.21
C LYS D 192 -24.91 20.33 -13.06
N GLY D 193 -24.80 19.01 -13.04
CA GLY D 193 -25.95 18.14 -12.77
C GLY D 193 -26.50 18.35 -11.38
N LEU D 194 -25.63 18.40 -10.36
CA LEU D 194 -26.12 18.71 -9.00
C LEU D 194 -26.90 20.01 -8.88
N GLN D 195 -26.51 21.03 -9.65
CA GLN D 195 -27.17 22.29 -9.50
C GLN D 195 -28.63 22.13 -9.89
N LYS D 196 -28.92 21.22 -10.81
CA LYS D 196 -30.29 21.09 -11.36
C LYS D 196 -31.14 20.10 -10.56
N ILE D 197 -30.51 19.35 -9.66
CA ILE D 197 -31.27 18.31 -8.96
C ILE D 197 -32.47 18.84 -8.15
N PRO D 198 -32.32 19.93 -7.37
CA PRO D 198 -33.49 20.36 -6.64
C PRO D 198 -34.73 20.69 -7.50
N GLU D 199 -34.55 21.40 -8.63
CA GLU D 199 -35.68 21.69 -9.53
C GLU D 199 -36.18 20.43 -10.24
N GLN D 200 -35.27 19.50 -10.54
CA GLN D 200 -35.69 18.20 -11.05
C GLN D 200 -36.47 17.34 -10.05
N ILE D 201 -36.09 17.39 -8.78
CA ILE D 201 -36.90 16.71 -7.76
C ILE D 201 -38.32 17.32 -7.72
N LYS D 202 -38.43 18.65 -7.77
CA LYS D 202 -39.78 19.27 -7.92
C LYS D 202 -40.56 18.68 -9.10
N GLN D 203 -39.91 18.54 -10.24
CA GLN D 203 -40.57 17.96 -11.42
C GLN D 203 -41.03 16.54 -11.13
N VAL D 204 -40.17 15.72 -10.51
CA VAL D 204 -40.54 14.33 -10.27
C VAL D 204 -41.72 14.22 -9.30
N LEU D 205 -41.78 15.10 -8.31
CA LEU D 205 -42.91 15.08 -7.34
C LEU D 205 -44.26 15.26 -8.01
N LYS D 206 -44.24 15.85 -9.21
CA LYS D 206 -45.45 15.98 -10.06
C LYS D 206 -46.03 14.65 -10.53
N LEU D 207 -45.28 13.55 -10.37
CA LEU D 207 -45.81 12.21 -10.60
C LEU D 207 -46.80 11.77 -9.54
N GLU D 208 -46.99 12.52 -8.45
CA GLU D 208 -47.73 11.98 -7.33
C GLU D 208 -49.16 11.52 -7.74
N ASN D 209 -49.84 12.32 -8.58
CA ASN D 209 -51.23 11.94 -8.97
C ASN D 209 -51.25 10.65 -9.76
N LYS D 210 -50.34 10.50 -10.72
CA LYS D 210 -50.24 9.23 -11.43
C LYS D 210 -49.94 8.09 -10.46
N ILE D 211 -49.11 8.35 -9.46
CA ILE D 211 -48.73 7.33 -8.47
C ILE D 211 -49.96 7.02 -7.59
N LYS D 212 -50.72 8.05 -7.22
CA LYS D 212 -51.98 7.83 -6.46
C LYS D 212 -52.98 6.94 -7.22
N ASP D 213 -53.09 7.15 -8.54
CA ASP D 213 -54.00 6.37 -9.40
C ASP D 213 -53.55 4.90 -9.40
N LEU D 214 -52.25 4.69 -9.55
CA LEU D 214 -51.66 3.37 -9.44
C LEU D 214 -51.88 2.68 -8.11
N CYS D 215 -51.72 3.39 -7.01
CA CYS D 215 -51.91 2.81 -5.69
C CYS D 215 -53.40 2.65 -5.33
N ASN D 216 -54.28 3.34 -6.05
CA ASN D 216 -55.74 3.07 -5.88
C ASN D 216 -56.15 1.75 -6.55
N SER D 217 -55.37 1.31 -7.53
CA SER D 217 -55.67 0.08 -8.29
C SER D 217 -55.47 -1.16 -7.42
N SER D 218 -55.73 -2.33 -8.01
CA SER D 218 -55.49 -3.61 -7.33
C SER D 218 -54.00 -3.88 -7.01
N LEU D 219 -53.09 -3.02 -7.51
CA LEU D 219 -51.74 -2.99 -6.96
C LEU D 219 -51.74 -2.99 -5.42
N ASN D 220 -52.68 -2.29 -4.82
CA ASN D 220 -52.70 -2.20 -3.37
C ASN D 220 -53.14 -3.48 -2.62
N ASP D 221 -53.59 -4.52 -3.30
CA ASP D 221 -53.92 -5.77 -2.59
C ASP D 221 -52.96 -6.89 -2.92
N GLN D 222 -51.81 -6.54 -3.46
CA GLN D 222 -50.85 -7.53 -3.88
C GLN D 222 -50.10 -8.05 -2.65
N LYS D 223 -49.62 -9.28 -2.71
CA LYS D 223 -48.89 -9.76 -1.56
C LYS D 223 -47.40 -9.47 -1.69
N SER D 224 -46.93 -9.27 -2.93
CA SER D 224 -45.52 -8.91 -3.12
C SER D 224 -45.24 -8.08 -4.38
N LEU D 225 -44.14 -7.33 -4.35
CA LEU D 225 -43.82 -6.48 -5.46
C LEU D 225 -42.31 -6.60 -5.68
N LEU D 226 -41.91 -6.95 -6.91
CA LEU D 226 -40.49 -7.12 -7.20
C LEU D 226 -39.98 -5.87 -7.93
N LEU D 227 -38.73 -5.52 -7.66
CA LEU D 227 -38.16 -4.35 -8.28
C LEU D 227 -36.91 -4.79 -8.98
N LEU D 228 -36.82 -4.51 -10.28
CA LEU D 228 -35.67 -4.97 -11.09
C LEU D 228 -34.74 -3.80 -11.44
N GLY D 229 -33.45 -3.94 -11.15
CA GLY D 229 -32.49 -2.86 -11.44
C GLY D 229 -31.08 -3.44 -11.51
N ARG D 230 -30.20 -2.68 -12.13
CA ARG D 230 -28.82 -3.10 -12.33
C ARG D 230 -27.98 -1.81 -12.34
N GLY D 231 -26.68 -1.96 -12.12
CA GLY D 231 -25.75 -0.83 -12.17
C GLY D 231 -26.09 0.16 -11.08
N TYR D 232 -26.15 1.43 -11.48
CA TYR D 232 -26.39 2.51 -10.55
C TYR D 232 -27.78 2.32 -9.90
N GLN D 233 -28.71 1.69 -10.64
CA GLN D 233 -30.10 1.59 -10.15
C GLN D 233 -30.35 0.33 -9.29
N PHE D 234 -29.33 -0.49 -9.05
CA PHE D 234 -29.60 -1.61 -8.13
C PHE D 234 -29.83 -1.11 -6.72
N ALA D 235 -29.05 -0.12 -6.26
CA ALA D 235 -29.28 0.45 -4.89
C ALA D 235 -30.72 1.00 -4.81
N THR D 236 -31.18 1.62 -5.90
CA THR D 236 -32.55 2.15 -5.91
C THR D 236 -33.56 1.04 -5.76
N ALA D 237 -33.30 -0.11 -6.39
CA ALA D 237 -34.21 -1.28 -6.27
C ALA D 237 -34.24 -1.81 -4.80
N LEU D 238 -33.09 -1.92 -4.18
CA LEU D 238 -33.00 -2.37 -2.80
C LEU D 238 -33.69 -1.41 -1.85
N GLU D 239 -33.53 -0.11 -2.10
CA GLU D 239 -34.13 0.90 -1.24
C GLU D 239 -35.66 0.93 -1.46
N GLY D 240 -36.10 0.79 -2.70
CA GLY D 240 -37.56 0.69 -2.96
C GLY D 240 -38.15 -0.49 -2.20
N ALA D 241 -37.44 -1.61 -2.25
CA ALA D 241 -37.97 -2.79 -1.60
C ALA D 241 -38.01 -2.64 -0.10
N LEU D 242 -37.01 -1.99 0.49
CA LEU D 242 -37.03 -1.72 1.93
C LEU D 242 -38.21 -0.83 2.28
N LYS D 243 -38.49 0.17 1.46
CA LYS D 243 -39.54 1.12 1.75
C LYS D 243 -40.90 0.38 1.65
N ILE D 244 -41.08 -0.42 0.62
CA ILE D 244 -42.33 -1.13 0.44
C ILE D 244 -42.64 -2.09 1.64
N LYS D 245 -41.61 -2.81 2.12
CA LYS D 245 -41.75 -3.69 3.29
C LYS D 245 -42.02 -2.93 4.56
N GLU D 246 -41.23 -1.88 4.81
CA GLU D 246 -41.21 -1.14 6.06
CA GLU D 246 -41.26 -1.19 6.08
C GLU D 246 -42.43 -0.23 6.22
N ILE D 247 -42.83 0.39 5.10
CA ILE D 247 -43.91 1.39 5.10
C ILE D 247 -45.26 0.76 4.72
N SER D 248 -45.27 0.09 3.57
CA SER D 248 -46.50 -0.47 3.01
C SER D 248 -46.91 -1.82 3.57
N TYR D 249 -46.03 -2.44 4.35
CA TYR D 249 -46.21 -3.83 4.87
C TYR D 249 -46.55 -4.79 3.74
N MET D 250 -45.81 -4.69 2.66
CA MET D 250 -46.04 -5.57 1.57
C MET D 250 -44.67 -6.19 1.32
N HIS D 251 -44.62 -7.49 1.05
CA HIS D 251 -43.33 -8.08 0.73
C HIS D 251 -42.76 -7.47 -0.55
N SER D 252 -41.46 -7.23 -0.56
CA SER D 252 -40.83 -6.74 -1.80
C SER D 252 -39.42 -7.26 -1.84
N GLU D 253 -38.83 -7.38 -3.03
CA GLU D 253 -37.42 -7.77 -3.14
C GLU D 253 -36.82 -6.97 -4.27
N GLY D 254 -35.61 -6.43 -4.05
CA GLY D 254 -34.88 -5.78 -5.14
C GLY D 254 -34.00 -6.85 -5.78
N VAL D 255 -34.13 -7.00 -7.09
CA VAL D 255 -33.54 -8.09 -7.86
C VAL D 255 -32.57 -7.52 -8.89
N LEU D 256 -31.37 -8.11 -8.98
CA LEU D 256 -30.43 -7.70 -10.02
C LEU D 256 -30.99 -8.23 -11.34
N ALA D 257 -31.47 -7.30 -12.17
CA ALA D 257 -32.24 -7.66 -13.34
C ALA D 257 -31.54 -8.57 -14.34
N GLY D 258 -32.15 -9.71 -14.67
CA GLY D 258 -31.65 -10.58 -15.71
C GLY D 258 -30.52 -11.49 -15.26
N GLU D 259 -30.23 -11.49 -13.96
CA GLU D 259 -29.05 -12.21 -13.49
C GLU D 259 -29.26 -13.70 -13.60
N LEU D 260 -30.44 -14.17 -13.17
CA LEU D 260 -30.83 -15.55 -13.43
C LEU D 260 -31.77 -15.66 -14.65
N LEU D 272 -48.12 -11.01 -10.42
CA LEU D 272 -47.48 -10.16 -9.39
C LEU D 272 -46.80 -8.93 -10.04
N PRO D 273 -46.87 -7.78 -9.36
CA PRO D 273 -46.43 -6.53 -9.96
C PRO D 273 -44.91 -6.41 -9.94
N ILE D 274 -44.38 -5.73 -10.96
CA ILE D 274 -42.93 -5.57 -11.10
C ILE D 274 -42.71 -4.13 -11.44
N ILE D 275 -41.71 -3.52 -10.80
CA ILE D 275 -41.21 -2.16 -11.10
C ILE D 275 -39.80 -2.36 -11.66
N ALA D 276 -39.53 -1.80 -12.84
CA ALA D 276 -38.23 -1.99 -13.44
C ALA D 276 -37.61 -0.60 -13.64
N PHE D 277 -36.32 -0.47 -13.34
CA PHE D 277 -35.63 0.82 -13.55
C PHE D 277 -34.99 0.75 -14.92
N ALA D 278 -35.43 1.60 -15.83
CA ALA D 278 -34.96 1.54 -17.19
C ALA D 278 -34.50 2.93 -17.66
N THR D 279 -34.04 3.75 -16.72
CA THR D 279 -33.42 5.04 -17.08
C THR D 279 -32.10 4.75 -17.81
N ARG D 280 -31.63 5.69 -18.64
CA ARG D 280 -30.54 5.42 -19.57
C ARG D 280 -29.21 5.01 -18.91
N ASP D 281 -28.97 5.54 -17.72
CA ASP D 281 -27.75 5.26 -16.96
C ASP D 281 -27.61 3.76 -16.67
N SER D 282 -28.75 3.06 -16.56
CA SER D 282 -28.75 1.67 -16.14
C SER D 282 -29.58 0.82 -17.07
N LEU D 283 -29.68 1.22 -18.35
CA LEU D 283 -30.43 0.44 -19.36
C LEU D 283 -29.54 -0.61 -20.06
N PHE D 284 -29.26 -1.71 -19.36
CA PHE D 284 -28.34 -2.73 -19.80
C PHE D 284 -29.10 -3.74 -20.63
N PRO D 285 -28.39 -4.44 -21.53
CA PRO D 285 -29.03 -5.56 -22.22
C PRO D 285 -29.79 -6.49 -21.26
N LYS D 286 -29.26 -6.80 -20.08
CA LYS D 286 -29.96 -7.75 -19.16
C LYS D 286 -31.24 -7.13 -18.57
N VAL D 287 -31.29 -5.81 -18.48
CA VAL D 287 -32.54 -5.13 -18.04
C VAL D 287 -33.61 -5.29 -19.15
N MET D 288 -33.22 -5.02 -20.39
CA MET D 288 -34.14 -5.17 -21.51
C MET D 288 -34.64 -6.60 -21.58
N SER D 289 -33.78 -7.59 -21.40
CA SER D 289 -34.27 -8.95 -21.58
C SER D 289 -35.11 -9.40 -20.42
N ALA D 290 -34.88 -8.84 -19.23
CA ALA D 290 -35.72 -9.14 -18.08
C ALA D 290 -37.09 -8.55 -18.31
N ILE D 291 -37.14 -7.31 -18.79
CA ILE D 291 -38.41 -6.67 -19.11
C ILE D 291 -39.17 -7.47 -20.16
N GLU D 292 -38.46 -7.88 -21.21
CA GLU D 292 -39.02 -8.67 -22.30
C GLU D 292 -39.59 -9.99 -21.78
N GLN D 293 -38.96 -10.58 -20.76
CA GLN D 293 -39.53 -11.80 -20.16
C GLN D 293 -40.89 -11.55 -19.53
N VAL D 294 -41.06 -10.39 -18.90
CA VAL D 294 -42.31 -10.05 -18.24
C VAL D 294 -43.37 -9.77 -19.30
N THR D 295 -42.98 -9.06 -20.36
CA THR D 295 -43.98 -8.67 -21.38
C THR D 295 -44.36 -9.86 -22.27
N ALA D 296 -43.50 -10.89 -22.30
CA ALA D 296 -43.75 -12.17 -23.01
C ALA D 296 -44.88 -12.98 -22.40
N ARG D 297 -45.11 -12.72 -21.13
CA ARG D 297 -46.11 -13.38 -20.31
C ARG D 297 -47.20 -12.34 -20.01
N ASP D 298 -47.18 -11.25 -20.77
CA ASP D 298 -48.10 -10.11 -20.59
C ASP D 298 -48.26 -9.67 -19.12
N GLY D 299 -47.09 -9.55 -18.46
CA GLY D 299 -47.00 -9.17 -17.04
C GLY D 299 -47.29 -7.74 -16.57
N ARG D 300 -47.52 -6.80 -17.49
CA ARG D 300 -47.90 -5.41 -17.12
C ARG D 300 -46.95 -4.71 -16.13
N PRO D 301 -45.67 -4.61 -16.52
CA PRO D 301 -44.70 -3.99 -15.62
C PRO D 301 -44.91 -2.48 -15.45
N ILE D 302 -44.40 -1.94 -14.35
CA ILE D 302 -44.36 -0.51 -14.11
C ILE D 302 -42.92 -0.11 -14.40
N VAL D 303 -42.71 0.80 -15.34
CA VAL D 303 -41.37 1.11 -15.83
C VAL D 303 -41.02 2.54 -15.44
N ILE D 304 -39.92 2.72 -14.72
CA ILE D 304 -39.40 4.04 -14.45
C ILE D 304 -38.31 4.28 -15.52
N CYS D 305 -38.50 5.34 -16.32
CA CYS D 305 -37.59 5.62 -17.40
C CYS D 305 -37.54 7.12 -17.59
N ASN D 306 -36.67 7.55 -18.49
CA ASN D 306 -36.45 8.97 -18.72
C ASN D 306 -37.54 9.48 -19.65
N GLU D 307 -37.90 10.74 -19.46
CA GLU D 307 -38.90 11.42 -20.25
C GLU D 307 -38.65 11.15 -21.72
N GLY D 308 -39.68 10.65 -22.39
CA GLY D 308 -39.62 10.45 -23.80
C GLY D 308 -39.12 9.11 -24.32
N ASP D 309 -38.67 8.21 -23.44
CA ASP D 309 -38.12 6.94 -23.91
C ASP D 309 -39.23 5.90 -23.90
N ALA D 310 -39.47 5.25 -25.04
CA ALA D 310 -40.39 4.11 -25.13
C ALA D 310 -39.65 2.79 -24.87
N ILE D 311 -39.67 2.36 -23.61
CA ILE D 311 -38.98 1.14 -23.25
C ILE D 311 -39.77 -0.08 -23.75
N ILE D 312 -41.09 0.01 -23.67
CA ILE D 312 -42.00 -1.09 -24.06
C ILE D 312 -42.93 -0.51 -25.12
N SER D 313 -43.19 -1.26 -26.18
CA SER D 313 -44.13 -0.72 -27.19
C SER D 313 -45.59 -0.81 -26.67
N ASN D 314 -46.53 -0.17 -27.38
CA ASN D 314 -47.88 -0.13 -26.87
C ASN D 314 -48.70 -1.38 -27.15
N ASP D 315 -48.06 -2.37 -27.76
CA ASP D 315 -48.75 -3.65 -27.97
C ASP D 315 -48.56 -4.57 -26.73
N LYS D 316 -47.96 -4.01 -25.69
CA LYS D 316 -47.90 -4.62 -24.35
C LYS D 316 -48.44 -3.63 -23.34
N VAL D 317 -49.32 -4.09 -22.47
CA VAL D 317 -49.84 -3.23 -21.40
C VAL D 317 -48.68 -3.00 -20.41
N HIS D 318 -48.45 -1.73 -20.08
CA HIS D 318 -47.43 -1.35 -19.09
C HIS D 318 -47.79 0.02 -18.52
N THR D 319 -47.26 0.35 -17.34
CA THR D 319 -47.41 1.69 -16.75
C THR D 319 -46.04 2.33 -16.88
N THR D 320 -45.97 3.62 -17.18
CA THR D 320 -44.67 4.31 -17.28
C THR D 320 -44.60 5.43 -16.24
N LEU D 321 -43.46 5.62 -15.59
CA LEU D 321 -43.29 6.72 -14.69
C LEU D 321 -42.05 7.41 -15.18
N GLU D 322 -42.25 8.52 -15.86
CA GLU D 322 -41.13 9.19 -16.53
C GLU D 322 -40.47 10.17 -15.59
N VAL D 323 -39.14 10.20 -15.60
CA VAL D 323 -38.38 11.13 -14.77
C VAL D 323 -37.33 11.88 -15.59
N PRO D 324 -36.93 13.10 -15.18
CA PRO D 324 -35.90 13.80 -15.96
C PRO D 324 -34.59 13.03 -16.09
N GLU D 325 -33.88 13.17 -17.21
CA GLU D 325 -32.54 12.57 -17.30
C GLU D 325 -31.55 13.50 -16.63
N THR D 326 -30.72 12.93 -15.77
CA THR D 326 -29.63 13.68 -15.15
C THR D 326 -28.33 12.97 -15.48
N VAL D 327 -27.21 13.43 -14.91
CA VAL D 327 -25.93 12.76 -15.03
C VAL D 327 -26.06 11.34 -14.47
N ASP D 328 -25.49 10.37 -15.16
CA ASP D 328 -25.72 8.95 -14.80
C ASP D 328 -25.65 8.66 -13.30
N CYS D 329 -24.61 9.13 -12.61
CA CYS D 329 -24.41 8.79 -11.18
C CYS D 329 -25.32 9.58 -10.26
N LEU D 330 -26.11 10.51 -10.79
CA LEU D 330 -27.11 11.24 -10.02
C LEU D 330 -28.54 10.74 -10.27
N GLN D 331 -28.74 9.85 -11.24
CA GLN D 331 -30.10 9.43 -11.62
C GLN D 331 -30.88 8.82 -10.46
N GLY D 332 -30.16 8.12 -9.57
CA GLY D 332 -30.78 7.50 -8.43
C GLY D 332 -31.45 8.47 -7.47
N LEU D 333 -30.99 9.75 -7.46
CA LEU D 333 -31.61 10.81 -6.66
C LEU D 333 -33.04 11.09 -7.07
N LEU D 334 -33.28 11.00 -8.37
CA LEU D 334 -34.61 11.20 -8.94
C LEU D 334 -35.39 9.89 -8.95
N ASN D 335 -34.73 8.76 -9.25
CA ASN D 335 -35.44 7.47 -9.41
C ASN D 335 -36.06 6.97 -8.12
N VAL D 336 -35.44 7.37 -7.00
CA VAL D 336 -35.94 6.92 -5.72
C VAL D 336 -37.25 7.60 -5.36
N ILE D 337 -37.47 8.82 -5.84
CA ILE D 337 -38.65 9.61 -5.40
C ILE D 337 -39.99 8.89 -5.69
N PRO D 338 -40.19 8.35 -6.90
CA PRO D 338 -41.44 7.62 -7.14
C PRO D 338 -41.61 6.43 -6.22
N LEU D 339 -40.52 5.76 -5.85
CA LEU D 339 -40.62 4.67 -4.87
C LEU D 339 -41.00 5.14 -3.50
N GLN D 340 -40.46 6.28 -3.05
CA GLN D 340 -40.89 6.82 -1.78
C GLN D 340 -42.41 7.09 -1.80
N LEU D 341 -42.87 7.76 -2.86
CA LEU D 341 -44.30 8.06 -3.08
C LEU D 341 -45.18 6.81 -3.18
N ILE D 342 -44.73 5.80 -3.92
CA ILE D 342 -45.48 4.50 -4.00
C ILE D 342 -45.60 3.87 -2.65
N SER D 343 -44.49 3.82 -1.90
CA SER D 343 -44.53 3.17 -0.60
C SER D 343 -45.52 3.91 0.32
N TYR D 344 -45.53 5.23 0.23
CA TYR D 344 -46.39 6.06 1.06
C TYR D 344 -47.90 5.84 0.68
N TRP D 345 -48.23 6.04 -0.60
CA TRP D 345 -49.62 5.85 -1.04
C TRP D 345 -50.13 4.44 -0.91
N LEU D 346 -49.28 3.43 -1.09
CA LEU D 346 -49.71 2.04 -0.82
C LEU D 346 -50.15 1.87 0.65
N ALA D 347 -49.36 2.41 1.56
CA ALA D 347 -49.67 2.33 2.96
C ALA D 347 -51.02 3.03 3.26
N VAL D 348 -51.21 4.23 2.72
CA VAL D 348 -52.44 5.01 2.94
C VAL D 348 -53.66 4.24 2.42
N ASN D 349 -53.53 3.64 1.25
CA ASN D 349 -54.63 2.87 0.69
C ASN D 349 -54.91 1.61 1.51
N ARG D 350 -53.89 1.09 2.19
CA ARG D 350 -53.98 -0.09 3.03
C ARG D 350 -54.35 0.22 4.50
N GLY D 351 -54.69 1.47 4.78
CA GLY D 351 -55.08 1.90 6.13
C GLY D 351 -53.94 2.01 7.13
N ILE D 352 -52.71 2.18 6.65
CA ILE D 352 -51.55 2.19 7.54
C ILE D 352 -51.18 3.63 7.92
N ASP D 353 -51.00 3.87 9.22
CA ASP D 353 -50.51 5.17 9.65
C ASP D 353 -49.02 5.13 9.54
N VAL D 354 -48.48 5.79 8.51
CA VAL D 354 -47.04 5.69 8.23
C VAL D 354 -46.14 6.44 9.24
N ASP D 355 -46.77 7.28 10.06
CA ASP D 355 -46.06 8.04 11.10
C ASP D 355 -46.09 7.27 12.42
#